data_8YSZ
#
_entry.id   8YSZ
#
loop_
_entity.id
_entity.type
_entity.pdbx_description
1 polymer 'Insulin-like growth factor II'
2 polymer 'Isoform Short of Insulin receptor'
#
loop_
_entity_poly.entity_id
_entity_poly.type
_entity_poly.pdbx_seq_one_letter_code
_entity_poly.pdbx_strand_id
1 'polypeptide(L)'
;MGIPMGKSMLVLLTFLAFASCCIAAYRPSETLCGGELVDTLQFVCGDRGFYFSRPASRVSRRSRGIVEECCFRSCDLALL
ETYCATPAKSERDVSTPPTVLPDNFPRYPVGKFFQYDTWKQSTQRLRRGLPALLRARRGHVLAKELEAFREAKRHRPLIA
LPTQDPAHGGAPPEMASNRK
;
D,C,E
2 'polypeptide(L)'
;MATGGRRGAAAAPLLVAVAALLLGAAGHLYPGEVCPGMDIRNNLTRLHELENCSVIEGHLQILLMFKTRPEDFRDLSFPK
LIMITDYLLLFRVYGLESLKDLFPNLTVIRGSRLFFNYALVIFEMVHLKELGLYNLMNITRGSVRIEKNNELCYLATIDW
SRILDSVEDNYIVLNKDDNEECGDICPGTAKGKTNCPATVINGQFVERCWTHSHCQKVCPTICKSHGCTAEGLCCHSECL
GNCSQPDDPTKCVACRNFYLDGRCVETCPPPYYHFQDWRCVNFSFCQDLHHKCKNSRRQGCHQYVIHNNKCIPECPSGYT
MNSSNLLCTPCLGPCPKVCHLLEGEKTIDSVTSAQELRGCTVINGSLIINIRGGNNLAAELEANLGLIEEISGYLKIRRS
YALVSLSFFRKLRLIRGETLEIGNYSFYALDNQNLRQLWDWSKHNLTITQGKLFFHYNPKLCLSEIHKMEEVSGTKGRQE
RNDIALKTNGDQASCENELLKFSYIRTSFDKILLRWEPYWPPDFRDLLGFMLFYKEAPYQNVTEFDGQDACGSNSWTVVD
IDPPLRSNDPKSQNHPGWLMRGLKPWTQYAIFVKTLVTFSDERRTYGAKSDIIYVQTDATNPSVPLDPISVSNSSSQIIL
KWKPPSDPNGNITHYLVFWERQAEDSELFELDYCLKGLKLPSRTWSPPFESEDSQKHNQSEYEDSAGECCSCPKTDSQIL
KELEESSFRKTFEDYLHNVVFVPRPSRKRRSLGDVGNVTVAVPTVAAFPNTSSTSVPTSPEEHRPFEKVVNKESLVISGL
RHFTGYRIELQACNQDTPEERCSVAAYVSARTMPEAKADDIVGPVTHEIFENNVVHLMWQEPKEPNGLIVLYEVSYRRYG
DEELHLCVSRKHFALERGCRLRGLSPGNYSVRIRATSLAGNGSWTEPTYFYVTDYLDVPSNIAKIIIGPLIFVFLFSVVI
GSIYLFLRKRQPDGPLGPLYASSNPEYLSASDVFPCSVYVPDEWEVSREKITLLRELGQGSFGMVYEGNARDIIKGEAET
RVAVKTVNESASLRERIEFLNEASVMKGFTCHHVVRLLGVVSKGQPTLVVMELMAHGDLKSYLRSLRPEAENNPGRPPPT
LQEMIQMAAEIADGMAYLNAKKFVHRDLAARNCMVAHDFTVKIGDFGMTRDIYETDYYRKGGKGLLPVRWMAPESLKDGV
FTTSSDMWSFGVVLWEITSLAEQPYQGLSNEQVLKFVMDGGYLDQPDNCPERVTDLMRMCWQFNPKMRPTFLEIVNLLKD
DLHPSFPEVSFFHSEENKAPESEELEMEFEDMENVPLDRSSHCQREEAGGRDGGSSLGFKRSYEEHIPYTHMNGGKKNGR
ILTLPRSNPS
;
A,B
#
# COMPACT_ATOMS: atom_id res chain seq x y z
N CYS A 33 -20.47 -7.78 -7.83
CA CYS A 33 -21.66 -8.66 -7.69
C CYS A 33 -22.71 -8.00 -6.80
N GLY A 34 -23.84 -8.68 -6.62
CA GLY A 34 -24.94 -8.08 -5.87
C GLY A 34 -25.80 -7.21 -6.76
N GLY A 35 -26.63 -6.39 -6.13
CA GLY A 35 -27.53 -5.50 -6.84
C GLY A 35 -26.87 -4.72 -7.96
N GLU A 36 -25.55 -4.61 -7.91
CA GLU A 36 -24.83 -3.87 -8.94
C GLU A 36 -25.16 -4.40 -10.34
N LEU A 37 -25.16 -5.73 -10.50
CA LEU A 37 -25.25 -6.30 -11.83
C LEU A 37 -26.51 -5.85 -12.56
N VAL A 38 -27.53 -5.43 -11.83
CA VAL A 38 -28.76 -4.93 -12.42
C VAL A 38 -28.82 -3.41 -12.41
N ASP A 39 -28.43 -2.77 -11.29
CA ASP A 39 -28.59 -1.32 -11.21
C ASP A 39 -27.62 -0.60 -12.13
N THR A 40 -26.35 -0.98 -12.14
CA THR A 40 -25.42 -0.34 -13.08
C THR A 40 -25.79 -0.65 -14.51
N LEU A 41 -26.26 -1.88 -14.78
CA LEU A 41 -26.69 -2.22 -16.13
C LEU A 41 -27.83 -1.31 -16.57
N GLN A 42 -28.79 -1.06 -15.69
CA GLN A 42 -29.84 -0.09 -16.01
C GLN A 42 -29.26 1.30 -16.23
N PHE A 43 -28.35 1.72 -15.36
CA PHE A 43 -27.86 3.10 -15.41
C PHE A 43 -27.09 3.39 -16.70
N VAL A 44 -26.25 2.45 -17.14
CA VAL A 44 -25.35 2.73 -18.25
C VAL A 44 -26.03 2.58 -19.61
N CYS A 45 -26.86 1.56 -19.78
CA CYS A 45 -27.50 1.30 -21.06
C CYS A 45 -29.01 1.07 -20.95
N GLY A 46 -29.68 1.76 -20.03
CA GLY A 46 -31.11 1.57 -19.89
C GLY A 46 -31.88 1.85 -21.17
N ASP A 47 -31.32 2.71 -22.03
CA ASP A 47 -31.99 3.06 -23.27
C ASP A 47 -31.55 2.21 -24.47
N ARG A 48 -30.72 1.18 -24.24
CA ARG A 48 -30.32 0.27 -25.30
C ARG A 48 -30.78 -1.18 -25.09
N GLY A 49 -31.24 -1.54 -23.89
CA GLY A 49 -31.60 -2.90 -23.60
C GLY A 49 -30.40 -3.73 -23.18
N PHE A 50 -30.63 -4.94 -22.66
CA PHE A 50 -29.56 -5.77 -22.14
C PHE A 50 -29.46 -7.09 -22.91
N TYR A 51 -28.25 -7.63 -22.97
CA TYR A 51 -28.02 -8.98 -23.47
C TYR A 51 -26.79 -9.54 -22.75
N PHE A 52 -26.97 -10.65 -22.04
CA PHE A 52 -25.88 -11.26 -21.30
C PHE A 52 -26.21 -12.71 -20.96
N CYS A 75 -17.41 -4.87 -14.79
CA CYS A 75 -16.61 -4.40 -13.66
C CYS A 75 -16.15 -2.96 -13.87
N ASP A 76 -16.30 -2.46 -15.10
CA ASP A 76 -15.97 -1.08 -15.42
C ASP A 76 -16.76 -0.66 -16.64
N LEU A 77 -16.85 0.65 -16.86
CA LEU A 77 -17.63 1.18 -17.96
C LEU A 77 -17.20 0.55 -19.29
N ALA A 78 -15.90 0.59 -19.59
CA ALA A 78 -15.42 0.08 -20.87
C ALA A 78 -15.75 -1.39 -21.05
N LEU A 79 -15.86 -2.15 -19.95
CA LEU A 79 -16.12 -3.58 -20.05
C LEU A 79 -17.61 -3.86 -20.22
N LEU A 80 -18.43 -3.34 -19.31
CA LEU A 80 -19.84 -3.71 -19.28
C LEU A 80 -20.72 -2.80 -20.12
N GLU A 81 -20.16 -1.84 -20.86
CA GLU A 81 -20.96 -1.17 -21.88
C GLU A 81 -21.28 -2.11 -23.03
N THR A 82 -20.62 -3.26 -23.11
CA THR A 82 -20.87 -4.23 -24.16
C THR A 82 -22.15 -5.02 -23.93
N TYR A 83 -22.55 -5.23 -22.68
CA TYR A 83 -23.67 -6.11 -22.36
C TYR A 83 -24.98 -5.64 -22.96
N CYS A 84 -25.12 -4.37 -23.29
CA CYS A 84 -26.41 -3.87 -23.78
C CYS A 84 -26.56 -4.14 -25.26
N ALA A 85 -27.80 -4.28 -25.71
CA ALA A 85 -28.10 -4.88 -27.00
C ALA A 85 -28.24 -3.84 -28.11
N THR A 86 -27.56 -2.72 -27.97
CA THR A 86 -27.57 -1.66 -28.99
C THR A 86 -27.38 -2.23 -30.39
N GLY B 27 22.87 -41.38 -40.87
CA GLY B 27 23.28 -42.18 -39.69
C GLY B 27 22.12 -42.47 -38.76
N HIS B 28 22.36 -43.29 -37.74
CA HIS B 28 21.32 -43.64 -36.79
C HIS B 28 20.97 -42.52 -35.83
N LEU B 29 21.88 -41.56 -35.64
CA LEU B 29 21.58 -40.43 -34.77
C LEU B 29 20.79 -39.36 -35.51
N TYR B 30 21.37 -38.79 -36.56
CA TYR B 30 20.66 -37.85 -37.43
C TYR B 30 20.44 -38.50 -38.79
N PRO B 31 19.20 -38.86 -39.15
CA PRO B 31 19.00 -39.56 -40.43
C PRO B 31 19.01 -38.64 -41.63
N GLY B 32 18.59 -37.39 -41.44
CA GLY B 32 18.37 -36.47 -42.53
C GLY B 32 19.56 -35.57 -42.80
N GLU B 33 19.33 -34.62 -43.71
CA GLU B 33 20.35 -33.66 -44.09
C GLU B 33 20.41 -32.51 -43.08
N VAL B 34 21.36 -31.61 -43.31
CA VAL B 34 21.45 -30.35 -42.57
C VAL B 34 21.48 -29.22 -43.58
N CYS B 35 20.61 -28.23 -43.38
CA CYS B 35 20.41 -27.17 -44.35
C CYS B 35 20.52 -25.83 -43.65
N PRO B 36 20.83 -24.76 -44.37
CA PRO B 36 21.02 -23.46 -43.75
C PRO B 36 19.69 -22.85 -43.32
N GLY B 37 19.75 -21.61 -42.83
CA GLY B 37 18.56 -20.97 -42.32
C GLY B 37 17.52 -20.75 -43.40
N MET B 38 16.27 -20.69 -42.98
CA MET B 38 15.14 -20.55 -43.89
C MET B 38 14.31 -19.33 -43.52
N ASP B 39 13.57 -18.81 -44.49
CA ASP B 39 12.63 -17.70 -44.29
C ASP B 39 11.41 -17.97 -45.16
N ILE B 40 10.32 -18.37 -44.53
CA ILE B 40 9.09 -18.77 -45.23
C ILE B 40 8.10 -17.63 -45.11
N ARG B 41 7.60 -17.16 -46.24
CA ARG B 41 6.89 -15.88 -46.26
C ARG B 41 5.80 -15.87 -47.33
N ASN B 42 4.66 -15.29 -46.94
CA ASN B 42 3.57 -14.91 -47.84
C ASN B 42 2.72 -16.08 -48.33
N ASN B 43 3.18 -17.31 -48.13
CA ASN B 43 2.35 -18.49 -48.39
C ASN B 43 3.17 -19.72 -48.01
N LEU B 44 2.45 -20.77 -47.58
CA LEU B 44 3.14 -21.96 -47.11
C LEU B 44 3.64 -22.85 -48.24
N THR B 45 3.52 -22.42 -49.49
CA THR B 45 3.99 -23.27 -50.59
C THR B 45 5.49 -23.53 -50.48
N ARG B 46 6.29 -22.50 -50.18
CA ARG B 46 7.71 -22.68 -50.00
C ARG B 46 8.06 -23.40 -48.71
N LEU B 47 7.08 -23.62 -47.82
CA LEU B 47 7.35 -24.36 -46.60
C LEU B 47 7.82 -25.78 -46.87
N HIS B 48 7.76 -26.24 -48.12
CA HIS B 48 8.26 -27.56 -48.47
C HIS B 48 9.77 -27.55 -48.59
N GLU B 49 10.45 -27.21 -47.52
CA GLU B 49 11.91 -27.31 -47.43
C GLU B 49 12.35 -28.08 -46.19
N LEU B 50 11.54 -28.07 -45.14
CA LEU B 50 11.83 -28.81 -43.91
C LEU B 50 11.52 -30.30 -44.04
N GLU B 51 11.06 -30.75 -45.21
CA GLU B 51 10.67 -32.14 -45.36
C GLU B 51 11.81 -33.09 -45.06
N ASN B 52 13.04 -32.72 -45.41
CA ASN B 52 14.17 -33.64 -45.34
C ASN B 52 15.29 -33.21 -44.40
N CYS B 53 15.21 -32.03 -43.78
CA CYS B 53 16.28 -31.57 -42.91
C CYS B 53 16.07 -32.09 -41.48
N SER B 54 17.19 -32.39 -40.83
CA SER B 54 17.17 -32.77 -39.42
C SER B 54 17.85 -31.75 -38.53
N VAL B 55 18.75 -30.93 -39.07
CA VAL B 55 19.41 -29.87 -38.33
C VAL B 55 19.52 -28.66 -39.23
N ILE B 56 19.32 -27.48 -38.67
CA ILE B 56 19.39 -26.22 -39.41
C ILE B 56 20.57 -25.42 -38.87
N GLU B 57 21.56 -25.19 -39.73
CA GLU B 57 22.70 -24.37 -39.34
C GLU B 57 22.36 -22.90 -39.48
N GLY B 58 21.31 -22.47 -38.79
CA GLY B 58 20.87 -21.09 -38.90
C GLY B 58 19.55 -20.91 -38.20
N HIS B 59 18.85 -19.85 -38.58
CA HIS B 59 17.56 -19.54 -37.99
C HIS B 59 16.43 -20.02 -38.89
N LEU B 60 15.24 -20.13 -38.30
CA LEU B 60 14.04 -20.54 -39.01
C LEU B 60 12.95 -19.54 -38.72
N GLN B 61 12.62 -18.72 -39.72
CA GLN B 61 11.60 -17.68 -39.60
C GLN B 61 10.42 -18.03 -40.48
N ILE B 62 9.25 -18.12 -39.88
CA ILE B 62 8.00 -18.42 -40.58
C ILE B 62 7.02 -17.33 -40.21
N LEU B 63 6.66 -16.48 -41.17
CA LEU B 63 5.90 -15.28 -40.83
C LEU B 63 5.17 -14.74 -42.05
N LEU B 64 4.15 -13.92 -41.77
CA LEU B 64 3.47 -13.09 -42.77
C LEU B 64 2.89 -13.93 -43.90
N MET B 65 1.90 -14.74 -43.54
CA MET B 65 1.17 -15.56 -44.50
C MET B 65 -0.34 -15.45 -44.19
N PHE B 66 -0.81 -14.20 -44.12
CA PHE B 66 -2.14 -13.90 -43.60
C PHE B 66 -3.22 -14.85 -44.12
N LYS B 67 -3.30 -15.05 -45.42
CA LYS B 67 -4.45 -15.72 -46.00
C LYS B 67 -4.43 -17.23 -45.83
N THR B 68 -3.58 -17.76 -44.96
CA THR B 68 -3.58 -19.20 -44.67
C THR B 68 -4.58 -19.52 -43.58
N ARG B 69 -5.18 -20.70 -43.67
CA ARG B 69 -6.24 -21.14 -42.79
C ARG B 69 -5.89 -22.49 -42.20
N PRO B 70 -6.52 -22.85 -41.07
CA PRO B 70 -6.14 -24.11 -40.40
C PRO B 70 -6.21 -25.32 -41.31
N GLU B 71 -7.20 -25.37 -42.21
CA GLU B 71 -7.29 -26.49 -43.14
C GLU B 71 -6.00 -26.66 -43.93
N ASP B 72 -5.34 -25.56 -44.26
CA ASP B 72 -4.08 -25.65 -45.00
C ASP B 72 -3.01 -26.38 -44.22
N PHE B 73 -3.05 -26.28 -42.88
CA PHE B 73 -2.09 -26.95 -42.02
C PHE B 73 -2.61 -28.27 -41.49
N ARG B 74 -3.77 -28.72 -41.95
CA ARG B 74 -4.35 -29.97 -41.46
C ARG B 74 -3.55 -31.19 -41.90
N ASP B 75 -2.75 -31.08 -42.96
CA ASP B 75 -2.03 -32.24 -43.49
C ASP B 75 -0.60 -31.84 -43.84
N LEU B 76 0.04 -31.10 -42.94
CA LEU B 76 1.43 -30.69 -43.13
C LEU B 76 2.19 -30.92 -41.84
N SER B 77 3.36 -31.56 -41.95
CA SER B 77 4.16 -31.88 -40.78
C SER B 77 5.62 -31.99 -41.18
N PHE B 78 6.50 -31.92 -40.20
CA PHE B 78 7.95 -31.99 -40.40
C PHE B 78 8.55 -32.77 -39.22
N PRO B 79 8.53 -34.10 -39.29
CA PRO B 79 9.00 -34.88 -38.15
C PRO B 79 10.51 -35.05 -38.08
N LYS B 80 11.23 -34.87 -39.18
CA LYS B 80 12.66 -35.18 -39.18
C LYS B 80 13.51 -34.05 -38.59
N LEU B 81 12.95 -32.86 -38.41
CA LEU B 81 13.70 -31.76 -37.81
C LEU B 81 13.88 -32.03 -36.32
N ILE B 82 15.11 -31.91 -35.82
CA ILE B 82 15.42 -32.29 -34.45
C ILE B 82 16.15 -31.17 -33.71
N MET B 83 16.81 -30.27 -34.44
CA MET B 83 17.56 -29.22 -33.80
C MET B 83 17.63 -27.98 -34.69
N ILE B 84 17.62 -26.81 -34.05
CA ILE B 84 17.84 -25.53 -34.72
C ILE B 84 18.98 -24.84 -33.98
N THR B 85 20.06 -24.56 -34.70
CA THR B 85 21.24 -24.04 -34.03
C THR B 85 21.05 -22.62 -33.50
N ASP B 86 20.42 -21.73 -34.28
CA ASP B 86 20.37 -20.33 -33.87
C ASP B 86 19.10 -19.99 -33.10
N TYR B 87 17.93 -20.05 -33.73
CA TYR B 87 16.70 -19.67 -33.07
C TYR B 87 15.51 -19.94 -33.98
N LEU B 88 14.33 -19.90 -33.38
CA LEU B 88 13.07 -20.12 -34.08
C LEU B 88 12.16 -18.94 -33.83
N LEU B 89 11.57 -18.39 -34.89
CA LEU B 89 10.70 -17.23 -34.82
C LEU B 89 9.45 -17.49 -35.63
N LEU B 90 8.31 -17.06 -35.11
CA LEU B 90 7.04 -17.15 -35.82
C LEU B 90 6.25 -15.88 -35.57
N PHE B 91 5.80 -15.24 -36.64
CA PHE B 91 5.22 -13.90 -36.55
C PHE B 91 4.08 -13.78 -37.54
N ARG B 92 2.86 -13.64 -37.02
CA ARG B 92 1.67 -13.48 -37.84
C ARG B 92 1.56 -14.58 -38.90
N VAL B 93 1.66 -15.83 -38.46
CA VAL B 93 1.39 -16.96 -39.33
C VAL B 93 -0.07 -17.38 -39.13
N TYR B 94 -0.95 -16.80 -39.93
CA TYR B 94 -2.38 -17.03 -39.76
C TYR B 94 -2.73 -18.49 -40.03
N GLY B 95 -3.73 -18.98 -39.32
CA GLY B 95 -4.36 -20.24 -39.67
C GLY B 95 -3.95 -21.45 -38.84
N LEU B 96 -2.66 -21.60 -38.57
CA LEU B 96 -2.22 -22.77 -37.82
C LEU B 96 -2.60 -22.61 -36.35
N GLU B 97 -3.09 -23.69 -35.75
CA GLU B 97 -3.58 -23.65 -34.39
C GLU B 97 -2.55 -24.13 -33.37
N SER B 98 -1.62 -24.99 -33.78
CA SER B 98 -0.66 -25.54 -32.83
C SER B 98 0.55 -26.07 -33.58
N LEU B 99 1.69 -26.08 -32.88
CA LEU B 99 2.92 -26.63 -33.42
C LEU B 99 3.10 -28.11 -33.10
N LYS B 100 2.23 -28.69 -32.28
CA LYS B 100 2.39 -30.07 -31.86
C LYS B 100 2.40 -31.04 -33.03
N ASP B 101 1.85 -30.65 -34.18
CA ASP B 101 1.93 -31.45 -35.39
C ASP B 101 2.95 -30.94 -36.39
N LEU B 102 3.52 -29.75 -36.15
CA LEU B 102 4.45 -29.17 -37.12
C LEU B 102 5.89 -29.55 -36.80
N PHE B 103 6.27 -29.52 -35.53
CA PHE B 103 7.61 -29.85 -35.08
C PHE B 103 7.52 -30.86 -33.94
N PRO B 104 7.02 -32.06 -34.22
CA PRO B 104 6.92 -33.06 -33.15
C PRO B 104 8.25 -33.47 -32.56
N ASN B 105 9.34 -33.40 -33.33
CA ASN B 105 10.62 -33.95 -32.93
C ASN B 105 11.69 -32.90 -32.67
N LEU B 106 11.35 -31.60 -32.70
CA LEU B 106 12.33 -30.59 -32.35
C LEU B 106 12.76 -30.79 -30.90
N THR B 107 14.07 -30.79 -30.66
CA THR B 107 14.57 -31.16 -29.35
C THR B 107 15.51 -30.13 -28.73
N VAL B 108 16.36 -29.49 -29.53
CA VAL B 108 17.40 -28.62 -29.01
C VAL B 108 17.49 -27.36 -29.85
N ILE B 109 17.53 -26.22 -29.18
CA ILE B 109 17.80 -24.93 -29.81
C ILE B 109 19.06 -24.39 -29.16
N ARG B 110 20.18 -24.45 -29.87
CA ARG B 110 21.47 -24.14 -29.26
C ARG B 110 21.67 -22.64 -29.02
N GLY B 111 21.00 -21.79 -29.77
CA GLY B 111 21.14 -20.36 -29.53
C GLY B 111 22.53 -19.82 -29.73
N SER B 112 23.23 -20.29 -30.77
CA SER B 112 24.54 -19.71 -31.08
C SER B 112 24.42 -18.26 -31.51
N ARG B 113 23.39 -17.93 -32.30
CA ARG B 113 23.07 -16.56 -32.66
C ARG B 113 21.62 -16.29 -32.30
N LEU B 114 21.40 -15.20 -31.59
CA LEU B 114 20.11 -14.93 -30.97
C LEU B 114 19.38 -13.81 -31.68
N PHE B 115 18.07 -13.78 -31.48
CA PHE B 115 17.20 -12.71 -31.99
C PHE B 115 16.82 -11.82 -30.81
N PHE B 116 17.65 -10.84 -30.50
CA PHE B 116 17.40 -9.91 -29.41
C PHE B 116 17.30 -10.65 -28.08
N ASN B 117 18.38 -11.34 -27.72
CA ASN B 117 18.47 -12.07 -26.47
C ASN B 117 17.64 -13.36 -26.46
N TYR B 118 16.87 -13.60 -27.51
CA TYR B 118 15.89 -14.68 -27.50
C TYR B 118 16.22 -15.73 -28.55
N ALA B 119 16.07 -16.99 -28.16
CA ALA B 119 16.26 -18.11 -29.07
C ALA B 119 14.94 -18.71 -29.56
N LEU B 120 13.84 -18.47 -28.85
CA LEU B 120 12.52 -18.87 -29.29
C LEU B 120 11.58 -17.69 -29.14
N VAL B 121 10.91 -17.33 -30.22
CA VAL B 121 10.03 -16.17 -30.26
C VAL B 121 8.71 -16.58 -30.91
N ILE B 122 7.60 -16.22 -30.28
CA ILE B 122 6.27 -16.44 -30.83
C ILE B 122 5.52 -15.13 -30.63
N PHE B 123 5.23 -14.43 -31.73
CA PHE B 123 4.71 -13.07 -31.67
C PHE B 123 3.49 -12.94 -32.56
N GLU B 124 2.37 -12.51 -31.96
CA GLU B 124 1.15 -12.22 -32.71
C GLU B 124 0.75 -13.38 -33.61
N MET B 125 0.72 -14.58 -33.04
CA MET B 125 0.11 -15.75 -33.69
C MET B 125 -1.38 -15.69 -33.40
N VAL B 126 -2.15 -15.23 -34.38
CA VAL B 126 -3.54 -14.86 -34.13
C VAL B 126 -4.35 -16.06 -33.65
N HIS B 127 -4.28 -17.16 -34.39
CA HIS B 127 -5.14 -18.32 -34.11
C HIS B 127 -4.44 -19.43 -33.34
N LEU B 128 -3.19 -19.23 -32.94
CA LEU B 128 -2.47 -20.27 -32.21
C LEU B 128 -3.14 -20.52 -30.86
N LYS B 129 -3.28 -21.78 -30.49
CA LYS B 129 -3.99 -22.17 -29.28
C LYS B 129 -3.08 -22.79 -28.22
N GLU B 130 -2.29 -23.80 -28.58
CA GLU B 130 -1.33 -24.38 -27.64
C GLU B 130 -0.02 -24.60 -28.36
N LEU B 131 1.05 -24.62 -27.57
CA LEU B 131 2.40 -24.45 -28.09
C LEU B 131 3.01 -25.72 -28.68
N GLY B 132 2.55 -26.90 -28.26
CA GLY B 132 3.16 -28.12 -28.76
C GLY B 132 4.62 -28.21 -28.36
N LEU B 133 5.48 -28.59 -29.31
CA LEU B 133 6.91 -28.71 -29.06
C LEU B 133 7.21 -29.58 -27.84
N TYR B 134 6.46 -30.67 -27.68
CA TYR B 134 6.61 -31.48 -26.48
C TYR B 134 7.94 -32.21 -26.44
N ASN B 135 8.67 -32.26 -27.56
CA ASN B 135 9.97 -32.90 -27.57
C ASN B 135 11.11 -31.94 -27.26
N LEU B 136 10.84 -30.63 -27.12
CA LEU B 136 11.88 -29.69 -26.75
C LEU B 136 12.28 -29.92 -25.30
N MET B 137 13.58 -30.08 -25.06
CA MET B 137 14.07 -30.40 -23.73
C MET B 137 15.32 -29.64 -23.31
N ASN B 138 15.83 -28.73 -24.13
CA ASN B 138 16.98 -27.92 -23.72
C ASN B 138 17.17 -26.78 -24.71
N ILE B 139 17.29 -25.57 -24.18
CA ILE B 139 17.67 -24.40 -24.96
C ILE B 139 19.00 -23.92 -24.42
N THR B 140 20.07 -24.16 -25.17
CA THR B 140 21.42 -23.96 -24.66
C THR B 140 21.73 -22.52 -24.31
N ARG B 141 21.21 -21.55 -25.07
CA ARG B 141 21.58 -20.16 -24.88
C ARG B 141 20.38 -19.29 -25.19
N GLY B 142 20.40 -18.07 -24.66
CA GLY B 142 19.31 -17.15 -24.88
C GLY B 142 18.10 -17.46 -24.01
N SER B 143 17.02 -16.76 -24.30
CA SER B 143 15.78 -16.85 -23.54
C SER B 143 14.62 -17.11 -24.50
N VAL B 144 13.42 -17.08 -23.95
CA VAL B 144 12.19 -17.31 -24.71
C VAL B 144 11.27 -16.12 -24.51
N ARG B 145 10.63 -15.68 -25.59
CA ARG B 145 9.68 -14.56 -25.55
C ARG B 145 8.45 -14.93 -26.36
N ILE B 146 7.37 -15.31 -25.67
CA ILE B 146 6.10 -15.62 -26.29
C ILE B 146 5.14 -14.50 -25.88
N GLU B 147 4.69 -13.72 -26.85
CA GLU B 147 4.04 -12.45 -26.56
C GLU B 147 2.85 -12.21 -27.49
N LYS B 148 1.86 -11.50 -26.98
CA LYS B 148 0.72 -10.99 -27.75
C LYS B 148 0.08 -12.05 -28.64
N ASN B 149 -0.06 -13.28 -28.15
CA ASN B 149 -0.83 -14.30 -28.84
C ASN B 149 -2.24 -14.29 -28.26
N ASN B 150 -3.20 -13.81 -29.04
CA ASN B 150 -4.51 -13.48 -28.50
C ASN B 150 -5.36 -14.70 -28.16
N GLU B 151 -4.92 -15.91 -28.54
CA GLU B 151 -5.67 -17.12 -28.22
C GLU B 151 -4.77 -18.25 -27.75
N LEU B 152 -3.61 -17.94 -27.21
CA LEU B 152 -2.65 -18.98 -26.82
C LEU B 152 -2.79 -19.31 -25.35
N CYS B 153 -2.73 -20.59 -25.02
CA CYS B 153 -2.79 -21.07 -23.64
C CYS B 153 -1.80 -22.21 -23.51
N TYR B 154 -1.91 -22.97 -22.42
CA TYR B 154 -0.98 -24.05 -22.13
C TYR B 154 0.44 -23.51 -21.97
N LEU B 155 0.57 -22.36 -21.33
CA LEU B 155 1.87 -21.78 -20.99
C LEU B 155 2.25 -22.01 -19.53
N ALA B 156 1.29 -21.87 -18.61
CA ALA B 156 1.58 -22.16 -17.22
C ALA B 156 1.88 -23.64 -17.01
N THR B 157 1.49 -24.49 -17.97
CA THR B 157 1.70 -25.92 -17.88
C THR B 157 3.07 -26.35 -18.37
N ILE B 158 4.03 -25.44 -18.48
CA ILE B 158 5.38 -25.74 -18.95
C ILE B 158 6.37 -25.31 -17.88
N ASP B 159 7.30 -26.20 -17.55
CA ASP B 159 8.35 -25.91 -16.57
C ASP B 159 9.58 -25.45 -17.34
N TRP B 160 9.82 -24.14 -17.36
CA TRP B 160 10.94 -23.61 -18.12
C TRP B 160 12.27 -23.85 -17.42
N SER B 161 12.27 -24.08 -16.11
CA SER B 161 13.52 -24.32 -15.39
C SER B 161 14.26 -25.53 -15.93
N ARG B 162 13.54 -26.58 -16.31
CA ARG B 162 14.18 -27.74 -16.92
C ARG B 162 14.56 -27.49 -18.38
N ILE B 163 13.78 -26.68 -19.09
CA ILE B 163 14.02 -26.42 -20.50
C ILE B 163 15.23 -25.50 -20.69
N LEU B 164 15.28 -24.39 -19.97
CA LEU B 164 16.41 -23.49 -20.01
C LEU B 164 17.30 -23.77 -18.81
N ASP B 165 18.60 -23.91 -19.06
CA ASP B 165 19.54 -24.08 -17.96
C ASP B 165 19.56 -22.87 -17.05
N SER B 166 19.00 -21.74 -17.49
CA SER B 166 18.72 -20.60 -16.64
C SER B 166 17.32 -20.10 -16.95
N VAL B 167 16.50 -19.93 -15.91
CA VAL B 167 15.08 -19.67 -16.10
C VAL B 167 14.72 -18.19 -16.12
N GLU B 168 15.48 -17.34 -15.45
CA GLU B 168 15.16 -15.92 -15.45
C GLU B 168 15.34 -15.35 -16.85
N ASP B 169 14.95 -14.08 -17.00
CA ASP B 169 15.08 -13.35 -18.25
C ASP B 169 14.07 -13.80 -19.29
N ASN B 170 13.29 -14.83 -18.99
CA ASN B 170 12.18 -15.19 -19.86
C ASN B 170 11.13 -14.10 -19.83
N TYR B 171 10.37 -13.99 -20.90
CA TYR B 171 9.49 -12.83 -21.09
C TYR B 171 8.24 -13.30 -21.84
N ILE B 172 7.21 -13.65 -21.08
CA ILE B 172 5.96 -14.16 -21.64
C ILE B 172 4.85 -13.30 -21.07
N VAL B 173 4.12 -12.59 -21.94
CA VAL B 173 3.12 -11.62 -21.51
C VAL B 173 2.06 -11.46 -22.59
N LEU B 174 0.89 -10.97 -22.17
CA LEU B 174 -0.17 -10.55 -23.09
C LEU B 174 -0.75 -11.69 -23.89
N ASN B 175 -0.42 -12.93 -23.54
CA ASN B 175 -1.11 -14.06 -24.15
C ASN B 175 -2.49 -14.24 -23.50
N LYS B 176 -3.35 -15.00 -24.17
CA LYS B 176 -4.69 -15.22 -23.64
C LYS B 176 -4.63 -15.80 -22.23
N ASP B 177 -3.64 -16.66 -21.96
CA ASP B 177 -3.53 -17.28 -20.66
C ASP B 177 -3.43 -16.26 -19.53
N ASP B 178 -2.93 -15.05 -19.82
CA ASP B 178 -2.79 -14.04 -18.78
C ASP B 178 -4.13 -13.62 -18.20
N ASN B 179 -5.23 -13.82 -18.93
CA ASN B 179 -6.56 -13.45 -18.44
C ASN B 179 -7.56 -14.42 -19.04
N GLU B 180 -8.85 -14.10 -18.92
CA GLU B 180 -9.92 -14.92 -19.46
C GLU B 180 -10.03 -16.27 -18.77
N GLU B 181 -9.23 -16.49 -17.72
CA GLU B 181 -9.29 -17.74 -16.95
C GLU B 181 -9.16 -18.96 -17.86
N CYS B 182 -8.20 -18.91 -18.80
CA CYS B 182 -8.01 -20.02 -19.72
C CYS B 182 -7.70 -21.29 -18.94
N GLY B 183 -8.28 -22.40 -19.37
CA GLY B 183 -8.15 -23.67 -18.69
C GLY B 183 -7.28 -24.63 -19.47
N ASP B 184 -6.48 -25.40 -18.73
CA ASP B 184 -5.61 -26.43 -19.30
C ASP B 184 -5.85 -27.74 -18.56
N ILE B 185 -5.90 -28.84 -19.31
CA ILE B 185 -6.20 -30.14 -18.72
C ILE B 185 -5.08 -31.12 -19.06
N CYS B 186 -4.10 -31.23 -18.17
CA CYS B 186 -3.01 -32.17 -18.40
C CYS B 186 -3.51 -33.60 -18.24
N PRO B 187 -3.15 -34.50 -19.16
CA PRO B 187 -3.69 -35.87 -19.10
C PRO B 187 -2.96 -36.71 -18.06
N GLY B 188 -3.56 -37.87 -17.79
CA GLY B 188 -2.93 -38.90 -16.98
C GLY B 188 -3.07 -38.72 -15.49
N THR B 189 -2.29 -37.81 -14.90
CA THR B 189 -2.32 -37.64 -13.45
C THR B 189 -3.67 -37.14 -12.98
N ALA B 190 -4.25 -36.17 -13.69
CA ALA B 190 -5.55 -35.65 -13.31
C ALA B 190 -6.66 -36.69 -13.47
N LYS B 191 -6.42 -37.73 -14.27
CA LYS B 191 -7.40 -38.78 -14.50
C LYS B 191 -7.18 -39.99 -13.60
N GLY B 192 -6.22 -39.93 -12.68
CA GLY B 192 -5.88 -41.08 -11.87
C GLY B 192 -4.96 -42.06 -12.54
N LYS B 193 -4.53 -41.79 -13.77
CA LYS B 193 -3.63 -42.67 -14.50
C LYS B 193 -2.16 -42.32 -14.28
N THR B 194 -1.87 -41.25 -13.55
CA THR B 194 -0.49 -40.82 -13.32
C THR B 194 0.14 -40.59 -14.71
N ASN B 195 1.38 -41.02 -14.92
CA ASN B 195 2.02 -40.91 -16.23
C ASN B 195 2.06 -39.46 -16.71
N CYS B 196 2.18 -38.52 -15.79
CA CYS B 196 2.29 -37.10 -16.14
C CYS B 196 3.08 -36.42 -15.01
N PRO B 197 4.38 -36.16 -15.22
CA PRO B 197 5.23 -35.74 -14.10
C PRO B 197 4.70 -34.51 -13.35
N ALA B 198 4.72 -34.60 -12.02
CA ALA B 198 4.48 -33.43 -11.18
C ALA B 198 5.73 -32.56 -11.16
N THR B 199 5.54 -31.26 -10.97
CA THR B 199 6.66 -30.33 -11.05
C THR B 199 6.58 -29.34 -9.89
N VAL B 200 7.64 -28.53 -9.77
CA VAL B 200 7.79 -27.67 -8.62
C VAL B 200 7.19 -26.30 -8.88
N ILE B 201 6.36 -25.85 -7.94
CA ILE B 201 6.01 -24.44 -7.80
C ILE B 201 6.22 -24.09 -6.35
N ASN B 202 6.50 -22.82 -6.08
CA ASN B 202 6.97 -22.41 -4.76
C ASN B 202 6.15 -23.04 -3.65
N GLY B 203 4.83 -23.19 -3.86
CA GLY B 203 4.01 -23.89 -2.88
C GLY B 203 2.83 -24.65 -3.45
N GLN B 204 2.72 -24.75 -4.77
CA GLN B 204 1.52 -25.28 -5.42
C GLN B 204 1.93 -26.25 -6.53
N PHE B 205 2.78 -27.21 -6.19
CA PHE B 205 3.24 -28.21 -7.16
C PHE B 205 2.08 -28.68 -8.04
N VAL B 206 2.38 -28.92 -9.31
CA VAL B 206 1.36 -29.29 -10.29
C VAL B 206 2.00 -30.12 -11.39
N GLU B 207 1.21 -31.03 -11.95
CA GLU B 207 1.62 -31.71 -13.17
C GLU B 207 1.63 -30.72 -14.33
N ARG B 208 2.57 -30.91 -15.25
CA ARG B 208 2.81 -29.96 -16.32
C ARG B 208 2.85 -30.68 -17.66
N CYS B 209 2.35 -30.01 -18.69
CA CYS B 209 2.11 -30.64 -19.97
C CYS B 209 2.12 -29.57 -21.06
N TRP B 210 2.30 -30.02 -22.30
CA TRP B 210 2.25 -29.14 -23.46
C TRP B 210 0.86 -29.06 -24.06
N THR B 211 0.16 -30.19 -24.14
CA THR B 211 -1.21 -30.22 -24.63
C THR B 211 -2.04 -31.07 -23.69
N HIS B 212 -3.28 -31.36 -24.09
CA HIS B 212 -4.15 -32.19 -23.28
C HIS B 212 -3.86 -33.67 -23.51
N SER B 213 -2.86 -33.97 -24.36
CA SER B 213 -2.49 -35.35 -24.64
C SER B 213 -0.98 -35.57 -24.64
N HIS B 214 -0.19 -34.59 -24.19
CA HIS B 214 1.27 -34.70 -24.17
C HIS B 214 1.77 -34.06 -22.89
N CYS B 215 2.39 -34.87 -22.02
CA CYS B 215 2.93 -34.36 -20.78
C CYS B 215 4.44 -34.18 -20.87
N GLN B 216 4.92 -33.07 -20.31
CA GLN B 216 6.33 -32.73 -20.40
C GLN B 216 7.19 -33.78 -19.72
N LYS B 217 8.30 -34.14 -20.36
CA LYS B 217 9.23 -35.08 -19.76
C LYS B 217 10.10 -34.39 -18.72
N VAL B 218 10.37 -35.07 -17.62
CA VAL B 218 11.23 -34.58 -16.56
C VAL B 218 12.28 -35.65 -16.28
N CYS B 219 13.55 -35.27 -16.41
CA CYS B 219 14.63 -36.22 -16.17
C CYS B 219 14.98 -36.27 -14.69
N PRO B 220 15.28 -37.44 -14.14
CA PRO B 220 15.79 -37.48 -12.77
C PRO B 220 17.06 -36.67 -12.63
N THR B 221 17.22 -36.02 -11.48
CA THR B 221 18.28 -35.04 -11.31
C THR B 221 19.65 -35.65 -11.53
N ILE B 222 19.82 -36.94 -11.23
CA ILE B 222 21.13 -37.57 -11.40
C ILE B 222 21.57 -37.51 -12.85
N CYS B 223 20.62 -37.52 -13.79
CA CYS B 223 20.95 -37.50 -15.20
C CYS B 223 21.46 -36.15 -15.69
N SER B 225 21.81 -32.60 -17.36
CA SER B 225 21.24 -32.18 -18.64
C SER B 225 21.15 -33.30 -19.66
N HIS B 226 21.79 -34.44 -19.39
CA HIS B 226 21.75 -35.54 -20.33
C HIS B 226 20.35 -36.16 -20.38
N GLY B 227 20.08 -36.88 -21.46
CA GLY B 227 18.76 -37.41 -21.68
C GLY B 227 18.44 -38.60 -20.80
N CYS B 228 17.19 -39.05 -20.91
CA CYS B 228 16.71 -40.20 -20.15
C CYS B 228 15.84 -41.06 -21.04
N THR B 229 15.76 -42.34 -20.68
CA THR B 229 14.94 -43.28 -21.44
C THR B 229 13.48 -43.17 -21.03
N ALA B 230 12.66 -44.06 -21.59
CA ALA B 230 11.24 -44.07 -21.24
C ALA B 230 11.04 -44.39 -19.77
N GLU B 231 11.81 -45.35 -19.24
CA GLU B 231 11.71 -45.74 -17.85
C GLU B 231 12.58 -44.88 -16.93
N GLY B 232 13.33 -43.93 -17.47
CA GLY B 232 14.09 -43.00 -16.66
C GLY B 232 15.56 -43.29 -16.54
N LEU B 233 16.08 -44.31 -17.21
CA LEU B 233 17.51 -44.58 -17.16
C LEU B 233 18.28 -43.47 -17.85
N CYS B 234 19.49 -43.22 -17.34
CA CYS B 234 20.29 -42.11 -17.84
C CYS B 234 20.94 -42.46 -19.17
N CYS B 235 20.96 -41.50 -20.09
CA CYS B 235 21.63 -41.67 -21.36
C CYS B 235 23.13 -41.40 -21.20
N HIS B 236 23.86 -41.61 -22.28
CA HIS B 236 25.31 -41.40 -22.24
C HIS B 236 25.61 -39.94 -21.93
N SER B 237 26.75 -39.71 -21.28
CA SER B 237 27.11 -38.37 -20.84
C SER B 237 27.20 -37.37 -21.98
N GLU B 238 27.51 -37.81 -23.19
CA GLU B 238 27.59 -36.92 -24.34
C GLU B 238 26.24 -36.66 -24.99
N CYS B 239 25.28 -37.57 -24.86
CA CYS B 239 23.95 -37.33 -25.42
C CYS B 239 23.31 -36.13 -24.73
N LEU B 240 22.47 -35.42 -25.48
CA LEU B 240 21.72 -34.29 -24.96
C LEU B 240 20.26 -34.44 -25.33
N GLY B 241 19.38 -34.18 -24.37
CA GLY B 241 17.95 -34.19 -24.63
C GLY B 241 17.32 -35.57 -24.47
N ASN B 242 17.62 -36.48 -25.38
CA ASN B 242 16.96 -37.78 -25.40
C ASN B 242 17.85 -38.79 -26.08
N CYS B 243 17.57 -40.07 -25.83
CA CYS B 243 18.27 -41.17 -26.47
C CYS B 243 17.34 -42.36 -26.53
N SER B 244 17.62 -43.26 -27.47
CA SER B 244 16.79 -44.45 -27.64
C SER B 244 17.09 -45.53 -26.60
N GLN B 245 18.34 -45.65 -26.17
CA GLN B 245 18.72 -46.63 -25.17
C GLN B 245 19.76 -46.00 -24.26
N PRO B 246 19.82 -46.41 -22.99
CA PRO B 246 20.65 -45.69 -22.02
C PRO B 246 22.13 -45.99 -22.19
N ASP B 247 22.95 -45.03 -21.74
CA ASP B 247 24.39 -45.20 -21.62
C ASP B 247 25.00 -45.75 -22.91
N ASP B 248 24.74 -45.08 -24.02
CA ASP B 248 25.34 -45.41 -25.30
C ASP B 248 25.91 -44.15 -25.94
N PRO B 249 27.20 -44.08 -26.26
CA PRO B 249 27.70 -42.91 -26.99
C PRO B 249 26.96 -42.67 -28.29
N THR B 250 26.54 -43.72 -28.97
CA THR B 250 25.65 -43.60 -30.11
C THR B 250 24.20 -43.59 -29.62
N LYS B 251 23.26 -43.63 -30.57
CA LYS B 251 21.83 -43.70 -30.28
C LYS B 251 21.32 -42.50 -29.50
N CYS B 252 22.09 -41.41 -29.43
CA CYS B 252 21.56 -40.18 -28.86
C CYS B 252 20.56 -39.54 -29.82
N VAL B 253 19.82 -38.57 -29.32
CA VAL B 253 19.00 -37.74 -30.20
C VAL B 253 19.70 -36.43 -30.53
N ALA B 254 20.31 -35.79 -29.53
CA ALA B 254 21.11 -34.60 -29.74
C ALA B 254 22.39 -34.74 -28.94
N CYS B 255 23.45 -34.10 -29.43
CA CYS B 255 24.79 -34.27 -28.89
C CYS B 255 25.19 -33.03 -28.10
N ARG B 256 25.61 -33.24 -26.85
CA ARG B 256 26.37 -32.22 -26.15
C ARG B 256 27.75 -32.10 -26.77
N ASN B 257 28.34 -30.92 -26.65
CA ASN B 257 29.61 -30.66 -27.32
C ASN B 257 29.47 -30.86 -28.81
N PHE B 258 30.10 -31.89 -29.37
CA PHE B 258 30.25 -32.05 -30.80
C PHE B 258 29.74 -33.40 -31.26
N TYR B 259 29.27 -33.44 -32.50
CA TYR B 259 28.67 -34.63 -33.11
C TYR B 259 29.54 -35.14 -34.25
N LEU B 260 29.69 -36.46 -34.32
CA LEU B 260 30.51 -37.06 -35.37
C LEU B 260 29.98 -38.45 -35.70
N ASP B 261 29.50 -38.62 -36.92
CA ASP B 261 29.18 -39.92 -37.50
C ASP B 261 28.46 -40.82 -36.50
N GLY B 262 27.28 -40.38 -36.07
CA GLY B 262 26.40 -41.22 -35.29
C GLY B 262 26.77 -41.38 -33.83
N ARG B 263 27.72 -40.60 -33.32
CA ARG B 263 28.03 -40.62 -31.90
C ARG B 263 28.41 -39.22 -31.46
N CYS B 264 28.19 -38.96 -30.17
CA CYS B 264 28.49 -37.66 -29.57
C CYS B 264 29.80 -37.74 -28.82
N VAL B 265 30.74 -36.89 -29.19
CA VAL B 265 32.09 -36.92 -28.65
C VAL B 265 32.30 -35.70 -27.76
N GLU B 266 33.08 -35.87 -26.70
CA GLU B 266 33.40 -34.75 -25.83
C GLU B 266 34.17 -33.67 -26.59
N THR B 267 35.09 -34.06 -27.46
CA THR B 267 35.84 -33.12 -28.28
C THR B 267 36.13 -33.78 -29.62
N CYS B 268 36.46 -32.95 -30.60
CA CYS B 268 36.66 -33.44 -31.96
C CYS B 268 37.96 -34.22 -32.06
N PRO B 269 37.95 -35.48 -32.45
CA PRO B 269 39.21 -36.21 -32.66
C PRO B 269 39.90 -35.75 -33.93
N PRO B 270 41.23 -35.87 -34.00
CA PRO B 270 41.91 -35.55 -35.25
C PRO B 270 41.69 -36.64 -36.28
N TYR B 272 39.94 -34.38 -37.77
CA TYR B 272 38.78 -33.52 -37.94
C TYR B 272 38.89 -32.28 -37.07
N TYR B 273 38.26 -31.21 -37.51
CA TYR B 273 38.29 -29.92 -36.82
C TYR B 273 36.87 -29.51 -36.43
N HIS B 274 36.77 -28.80 -35.31
CA HIS B 274 35.48 -28.30 -34.85
C HIS B 274 34.90 -27.33 -35.87
N PHE B 275 33.59 -27.42 -36.09
CA PHE B 275 32.92 -26.56 -37.04
C PHE B 275 31.59 -26.11 -36.46
N GLN B 276 31.37 -24.79 -36.47
CA GLN B 276 30.12 -24.19 -36.00
C GLN B 276 29.77 -24.67 -34.59
N ASP B 277 30.78 -25.12 -33.84
CA ASP B 277 30.61 -25.48 -32.44
C ASP B 277 29.58 -26.59 -32.24
N TRP B 278 29.25 -27.33 -33.30
CA TRP B 278 28.26 -28.38 -33.15
C TRP B 278 28.62 -29.68 -33.88
N ARG B 279 29.60 -29.65 -34.77
CA ARG B 279 29.95 -30.86 -35.52
C ARG B 279 31.41 -30.82 -35.95
N CYS B 280 31.90 -31.98 -36.39
CA CYS B 280 33.25 -32.14 -36.88
C CYS B 280 33.27 -32.23 -38.40
N VAL B 281 34.31 -31.68 -39.01
CA VAL B 281 34.48 -31.73 -40.46
C VAL B 281 35.94 -32.01 -40.77
N ASN B 282 36.20 -32.49 -41.98
CA ASN B 282 37.56 -32.75 -42.43
C ASN B 282 38.13 -31.50 -43.11
N PHE B 283 39.39 -31.61 -43.52
CA PHE B 283 40.03 -30.47 -44.18
C PHE B 283 39.33 -30.12 -45.49
N SER B 284 38.94 -31.14 -46.26
CA SER B 284 38.32 -30.89 -47.56
C SER B 284 37.06 -30.05 -47.41
N PHE B 285 36.31 -30.25 -46.33
CA PHE B 285 35.07 -29.52 -46.14
C PHE B 285 35.33 -28.02 -46.06
N CYS B 286 36.23 -27.62 -45.17
CA CYS B 286 36.57 -26.20 -45.05
C CYS B 286 37.21 -25.69 -46.33
N GLN B 287 38.03 -26.54 -46.98
CA GLN B 287 38.65 -26.14 -48.23
C GLN B 287 37.59 -25.77 -49.26
N ASP B 288 36.51 -26.55 -49.33
CA ASP B 288 35.44 -26.24 -50.28
C ASP B 288 34.81 -24.89 -49.98
N LEU B 289 34.54 -24.62 -48.70
CA LEU B 289 33.97 -23.31 -48.34
C LEU B 289 34.92 -22.19 -48.71
N HIS B 290 36.21 -22.37 -48.45
CA HIS B 290 37.18 -21.34 -48.79
C HIS B 290 37.19 -21.09 -50.29
N HIS B 291 37.20 -22.14 -51.10
CA HIS B 291 37.20 -21.97 -52.55
C HIS B 291 35.91 -21.32 -53.02
N LYS B 292 34.77 -21.76 -52.49
CA LYS B 292 33.49 -21.25 -52.97
C LYS B 292 33.36 -19.76 -52.68
N CYS B 293 33.74 -19.33 -51.47
CA CYS B 293 33.72 -17.90 -51.16
C CYS B 293 34.68 -17.10 -52.01
N LYS B 294 35.88 -17.64 -52.27
CA LYS B 294 36.81 -16.96 -53.16
C LYS B 294 36.22 -16.84 -54.56
N ASN B 295 35.60 -17.91 -55.06
CA ASN B 295 35.09 -17.92 -56.41
C ASN B 295 33.86 -17.04 -56.57
N SER B 296 33.14 -16.75 -55.49
CA SER B 296 31.90 -15.99 -55.56
C SER B 296 31.93 -14.93 -54.46
N ARG B 297 32.11 -13.67 -54.85
CA ARG B 297 32.02 -12.54 -53.92
C ARG B 297 30.56 -12.20 -53.67
N ARG B 298 29.85 -13.17 -53.08
CA ARG B 298 28.41 -13.05 -52.88
C ARG B 298 28.05 -12.10 -51.77
N GLN B 299 29.01 -11.69 -50.94
CA GLN B 299 28.74 -10.89 -49.75
C GLN B 299 27.87 -11.68 -48.76
N GLY B 300 27.85 -13.00 -48.93
CA GLY B 300 27.19 -13.89 -48.01
C GLY B 300 28.06 -15.11 -47.76
N CYS B 301 29.37 -14.92 -47.90
CA CYS B 301 30.33 -16.01 -47.80
C CYS B 301 31.54 -15.50 -47.03
N HIS B 302 32.28 -16.43 -46.45
CA HIS B 302 33.42 -16.08 -45.61
C HIS B 302 34.62 -16.94 -46.01
N GLN B 303 35.78 -16.32 -46.09
CA GLN B 303 37.00 -17.04 -46.46
C GLN B 303 37.42 -17.92 -45.30
N TYR B 304 36.72 -19.05 -45.13
CA TYR B 304 36.90 -19.88 -43.94
C TYR B 304 38.35 -20.31 -43.80
N VAL B 305 38.85 -20.25 -42.57
CA VAL B 305 40.23 -20.61 -42.26
C VAL B 305 40.22 -21.49 -41.02
N ILE B 306 41.33 -22.19 -40.82
CA ILE B 306 41.52 -23.07 -39.67
C ILE B 306 42.42 -22.39 -38.67
N HIS B 307 42.14 -22.61 -37.38
CA HIS B 307 42.93 -22.03 -36.31
C HIS B 307 42.63 -22.77 -35.01
N ASN B 308 43.69 -23.08 -34.27
CA ASN B 308 43.56 -23.69 -32.95
C ASN B 308 42.62 -24.90 -32.99
N ASN B 309 42.83 -25.75 -33.99
CA ASN B 309 42.04 -26.97 -34.15
C ASN B 309 40.55 -26.67 -34.34
N LYS B 310 40.22 -25.54 -34.96
CA LYS B 310 38.85 -25.19 -35.28
C LYS B 310 38.77 -24.63 -36.67
N CYS B 311 37.62 -24.80 -37.31
CA CYS B 311 37.34 -24.26 -38.62
C CYS B 311 36.39 -23.06 -38.44
N ILE B 312 36.90 -21.87 -38.73
CA ILE B 312 36.18 -20.63 -38.40
C ILE B 312 36.20 -19.71 -39.59
N PRO B 313 35.19 -18.83 -39.69
CA PRO B 313 35.11 -17.93 -40.85
C PRO B 313 36.09 -16.77 -40.81
N GLU B 314 36.72 -16.52 -39.67
CA GLU B 314 37.59 -15.35 -39.53
C GLU B 314 38.56 -15.58 -38.38
N CYS B 315 39.84 -15.84 -38.68
CA CYS B 315 40.72 -16.19 -37.58
C CYS B 315 41.11 -14.94 -36.78
N SER B 317 42.44 -11.99 -33.87
CA SER B 317 43.57 -11.08 -33.81
C SER B 317 44.81 -11.81 -33.32
N GLY B 318 45.98 -11.35 -33.77
CA GLY B 318 47.23 -11.99 -33.45
C GLY B 318 47.61 -13.12 -34.37
N TYR B 319 46.68 -13.63 -35.18
CA TYR B 319 46.95 -14.70 -36.13
C TYR B 319 46.40 -14.35 -37.51
N THR B 320 46.42 -13.06 -37.86
CA THR B 320 45.64 -12.61 -39.01
C THR B 320 46.07 -13.27 -40.32
N MET B 321 47.37 -13.40 -40.56
CA MET B 321 47.83 -13.93 -41.83
C MET B 321 47.59 -15.43 -41.92
N ASN B 322 47.27 -15.88 -43.13
CA ASN B 322 47.14 -17.29 -43.44
C ASN B 322 47.94 -17.59 -44.71
N SER B 323 48.65 -18.72 -44.69
CA SER B 323 49.44 -19.13 -45.84
C SER B 323 48.56 -19.86 -46.86
N SER B 324 49.18 -20.53 -47.82
CA SER B 324 48.41 -21.31 -48.78
C SER B 324 47.59 -22.40 -48.09
N ASN B 325 47.96 -22.79 -46.88
CA ASN B 325 47.13 -23.67 -46.08
C ASN B 325 45.95 -22.88 -45.51
N LEU B 326 45.06 -23.59 -44.83
CA LEU B 326 43.94 -22.96 -44.16
C LEU B 326 44.25 -22.60 -42.71
N LEU B 327 45.48 -22.80 -42.26
CA LEU B 327 45.84 -22.60 -40.86
C LEU B 327 46.43 -21.21 -40.70
N CYS B 328 45.79 -20.38 -39.88
CA CYS B 328 46.34 -19.07 -39.54
C CYS B 328 47.53 -19.22 -38.60
N THR B 329 48.45 -18.27 -38.69
CA THR B 329 49.69 -18.30 -37.92
C THR B 329 49.87 -16.99 -37.16
N PRO B 330 50.59 -17.03 -36.04
CA PRO B 330 50.74 -15.80 -35.23
C PRO B 330 51.42 -14.69 -36.01
N CYS B 331 51.05 -13.45 -35.67
CA CYS B 331 51.54 -12.30 -36.41
C CYS B 331 52.91 -11.86 -35.91
N LEU B 332 53.64 -11.21 -36.80
CA LEU B 332 54.82 -10.41 -36.45
C LEU B 332 54.44 -8.94 -36.55
N GLY B 333 54.46 -8.26 -35.41
CA GLY B 333 53.91 -6.93 -35.33
C GLY B 333 52.42 -6.98 -35.05
N PRO B 334 51.82 -5.84 -34.73
CA PRO B 334 50.40 -5.83 -34.38
C PRO B 334 49.52 -6.21 -35.57
N CYS B 335 48.43 -6.89 -35.27
CA CYS B 335 47.41 -7.26 -36.27
C CYS B 335 46.07 -7.33 -35.55
N PRO B 336 45.41 -6.19 -35.37
CA PRO B 336 44.30 -6.13 -34.40
C PRO B 336 42.95 -6.63 -34.91
N LYS B 337 42.82 -6.84 -36.20
CA LYS B 337 41.51 -7.12 -36.78
C LYS B 337 40.54 -5.98 -36.52
N VAL B 338 40.84 -4.81 -37.09
CA VAL B 338 39.94 -3.67 -36.96
C VAL B 338 38.55 -4.06 -37.46
N CYS B 339 37.52 -3.47 -36.85
CA CYS B 339 36.14 -3.70 -37.24
C CYS B 339 35.54 -2.37 -37.69
N HIS B 340 35.08 -2.33 -38.94
CA HIS B 340 34.55 -1.11 -39.54
C HIS B 340 33.03 -1.10 -39.37
N LEU B 341 32.49 0.05 -38.96
CA LEU B 341 31.08 0.18 -38.67
C LEU B 341 30.36 0.84 -39.84
N LEU B 342 29.24 0.24 -40.25
CA LEU B 342 28.42 0.82 -41.29
C LEU B 342 27.83 2.14 -40.81
N GLU B 343 28.04 3.20 -41.60
CA GLU B 343 27.59 4.55 -41.29
C GLU B 343 28.34 5.18 -40.12
N GLY B 344 29.30 4.47 -39.53
CA GLY B 344 30.16 5.04 -38.52
C GLY B 344 29.62 5.07 -37.11
N GLU B 345 28.39 4.58 -36.89
CA GLU B 345 27.81 4.55 -35.54
C GLU B 345 27.08 3.23 -35.34
N LYS B 346 27.32 2.60 -34.20
CA LYS B 346 26.73 1.31 -33.87
C LYS B 346 25.98 1.45 -32.55
N THR B 347 24.73 0.99 -32.52
CA THR B 347 23.91 1.04 -31.32
C THR B 347 23.83 -0.37 -30.73
N ILE B 348 24.46 -0.56 -29.58
CA ILE B 348 24.49 -1.86 -28.90
C ILE B 348 23.28 -1.92 -27.99
N ASP B 349 22.15 -2.39 -28.53
CA ASP B 349 20.90 -2.43 -27.80
C ASP B 349 20.50 -3.82 -27.34
N SER B 350 21.29 -4.85 -27.64
CA SER B 350 20.92 -6.22 -27.30
C SER B 350 22.14 -7.10 -27.47
N VAL B 351 22.03 -8.34 -27.01
CA VAL B 351 23.15 -9.26 -27.18
C VAL B 351 23.40 -9.50 -28.67
N THR B 352 22.34 -9.52 -29.47
CA THR B 352 22.50 -9.72 -30.91
C THR B 352 23.38 -8.64 -31.51
N SER B 353 23.13 -7.38 -31.13
CA SER B 353 24.00 -6.30 -31.59
C SER B 353 25.41 -6.44 -31.02
N ALA B 354 25.53 -6.78 -29.74
CA ALA B 354 26.85 -6.94 -29.13
C ALA B 354 27.61 -8.09 -29.76
N GLN B 355 26.93 -9.22 -29.99
CA GLN B 355 27.61 -10.39 -30.50
C GLN B 355 28.25 -10.12 -31.86
N GLU B 356 27.74 -9.14 -32.60
CA GLU B 356 28.28 -8.85 -33.92
C GLU B 356 29.68 -8.30 -33.87
N LEU B 357 30.19 -7.93 -32.70
CA LEU B 357 31.53 -7.38 -32.56
C LEU B 357 32.49 -8.34 -31.88
N ARG B 358 32.16 -9.64 -31.81
CA ARG B 358 33.04 -10.60 -31.17
C ARG B 358 34.41 -10.58 -31.82
N GLY B 359 35.45 -10.58 -30.98
CA GLY B 359 36.81 -10.64 -31.47
C GLY B 359 37.38 -9.32 -31.93
N CYS B 360 36.58 -8.27 -32.03
CA CYS B 360 37.10 -6.97 -32.44
C CYS B 360 38.03 -6.43 -31.36
N VAL B 362 39.72 -3.20 -32.31
CA VAL B 362 39.72 -1.79 -32.64
C VAL B 362 38.44 -1.48 -33.40
N ILE B 363 37.72 -0.46 -32.94
CA ILE B 363 36.44 -0.06 -33.55
C ILE B 363 36.70 1.22 -34.34
N ASN B 364 36.29 1.21 -35.61
CA ASN B 364 36.54 2.35 -36.48
C ASN B 364 35.33 3.29 -36.48
N GLY B 365 34.62 3.32 -35.37
CA GLY B 365 33.48 4.20 -35.26
C GLY B 365 33.11 4.42 -33.80
N SER B 366 31.95 5.03 -33.61
CA SER B 366 31.46 5.34 -32.27
C SER B 366 30.42 4.31 -31.84
N LEU B 367 30.45 3.96 -30.55
CA LEU B 367 29.53 2.98 -29.98
C LEU B 367 28.55 3.69 -29.05
N ILE B 368 27.27 3.50 -29.31
CA ILE B 368 26.20 3.99 -28.44
C ILE B 368 25.59 2.79 -27.74
N ILE B 369 25.57 2.84 -26.41
CA ILE B 369 25.04 1.75 -25.59
C ILE B 369 23.68 2.18 -25.08
N ASN B 370 22.65 1.44 -25.48
CA ASN B 370 21.27 1.81 -25.22
C ASN B 370 20.49 0.59 -24.73
N ILE B 371 21.05 -0.13 -23.78
CA ILE B 371 20.48 -1.39 -23.30
C ILE B 371 19.34 -1.07 -22.34
N ARG B 372 18.12 -1.13 -22.84
CA ARG B 372 16.95 -0.92 -22.00
C ARG B 372 16.46 -2.25 -21.43
N GLY B 373 15.48 -2.15 -20.53
CA GLY B 373 14.93 -3.33 -19.88
C GLY B 373 15.61 -3.65 -18.57
N GLY B 374 14.87 -4.32 -17.69
CA GLY B 374 15.37 -4.65 -16.37
C GLY B 374 16.38 -5.77 -16.32
N ASN B 375 16.40 -6.65 -17.31
CA ASN B 375 17.31 -7.78 -17.32
C ASN B 375 18.75 -7.30 -17.51
N ASN B 376 19.67 -7.90 -16.76
CA ASN B 376 21.08 -7.55 -16.82
C ASN B 376 21.84 -8.62 -17.60
N LEU B 377 22.69 -8.17 -18.52
CA LEU B 377 23.47 -9.06 -19.39
C LEU B 377 24.94 -8.66 -19.40
N ALA B 378 25.47 -8.23 -18.26
CA ALA B 378 26.87 -7.82 -18.22
C ALA B 378 27.79 -8.97 -18.59
N ALA B 379 27.39 -10.20 -18.31
CA ALA B 379 28.24 -11.34 -18.64
C ALA B 379 28.44 -11.45 -20.16
N GLU B 380 27.36 -11.38 -20.92
CA GLU B 380 27.46 -11.51 -22.37
C GLU B 380 28.26 -10.34 -22.96
N LEU B 381 28.05 -9.14 -22.44
CA LEU B 381 28.72 -7.97 -22.99
C LEU B 381 30.23 -8.09 -22.86
N GLU B 382 30.71 -8.56 -21.71
CA GLU B 382 32.15 -8.74 -21.54
C GLU B 382 32.68 -9.82 -22.48
N ALA B 383 31.93 -10.91 -22.63
CA ALA B 383 32.39 -11.98 -23.52
C ALA B 383 32.52 -11.47 -24.94
N ASN B 384 31.56 -10.66 -25.39
CA ASN B 384 31.58 -10.16 -26.75
C ASN B 384 32.44 -8.90 -26.89
N LEU B 385 32.22 -7.91 -26.02
CA LEU B 385 32.90 -6.63 -26.12
C LEU B 385 34.16 -6.54 -25.28
N GLY B 386 34.48 -7.56 -24.47
CA GLY B 386 35.59 -7.46 -23.55
C GLY B 386 36.95 -7.35 -24.21
N LEU B 387 37.06 -7.70 -25.49
CA LEU B 387 38.36 -7.69 -26.15
C LEU B 387 38.69 -6.37 -26.82
N ILE B 388 37.75 -5.43 -26.88
CA ILE B 388 38.03 -4.16 -27.54
C ILE B 388 39.07 -3.40 -26.74
N GLU B 389 40.12 -2.93 -27.42
CA GLU B 389 41.17 -2.19 -26.76
C GLU B 389 41.10 -0.70 -27.04
N GLU B 390 40.59 -0.30 -28.21
CA GLU B 390 40.55 1.11 -28.59
C GLU B 390 39.27 1.41 -29.34
N ILE B 391 38.84 2.66 -29.29
CA ILE B 391 37.69 3.15 -30.04
C ILE B 391 38.11 4.40 -30.79
N SER B 392 37.85 4.43 -32.09
CA SER B 392 38.24 5.58 -32.89
C SER B 392 37.34 6.78 -32.63
N GLY B 393 36.03 6.56 -32.51
CA GLY B 393 35.09 7.64 -32.33
C GLY B 393 34.80 7.90 -30.87
N TYR B 394 33.61 8.44 -30.60
CA TYR B 394 33.19 8.73 -29.24
C TYR B 394 32.46 7.54 -28.66
N LEU B 395 32.34 7.54 -27.33
CA LEU B 395 31.57 6.54 -26.61
C LEU B 395 30.42 7.24 -25.91
N LYS B 396 29.19 6.82 -26.22
CA LYS B 396 27.98 7.42 -25.67
C LYS B 396 27.19 6.33 -24.97
N ILE B 397 26.66 6.65 -23.79
CA ILE B 397 25.93 5.69 -22.97
C ILE B 397 24.65 6.39 -22.53
N ARG B 398 23.51 5.93 -23.06
CA ARG B 398 22.24 6.61 -22.86
C ARG B 398 21.16 5.60 -22.45
N ARG B 399 20.42 5.96 -21.41
CA ARG B 399 19.20 5.27 -21.00
C ARG B 399 19.44 3.81 -20.63
N SER B 400 20.69 3.38 -20.48
CA SER B 400 20.97 2.02 -20.06
C SER B 400 20.47 1.83 -18.64
N TYR B 401 19.40 1.05 -18.46
CA TYR B 401 18.73 0.99 -17.17
C TYR B 401 19.46 0.10 -16.19
N ALA B 402 19.58 -1.18 -16.50
CA ALA B 402 20.15 -2.15 -15.56
C ALA B 402 21.64 -2.32 -15.71
N LEU B 403 22.33 -1.34 -16.30
CA LEU B 403 23.78 -1.42 -16.52
C LEU B 403 24.48 -0.91 -15.27
N VAL B 404 24.88 -1.84 -14.41
CA VAL B 404 25.45 -1.46 -13.12
C VAL B 404 26.82 -0.83 -13.29
N SER B 405 27.67 -1.40 -14.13
CA SER B 405 29.04 -0.94 -14.25
C SER B 405 29.52 -1.08 -15.69
N LEU B 406 30.52 -0.27 -16.04
CA LEU B 406 31.17 -0.32 -17.33
C LEU B 406 32.34 -1.27 -17.38
N SER B 407 32.61 -2.01 -16.30
CA SER B 407 33.78 -2.85 -16.25
C SER B 407 33.79 -3.91 -17.35
N PHE B 408 32.64 -4.21 -17.94
CA PHE B 408 32.59 -5.24 -18.97
C PHE B 408 33.46 -4.88 -20.16
N PHE B 409 33.81 -3.60 -20.33
CA PHE B 409 34.85 -3.22 -21.27
C PHE B 409 36.20 -3.63 -20.68
N ARG B 410 36.41 -4.93 -20.52
CA ARG B 410 37.48 -5.42 -19.66
C ARG B 410 38.85 -4.96 -20.11
N LYS B 411 39.02 -4.57 -21.37
CA LYS B 411 40.34 -4.23 -21.88
C LYS B 411 40.36 -2.95 -22.71
N LEU B 412 39.30 -2.15 -22.68
CA LEU B 412 39.32 -0.86 -23.36
C LEU B 412 40.33 0.06 -22.68
N ARG B 413 41.19 0.70 -23.46
CA ARG B 413 42.25 1.53 -22.90
C ARG B 413 42.49 2.82 -23.67
N LEU B 414 41.63 3.17 -24.63
CA LEU B 414 41.87 4.38 -25.41
C LEU B 414 40.60 4.73 -26.17
N ILE B 415 40.12 5.95 -26.00
CA ILE B 415 39.00 6.48 -26.76
C ILE B 415 39.53 7.65 -27.57
N ARG B 416 39.94 7.40 -28.81
CA ARG B 416 40.64 8.41 -29.59
C ARG B 416 39.78 9.66 -29.76
N GLY B 417 38.49 9.49 -29.99
CA GLY B 417 37.63 10.64 -30.16
C GLY B 417 37.80 11.35 -31.48
N GLU B 418 38.31 10.65 -32.50
CA GLU B 418 38.43 11.26 -33.82
C GLU B 418 37.11 11.78 -34.33
N THR B 419 36.00 11.15 -33.95
CA THR B 419 34.66 11.65 -34.19
C THR B 419 33.99 11.90 -32.85
N LEU B 420 33.43 13.10 -32.68
CA LEU B 420 32.91 13.54 -31.40
C LEU B 420 31.41 13.74 -31.47
N GLU B 421 30.74 13.44 -30.36
CA GLU B 421 29.34 13.81 -30.22
C GLU B 421 29.22 15.33 -30.27
N ILE B 422 28.10 15.80 -30.85
CA ILE B 422 27.94 17.24 -31.02
C ILE B 422 28.15 17.94 -29.69
N GLY B 423 28.94 19.01 -29.71
CA GLY B 423 29.45 19.60 -28.50
C GLY B 423 30.87 19.17 -28.17
N ASN B 424 31.47 18.31 -28.98
CA ASN B 424 32.86 17.90 -28.80
C ASN B 424 33.04 17.06 -27.53
N TYR B 425 32.16 16.09 -27.33
CA TYR B 425 32.29 15.15 -26.21
C TYR B 425 32.85 13.83 -26.69
N SER B 426 33.80 13.28 -25.93
CA SER B 426 34.32 11.95 -26.19
C SER B 426 33.60 10.87 -25.39
N PHE B 427 33.26 11.15 -24.14
CA PHE B 427 32.50 10.23 -23.32
C PHE B 427 31.22 10.93 -22.91
N TYR B 428 30.10 10.22 -22.99
CA TYR B 428 28.79 10.85 -22.87
C TYR B 428 27.87 9.89 -22.14
N ALA B 429 27.63 10.13 -20.86
CA ALA B 429 26.73 9.32 -20.04
C ALA B 429 25.52 10.16 -19.68
N LEU B 430 24.32 9.64 -19.96
CA LEU B 430 23.08 10.37 -19.72
C LEU B 430 21.99 9.39 -19.28
N ASP B 431 21.41 9.66 -18.11
CA ASP B 431 20.27 8.90 -17.61
C ASP B 431 20.59 7.40 -17.60
N ASN B 432 21.51 7.01 -16.74
CA ASN B 432 21.79 5.60 -16.47
C ASN B 432 21.30 5.29 -15.07
N GLN B 433 20.08 4.75 -14.98
CA GLN B 433 19.38 4.67 -13.70
C GLN B 433 20.18 3.92 -12.65
N ASN B 434 20.96 2.91 -13.05
CA ASN B 434 21.68 2.08 -12.09
C ASN B 434 23.18 2.05 -12.32
N LEU B 435 23.71 2.90 -13.20
CA LEU B 435 25.16 2.93 -13.39
C LEU B 435 25.84 3.35 -12.10
N ARG B 436 26.84 2.59 -11.69
CA ARG B 436 27.43 2.74 -10.37
C ARG B 436 28.94 2.89 -10.40
N GLN B 437 29.63 2.19 -11.29
CA GLN B 437 31.08 2.21 -11.34
C GLN B 437 31.52 2.16 -12.80
N LEU B 438 32.45 3.04 -13.16
CA LEU B 438 32.98 3.06 -14.52
C LEU B 438 34.08 2.02 -14.69
N TRP B 439 35.08 2.05 -13.82
CA TRP B 439 36.17 1.09 -13.85
C TRP B 439 36.80 1.03 -12.46
N ASP B 440 37.54 -0.05 -12.23
CA ASP B 440 38.37 -0.16 -11.03
C ASP B 440 39.63 0.65 -11.27
N TRP B 441 39.57 1.96 -11.00
CA TRP B 441 40.65 2.85 -11.38
C TRP B 441 41.97 2.50 -10.72
N SER B 442 41.96 1.74 -9.62
CA SER B 442 43.20 1.23 -9.07
C SER B 442 43.87 0.23 -10.01
N LYS B 443 43.07 -0.48 -10.79
CA LYS B 443 43.58 -1.48 -11.74
C LYS B 443 43.68 -0.93 -13.15
N HIS B 444 42.67 -0.19 -13.59
CA HIS B 444 42.49 0.13 -15.00
C HIS B 444 43.29 1.36 -15.41
N ASN B 445 43.52 1.48 -16.71
CA ASN B 445 44.10 2.66 -17.32
C ASN B 445 43.20 3.10 -18.46
N LEU B 446 43.24 4.40 -18.77
CA LEU B 446 42.43 4.93 -19.86
C LEU B 446 43.07 6.21 -20.36
N THR B 447 42.68 6.60 -21.57
CA THR B 447 43.21 7.82 -22.17
C THR B 447 42.30 8.23 -23.32
N ILE B 448 41.99 9.51 -23.40
CA ILE B 448 41.17 10.07 -24.46
C ILE B 448 41.92 11.26 -25.04
N THR B 449 42.17 11.22 -26.35
CA THR B 449 43.06 12.20 -26.96
C THR B 449 42.37 13.52 -27.26
N GLN B 450 41.05 13.56 -27.23
CA GLN B 450 40.31 14.77 -27.59
C GLN B 450 38.99 14.79 -26.84
N GLY B 451 38.22 15.86 -27.08
CA GLY B 451 36.86 15.93 -26.60
C GLY B 451 36.75 16.14 -25.10
N LYS B 452 35.56 16.54 -24.67
CA LYS B 452 35.28 16.77 -23.26
C LYS B 452 34.66 15.52 -22.64
N LEU B 453 34.19 15.67 -21.41
CA LEU B 453 33.43 14.62 -20.73
C LEU B 453 32.08 15.18 -20.32
N PHE B 454 31.04 14.36 -20.46
CA PHE B 454 29.67 14.78 -20.23
C PHE B 454 29.00 13.78 -19.31
N PHE B 455 28.42 14.27 -18.21
CA PHE B 455 27.73 13.41 -17.25
C PHE B 455 26.49 14.14 -16.79
N HIS B 456 25.33 13.52 -16.94
CA HIS B 456 24.07 14.13 -16.56
C HIS B 456 23.07 13.07 -16.12
N TYR B 457 22.37 13.35 -15.03
CA TYR B 457 21.22 12.56 -14.57
C TYR B 457 21.56 11.12 -14.25
N ASN B 458 22.84 10.78 -14.13
CA ASN B 458 23.20 9.45 -13.65
C ASN B 458 23.00 9.40 -12.15
N PRO B 459 21.91 8.80 -11.65
CA PRO B 459 21.62 8.95 -10.22
C PRO B 459 22.70 8.40 -9.31
N LYS B 460 23.08 7.14 -9.50
CA LYS B 460 23.89 6.44 -8.52
C LYS B 460 25.38 6.50 -8.78
N LEU B 461 25.83 7.32 -9.73
CA LEU B 461 27.25 7.45 -10.03
C LEU B 461 27.82 8.55 -9.13
N CYS B 462 28.72 8.16 -8.24
CA CYS B 462 29.26 9.11 -7.27
C CYS B 462 30.30 10.01 -7.92
N LEU B 463 30.30 11.29 -7.51
CA LEU B 463 31.19 12.25 -8.14
C LEU B 463 32.66 11.89 -7.93
N SER B 464 32.97 11.07 -6.92
CA SER B 464 34.34 10.65 -6.72
C SER B 464 34.86 9.88 -7.93
N GLU B 465 34.05 8.97 -8.47
CA GLU B 465 34.45 8.21 -9.65
C GLU B 465 34.64 9.13 -10.85
N ILE B 466 33.76 10.11 -11.02
CA ILE B 466 33.88 11.03 -12.15
C ILE B 466 35.17 11.83 -12.04
N HIS B 467 35.49 12.31 -10.84
CA HIS B 467 36.72 13.06 -10.65
C HIS B 467 37.94 12.17 -10.90
N LYS B 468 37.90 10.93 -10.42
CA LYS B 468 39.00 10.01 -10.71
C LYS B 468 39.18 9.84 -12.20
N MET B 469 38.08 9.69 -12.94
CA MET B 469 38.19 9.56 -14.40
C MET B 469 38.79 10.82 -15.01
N GLU B 470 38.36 11.99 -14.54
CA GLU B 470 38.99 13.23 -14.98
C GLU B 470 40.49 13.17 -14.79
N GLU B 471 40.94 12.60 -13.68
CA GLU B 471 42.37 12.51 -13.42
C GLU B 471 43.03 11.44 -14.28
N VAL B 472 42.38 10.29 -14.42
CA VAL B 472 43.01 9.13 -15.05
C VAL B 472 42.56 9.01 -16.50
N SER B 473 42.09 10.10 -17.07
CA SER B 473 41.75 10.11 -18.48
C SER B 473 42.48 11.19 -19.28
N GLY B 474 43.37 11.96 -18.67
CA GLY B 474 44.08 13.00 -19.36
C GLY B 474 43.31 14.27 -19.58
N THR B 475 42.03 14.32 -19.22
CA THR B 475 41.25 15.53 -19.42
C THR B 475 41.76 16.66 -18.55
N LYS B 476 42.17 16.36 -17.31
CA LYS B 476 42.73 17.38 -16.45
C LYS B 476 44.01 17.98 -17.03
N GLY B 477 44.66 17.29 -17.96
CA GLY B 477 45.87 17.77 -18.58
C GLY B 477 45.68 18.83 -19.64
N ARG B 478 44.45 19.30 -19.84
CA ARG B 478 44.18 20.34 -20.84
C ARG B 478 43.03 21.23 -20.38
N GLN B 479 42.41 21.95 -21.32
CA GLN B 479 41.46 23.00 -20.99
C GLN B 479 40.41 22.59 -19.96
N GLU B 480 40.14 21.30 -19.78
CA GLU B 480 39.12 20.82 -18.85
C GLU B 480 37.77 21.42 -19.28
N ARG B 481 37.06 22.14 -18.41
CA ARG B 481 35.72 22.65 -18.73
C ARG B 481 34.80 21.52 -19.20
N ASN B 482 34.83 20.42 -18.46
CA ASN B 482 33.92 19.31 -18.74
C ASN B 482 32.53 19.62 -18.17
N ASP B 483 31.51 19.03 -18.79
CA ASP B 483 30.13 19.30 -18.40
C ASP B 483 29.63 18.26 -17.40
N ILE B 484 30.23 18.22 -16.21
CA ILE B 484 29.83 17.28 -15.17
C ILE B 484 28.77 17.98 -14.32
N ALA B 485 27.53 17.54 -14.45
CA ALA B 485 26.40 18.20 -13.81
C ALA B 485 26.37 17.82 -12.33
N LEU B 486 26.75 18.76 -11.48
CA LEU B 486 26.69 18.55 -10.04
C LEU B 486 25.24 18.48 -9.58
N LYS B 487 24.99 17.65 -8.57
CA LYS B 487 23.65 17.52 -7.98
C LYS B 487 22.67 16.91 -8.98
N ASN B 489 24.39 13.96 -10.78
CA ASN B 489 25.13 12.72 -10.60
C ASN B 489 25.36 12.45 -9.12
N GLY B 490 25.12 11.20 -8.72
CA GLY B 490 25.35 10.79 -7.36
C GLY B 490 24.16 10.94 -6.43
N ASP B 491 23.14 11.69 -6.82
CA ASP B 491 21.94 11.77 -6.00
C ASP B 491 21.32 10.39 -5.87
N GLN B 492 20.75 10.12 -4.69
CA GLN B 492 20.21 8.81 -4.37
C GLN B 492 21.32 7.77 -4.21
N ALA B 493 22.54 8.23 -3.94
CA ALA B 493 23.66 7.35 -3.63
C ALA B 493 24.54 8.02 -2.60
N SER B 494 25.20 7.19 -1.79
CA SER B 494 26.07 7.67 -0.70
C SER B 494 27.50 7.65 -1.19
N CYS B 495 28.14 8.82 -1.17
CA CYS B 495 29.54 8.96 -1.60
C CYS B 495 30.44 9.39 -0.46
N GLU B 496 30.16 8.92 0.75
CA GLU B 496 30.87 9.37 1.95
C GLU B 496 32.19 8.62 2.05
N ASN B 497 33.28 9.35 2.20
CA ASN B 497 34.62 8.78 2.20
C ASN B 497 35.34 8.94 3.54
N GLU B 498 34.63 9.31 4.60
CA GLU B 498 35.24 9.49 5.91
C GLU B 498 34.27 9.04 6.99
N LEU B 499 34.82 8.70 8.15
CA LEU B 499 34.03 8.22 9.27
C LEU B 499 33.80 9.31 10.30
N LEU B 500 32.67 9.20 10.99
CA LEU B 500 32.37 10.02 12.16
C LEU B 500 32.16 9.09 13.33
N LYS B 501 32.80 9.40 14.46
CA LYS B 501 32.85 8.50 15.60
C LYS B 501 32.07 9.10 16.77
N PHE B 502 31.18 8.29 17.34
CA PHE B 502 30.39 8.70 18.50
C PHE B 502 31.29 8.68 19.74
N SER B 503 31.77 9.86 20.14
CA SER B 503 32.68 9.92 21.28
C SER B 503 31.95 9.79 22.61
N TYR B 504 30.65 10.04 22.65
CA TYR B 504 29.91 10.08 23.90
C TYR B 504 28.43 9.88 23.62
N ILE B 505 27.77 9.15 24.53
CA ILE B 505 26.34 8.89 24.43
C ILE B 505 25.76 8.71 25.82
N ARG B 506 24.49 9.10 25.94
CA ARG B 506 23.78 8.91 27.19
C ARG B 506 22.44 8.32 26.81
N THR B 507 21.84 7.54 27.69
CA THR B 507 20.59 6.83 27.40
C THR B 507 19.57 7.11 28.51
N SER B 508 18.71 8.10 28.28
CA SER B 508 17.53 8.26 29.12
C SER B 508 16.45 7.30 28.67
N PHE B 509 15.26 7.44 29.26
CA PHE B 509 14.12 6.65 28.80
C PHE B 509 13.32 7.35 27.71
N ASP B 510 13.62 8.61 27.42
CA ASP B 510 12.95 9.32 26.34
C ASP B 510 13.88 10.18 25.51
N LYS B 511 15.15 10.22 25.89
CA LYS B 511 16.11 11.07 25.20
C LYS B 511 17.47 10.44 25.04
N ILE B 512 18.21 10.89 24.04
CA ILE B 512 19.56 10.40 23.80
C ILE B 512 20.49 11.58 23.63
N LEU B 513 21.56 11.61 24.42
CA LEU B 513 22.65 12.53 24.17
C LEU B 513 23.62 11.89 23.19
N LEU B 514 24.13 12.68 22.27
CA LEU B 514 24.93 12.16 21.16
C LEU B 514 25.96 13.19 20.77
N ARG B 515 27.24 12.81 20.85
CA ARG B 515 28.35 13.74 20.61
C ARG B 515 29.40 13.02 19.76
N TRP B 516 29.25 13.13 18.44
CA TRP B 516 30.25 12.60 17.54
C TRP B 516 31.47 13.52 17.50
N GLU B 517 32.61 12.95 17.12
CA GLU B 517 33.83 13.72 17.10
C GLU B 517 33.75 14.79 16.01
N PRO B 518 34.51 15.89 16.17
CA PRO B 518 34.42 16.97 15.19
C PRO B 518 35.11 16.63 13.88
N TYR B 519 34.77 17.39 12.84
CA TYR B 519 35.32 17.18 11.51
C TYR B 519 35.05 18.41 10.65
N TRP B 520 36.03 18.77 9.84
CA TRP B 520 35.91 19.89 8.92
C TRP B 520 36.59 19.52 7.60
N PRO B 521 36.11 20.03 6.48
CA PRO B 521 36.86 19.91 5.23
C PRO B 521 38.15 20.72 5.30
N PRO B 522 38.94 20.74 4.23
CA PRO B 522 40.14 21.59 4.24
C PRO B 522 39.81 23.05 4.53
N ASP B 523 38.69 23.54 4.01
CA ASP B 523 38.17 24.86 4.35
C ASP B 523 36.83 24.67 5.05
N PHE B 524 36.79 25.01 6.34
CA PHE B 524 35.59 24.75 7.13
C PHE B 524 34.38 25.54 6.63
N ARG B 525 34.58 26.57 5.81
CA ARG B 525 33.45 27.27 5.23
C ARG B 525 32.61 26.39 4.33
N ASP B 526 33.17 25.30 3.79
CA ASP B 526 32.38 24.37 3.00
C ASP B 526 31.41 23.58 3.86
N LEU B 527 31.64 23.51 5.17
CA LEU B 527 30.80 22.71 6.06
C LEU B 527 29.47 23.43 6.24
N LEU B 528 28.39 22.80 5.77
CA LEU B 528 27.06 23.38 5.91
C LEU B 528 26.32 22.86 7.14
N GLY B 529 26.76 21.75 7.72
CA GLY B 529 26.14 21.26 8.94
C GLY B 529 26.08 19.74 8.92
N PHE B 530 25.49 19.20 9.97
CA PHE B 530 25.33 17.76 10.17
C PHE B 530 23.87 17.38 9.98
N MET B 531 23.64 16.25 9.32
CA MET B 531 22.32 15.67 9.16
C MET B 531 22.29 14.33 9.87
N LEU B 532 21.49 14.22 10.92
CA LEU B 532 21.45 13.04 11.78
C LEU B 532 20.20 12.24 11.44
N PHE B 533 20.40 10.96 11.14
CA PHE B 533 19.33 10.07 10.69
C PHE B 533 19.00 9.10 11.81
N TYR B 534 17.72 8.80 11.99
CA TYR B 534 17.33 7.77 12.93
C TYR B 534 15.96 7.22 12.59
N LYS B 535 15.71 5.99 13.05
CA LYS B 535 14.43 5.33 12.90
C LYS B 535 14.35 4.22 13.94
N GLU B 536 13.13 3.72 14.16
CA GLU B 536 12.97 2.57 15.03
C GLU B 536 13.43 1.32 14.31
N ALA B 537 14.31 0.55 14.96
CA ALA B 537 14.89 -0.65 14.36
C ALA B 537 14.93 -1.74 15.42
N PRO B 538 13.94 -2.63 15.45
CA PRO B 538 13.90 -3.66 16.50
C PRO B 538 14.90 -4.78 16.30
N TYR B 539 15.71 -4.76 15.25
CA TYR B 539 16.69 -5.80 14.98
C TYR B 539 18.02 -5.16 14.63
N GLN B 540 19.10 -5.92 14.86
CA GLN B 540 20.44 -5.44 14.57
C GLN B 540 20.74 -5.39 13.08
N ASN B 541 19.88 -5.94 12.23
CA ASN B 541 20.07 -5.94 10.79
C ASN B 541 19.25 -4.81 10.18
N VAL B 542 19.93 -3.91 9.46
CA VAL B 542 19.27 -2.81 8.79
C VAL B 542 20.11 -2.39 7.60
N THR B 543 19.44 -1.89 6.56
CA THR B 543 20.13 -1.43 5.37
C THR B 543 20.72 -0.05 5.62
N GLU B 544 21.95 0.16 5.16
CA GLU B 544 22.59 1.46 5.33
C GLU B 544 21.95 2.49 4.41
N PHE B 545 22.19 3.76 4.74
CA PHE B 545 21.63 4.84 3.95
C PHE B 545 22.14 4.77 2.52
N ASP B 546 21.26 5.08 1.57
CA ASP B 546 21.60 5.09 0.16
C ASP B 546 21.06 6.31 -0.58
N GLY B 547 20.21 7.11 0.06
CA GLY B 547 19.53 8.20 -0.62
C GLY B 547 18.15 7.78 -1.07
N GLN B 548 17.12 8.32 -0.42
CA GLN B 548 15.75 7.87 -0.66
C GLN B 548 14.79 8.96 -0.20
N ASP B 549 13.50 8.63 -0.23
CA ASP B 549 12.46 9.58 0.12
C ASP B 549 12.47 9.86 1.63
N ALA B 550 11.52 10.67 2.07
CA ALA B 550 11.39 11.08 3.45
C ALA B 550 10.04 10.72 4.06
N CYS B 551 9.28 9.86 3.40
CA CYS B 551 7.99 9.43 3.96
C CYS B 551 8.24 8.70 5.29
N GLY B 552 7.39 8.96 6.27
CA GLY B 552 7.63 8.46 7.61
C GLY B 552 7.38 6.97 7.79
N SER B 553 6.80 6.31 6.80
CA SER B 553 6.50 4.89 6.94
C SER B 553 7.78 4.07 7.12
N ASN B 554 8.82 4.37 6.35
CA ASN B 554 10.07 3.60 6.41
C ASN B 554 11.33 4.46 6.45
N SER B 555 11.29 5.71 6.01
CA SER B 555 12.51 6.48 5.84
C SER B 555 13.07 6.93 7.18
N TRP B 556 14.38 7.18 7.19
CA TRP B 556 15.03 7.76 8.36
C TRP B 556 14.43 9.12 8.66
N THR B 557 14.12 9.36 9.92
CA THR B 557 13.79 10.71 10.35
C THR B 557 15.06 11.54 10.41
N VAL B 558 15.01 12.75 9.85
CA VAL B 558 16.19 13.58 9.66
C VAL B 558 16.01 14.86 10.45
N VAL B 559 17.03 15.24 11.21
CA VAL B 559 17.10 16.52 11.89
C VAL B 559 18.36 17.23 11.42
N ASP B 560 18.20 18.44 10.90
CA ASP B 560 19.30 19.24 10.38
C ASP B 560 19.97 19.93 11.55
N ILE B 561 21.30 19.92 11.58
CA ILE B 561 22.08 20.43 12.69
C ILE B 561 23.05 21.47 12.16
N ASP B 562 23.10 22.63 12.83
CA ASP B 562 24.02 23.66 12.44
C ASP B 562 25.46 23.25 12.76
N PRO B 563 26.44 23.81 12.07
CA PRO B 563 27.83 23.40 12.30
C PRO B 563 28.28 23.76 13.71
N PRO B 564 29.32 23.12 14.23
CA PRO B 564 29.87 23.53 15.52
C PRO B 564 30.61 24.85 15.39
N LEU B 565 30.78 25.53 16.52
CA LEU B 565 31.49 26.79 16.53
C LEU B 565 32.96 26.58 16.16
N ARG B 566 33.52 27.56 15.47
CA ARG B 566 34.93 27.56 15.09
C ARG B 566 35.65 28.67 15.83
N SER B 567 36.33 28.31 16.92
CA SER B 567 37.05 29.29 17.73
C SER B 567 38.55 29.10 17.57
N ASN B 568 39.05 27.91 17.92
CA ASN B 568 40.48 27.62 17.80
C ASN B 568 40.69 26.12 17.81
N ASP B 569 41.95 25.69 17.96
CA ASP B 569 42.30 24.28 17.88
C ASP B 569 41.29 23.40 18.63
N PRO B 570 41.14 22.14 18.23
CA PRO B 570 40.11 21.30 18.85
C PRO B 570 40.24 21.16 20.36
N LYS B 571 41.44 21.28 20.92
CA LYS B 571 41.60 21.11 22.36
C LYS B 571 40.74 22.10 23.12
N SER B 572 40.40 23.24 22.52
CA SER B 572 39.50 24.21 23.13
C SER B 572 38.08 24.06 22.59
N GLN B 573 37.94 23.96 21.27
CA GLN B 573 36.62 23.83 20.67
C GLN B 573 36.00 22.50 21.03
N ASN B 574 34.74 22.53 21.47
CA ASN B 574 34.04 21.30 21.83
C ASN B 574 33.61 20.55 20.57
N HIS B 575 33.35 19.26 20.73
CA HIS B 575 32.85 18.47 19.62
C HIS B 575 31.39 18.83 19.34
N PRO B 576 30.91 18.60 18.12
CA PRO B 576 29.48 18.77 17.85
C PRO B 576 28.68 17.66 18.50
N GLY B 577 27.36 17.87 18.54
CA GLY B 577 26.49 16.88 19.14
C GLY B 577 25.05 17.26 18.95
N TRP B 578 24.18 16.39 19.46
CA TRP B 578 22.73 16.59 19.35
C TRP B 578 22.04 15.92 20.52
N LEU B 579 20.81 16.36 20.77
CA LEU B 579 19.95 15.79 21.81
C LEU B 579 18.59 15.48 21.18
N MET B 580 18.48 14.29 20.60
CA MET B 580 17.19 13.82 20.09
C MET B 580 16.26 13.54 21.27
N ARG B 581 14.97 13.74 21.04
CA ARG B 581 14.02 13.77 22.15
C ARG B 581 12.66 13.24 21.68
N GLY B 582 11.84 12.87 22.65
CA GLY B 582 10.50 12.38 22.35
C GLY B 582 10.44 10.91 21.97
N LEU B 583 11.43 10.12 22.35
CA LEU B 583 11.47 8.72 21.96
C LEU B 583 10.63 7.87 22.92
N LYS B 584 10.13 6.76 22.39
CA LYS B 584 9.49 5.77 23.22
C LYS B 584 10.55 4.98 23.99
N PRO B 585 10.32 4.67 25.26
CA PRO B 585 11.36 4.01 26.06
C PRO B 585 11.61 2.58 25.62
N TRP B 586 12.84 2.13 25.90
CA TRP B 586 13.21 0.72 25.89
C TRP B 586 13.34 0.14 24.49
N THR B 587 12.97 0.89 23.46
CA THR B 587 13.04 0.36 22.11
C THR B 587 14.38 0.75 21.48
N GLN B 588 14.72 0.04 20.40
CA GLN B 588 16.03 0.16 19.76
C GLN B 588 15.94 1.06 18.53
N TYR B 589 17.01 1.82 18.29
CA TYR B 589 17.09 2.73 17.16
C TYR B 589 18.47 2.65 16.53
N ALA B 590 18.53 2.97 15.24
CA ALA B 590 19.78 3.18 14.54
C ALA B 590 19.94 4.67 14.28
N ILE B 591 21.10 5.21 14.64
CA ILE B 591 21.25 6.66 14.77
C ILE B 591 22.46 7.16 13.99
N PHE B 592 22.76 6.54 12.85
CA PHE B 592 23.94 6.95 12.11
C PHE B 592 23.85 8.43 11.74
N VAL B 593 25.02 9.03 11.53
CA VAL B 593 25.13 10.45 11.22
C VAL B 593 25.94 10.62 9.94
N LYS B 594 25.69 11.72 9.24
CA LYS B 594 26.45 12.06 8.05
C LYS B 594 26.63 13.58 8.01
N THR B 595 27.68 14.01 7.32
CA THR B 595 27.93 15.43 7.17
C THR B 595 27.26 15.95 5.91
N LEU B 596 27.13 17.27 5.83
CA LEU B 596 26.59 17.96 4.67
C LEU B 596 27.56 19.06 4.27
N VAL B 597 27.94 19.09 3.00
CA VAL B 597 28.96 20.00 2.51
C VAL B 597 28.52 20.59 1.17
N THR B 598 29.14 21.70 0.82
CA THR B 598 28.87 22.35 -0.46
C THR B 598 29.68 21.68 -1.56
N PHE B 599 29.05 21.52 -2.73
CA PHE B 599 29.69 20.88 -3.86
C PHE B 599 30.40 21.92 -4.73
N SER B 600 31.48 21.48 -5.36
CA SER B 600 32.22 22.34 -6.28
C SER B 600 33.23 21.50 -7.03
N ASP B 601 33.44 21.84 -8.30
CA ASP B 601 34.48 21.19 -9.08
C ASP B 601 35.86 21.48 -8.50
N GLU B 602 36.01 22.60 -7.81
CA GLU B 602 37.31 23.00 -7.29
C GLU B 602 37.71 22.19 -6.06
N ARG B 603 36.75 21.59 -5.36
CA ARG B 603 37.00 21.09 -4.02
C ARG B 603 36.54 19.64 -3.89
N ARG B 604 37.01 19.00 -2.82
CA ARG B 604 36.88 17.56 -2.60
C ARG B 604 36.55 17.31 -1.14
N THR B 605 36.74 16.08 -0.67
CA THR B 605 36.25 15.64 0.64
C THR B 605 34.72 15.64 0.64
N TYR B 606 34.18 14.74 -0.18
CA TYR B 606 32.77 14.76 -0.53
C TYR B 606 31.87 14.60 0.69
N GLY B 607 32.41 14.20 1.83
CA GLY B 607 31.63 14.14 3.04
C GLY B 607 32.20 13.22 4.10
N ALA B 608 31.32 12.67 4.93
CA ALA B 608 31.70 11.80 6.03
C ALA B 608 30.45 11.18 6.64
N LYS B 609 30.54 9.91 7.05
CA LYS B 609 29.39 9.22 7.60
C LYS B 609 29.85 8.24 8.66
N SER B 610 29.17 8.26 9.81
CA SER B 610 29.47 7.34 10.89
C SER B 610 28.98 5.95 10.53
N ASP B 611 29.13 5.03 11.49
CA ASP B 611 28.58 3.70 11.33
C ASP B 611 27.08 3.73 11.60
N ILE B 612 26.49 2.53 11.68
CA ILE B 612 25.04 2.39 11.74
C ILE B 612 24.64 2.01 13.16
N ILE B 613 25.44 2.43 14.14
CA ILE B 613 25.33 1.94 15.50
C ILE B 613 23.88 1.90 15.98
N TYR B 614 23.60 0.94 16.85
CA TYR B 614 22.30 0.77 17.48
C TYR B 614 22.37 1.22 18.93
N VAL B 615 21.35 1.93 19.38
CA VAL B 615 21.16 2.19 20.81
C VAL B 615 19.67 2.10 21.10
N GLN B 616 19.35 1.89 22.38
CA GLN B 616 17.99 1.77 22.84
C GLN B 616 17.79 2.63 24.07
N THR B 617 16.66 3.34 24.11
CA THR B 617 16.37 4.19 25.26
C THR B 617 16.13 3.34 26.50
N ASP B 618 16.34 3.94 27.66
CA ASP B 618 16.15 3.22 28.90
C ASP B 618 14.67 2.90 29.12
N ALA B 619 14.42 1.80 29.83
CA ALA B 619 13.05 1.44 30.16
C ALA B 619 12.51 2.33 31.28
N THR B 620 11.20 2.28 31.46
CA THR B 620 10.55 3.02 32.53
C THR B 620 9.33 2.24 32.99
N ASN B 621 8.69 2.76 34.03
CA ASN B 621 7.59 2.04 34.65
C ASN B 621 6.47 1.79 33.63
N PRO B 622 5.82 0.62 33.66
CA PRO B 622 4.80 0.34 32.65
C PRO B 622 3.58 1.24 32.81
N SER B 623 2.74 1.23 31.78
CA SER B 623 1.46 1.90 31.85
C SER B 623 0.48 1.05 32.66
N VAL B 624 -0.73 1.57 32.82
CA VAL B 624 -1.74 0.87 33.64
C VAL B 624 -2.20 -0.38 32.90
N PRO B 625 -2.55 -1.46 33.60
CA PRO B 625 -3.09 -2.63 32.91
C PRO B 625 -4.44 -2.32 32.26
N LEU B 626 -4.80 -3.12 31.26
CA LEU B 626 -5.98 -2.88 30.46
C LEU B 626 -7.10 -3.87 30.78
N ASP B 627 -8.33 -3.36 30.76
CA ASP B 627 -9.52 -4.18 30.69
C ASP B 627 -9.65 -5.15 31.87
N PRO B 628 -9.84 -4.63 33.09
CA PRO B 628 -10.07 -5.52 34.24
C PRO B 628 -11.50 -6.06 34.21
N ILE B 629 -11.63 -7.38 34.19
CA ILE B 629 -12.92 -8.06 34.08
C ILE B 629 -13.14 -8.95 35.29
N SER B 630 -14.41 -9.16 35.64
CA SER B 630 -14.81 -9.97 36.78
C SER B 630 -15.92 -10.92 36.38
N VAL B 631 -15.93 -12.10 36.99
CA VAL B 631 -16.97 -13.08 36.74
C VAL B 631 -17.11 -13.99 37.95
N SER B 632 -18.35 -14.38 38.24
CA SER B 632 -18.68 -15.25 39.36
C SER B 632 -18.62 -16.73 38.98
N ASN B 633 -17.49 -17.19 38.44
CA ASN B 633 -17.41 -18.54 37.87
C ASN B 633 -17.55 -19.61 38.94
N SER B 634 -16.78 -19.54 40.01
CA SER B 634 -16.71 -20.61 41.00
C SER B 634 -17.10 -20.06 42.36
N SER B 635 -17.96 -20.81 43.05
CA SER B 635 -18.53 -20.32 44.31
C SER B 635 -17.48 -19.92 45.32
N SER B 636 -16.30 -20.56 45.29
CA SER B 636 -15.28 -20.27 46.28
C SER B 636 -14.80 -18.82 46.21
N GLN B 637 -14.62 -18.28 45.01
CA GLN B 637 -13.93 -17.01 44.87
C GLN B 637 -14.35 -16.30 43.60
N ILE B 638 -13.91 -15.04 43.50
CA ILE B 638 -14.03 -14.27 42.27
C ILE B 638 -13.01 -14.78 41.25
N ILE B 639 -13.40 -14.77 39.98
CA ILE B 639 -12.51 -15.11 38.87
C ILE B 639 -12.34 -13.86 38.02
N LEU B 640 -11.08 -13.50 37.76
CA LEU B 640 -10.76 -12.20 37.21
C LEU B 640 -9.77 -12.35 36.05
N LYS B 641 -10.00 -11.57 35.01
CA LYS B 641 -9.15 -11.54 33.83
C LYS B 641 -8.78 -10.10 33.52
N TRP B 642 -7.61 -9.91 32.92
CA TRP B 642 -7.16 -8.58 32.53
C TRP B 642 -6.39 -8.69 31.23
N LYS B 643 -5.93 -7.54 30.75
CA LYS B 643 -5.19 -7.42 29.50
C LYS B 643 -3.90 -6.68 29.78
N PRO B 644 -2.89 -6.85 28.92
CA PRO B 644 -1.58 -6.26 29.19
C PRO B 644 -1.65 -4.74 29.14
N PRO B 645 -0.72 -4.04 29.79
CA PRO B 645 -0.75 -2.58 29.76
C PRO B 645 -0.61 -2.06 28.33
N SER B 646 -1.24 -0.92 28.07
CA SER B 646 -1.23 -0.35 26.72
C SER B 646 0.20 -0.24 26.20
N ASP B 647 1.09 0.36 26.99
CA ASP B 647 2.50 0.43 26.66
C ASP B 647 3.30 -0.12 27.83
N PRO B 648 3.88 -1.32 27.75
CA PRO B 648 4.60 -1.87 28.90
C PRO B 648 5.80 -1.06 29.32
N ASN B 649 6.33 -0.20 28.44
CA ASN B 649 7.53 0.58 28.74
C ASN B 649 8.68 -0.32 29.17
N GLY B 650 8.76 -1.50 28.57
CA GLY B 650 9.74 -2.48 28.97
C GLY B 650 9.27 -3.87 28.59
N ASN B 651 10.11 -4.84 28.88
CA ASN B 651 9.77 -6.24 28.65
C ASN B 651 8.82 -6.69 29.75
N ILE B 652 7.52 -6.62 29.48
CA ILE B 652 6.53 -6.99 30.48
C ILE B 652 6.81 -8.40 30.98
N THR B 653 7.05 -8.52 32.28
CA THR B 653 7.47 -9.80 32.84
C THR B 653 6.68 -10.19 34.09
N HIS B 654 6.15 -9.20 34.82
CA HIS B 654 5.65 -9.44 36.17
C HIS B 654 4.40 -8.62 36.43
N TYR B 655 3.40 -9.26 37.02
CA TYR B 655 2.16 -8.61 37.42
C TYR B 655 1.94 -8.82 38.92
N LEU B 656 1.26 -7.87 39.55
CA LEU B 656 0.90 -7.95 40.95
C LEU B 656 -0.54 -7.50 41.12
N VAL B 657 -1.27 -8.15 42.04
CA VAL B 657 -2.69 -7.94 42.21
C VAL B 657 -3.00 -7.78 43.70
N PHE B 658 -3.84 -6.81 44.02
CA PHE B 658 -4.40 -6.65 45.36
C PHE B 658 -5.88 -6.98 45.33
N TRP B 659 -6.32 -7.84 46.25
CA TRP B 659 -7.73 -8.18 46.43
C TRP B 659 -8.17 -7.78 47.83
N GLU B 660 -8.77 -6.60 47.95
CA GLU B 660 -9.15 -6.06 49.24
C GLU B 660 -10.54 -6.55 49.61
N ARG B 661 -10.67 -7.17 50.79
CA ARG B 661 -11.95 -7.70 51.26
C ARG B 661 -12.71 -6.61 52.01
N GLN B 662 -13.41 -5.79 51.22
CA GLN B 662 -14.11 -4.63 51.77
C GLN B 662 -15.16 -5.07 52.79
N ALA B 663 -15.29 -4.28 53.86
CA ALA B 663 -16.36 -4.49 54.82
C ALA B 663 -17.67 -3.91 54.28
N GLU B 664 -18.78 -4.44 54.79
CA GLU B 664 -20.09 -4.00 54.34
C GLU B 664 -20.37 -2.58 54.85
N ASP B 665 -21.28 -1.89 54.17
CA ASP B 665 -21.55 -0.50 54.46
C ASP B 665 -22.14 -0.34 55.86
N SER B 666 -22.07 0.89 56.38
CA SER B 666 -22.39 1.13 57.77
C SER B 666 -23.89 0.94 58.04
N GLU B 667 -24.73 1.72 57.36
CA GLU B 667 -26.16 1.73 57.68
C GLU B 667 -26.80 0.36 57.52
N LEU B 668 -26.18 -0.54 56.76
CA LEU B 668 -26.81 -1.82 56.46
C LEU B 668 -27.03 -2.68 57.70
N PHE B 669 -26.20 -2.51 58.74
CA PHE B 669 -26.37 -3.32 59.95
C PHE B 669 -27.49 -2.82 60.85
N GLU B 670 -27.92 -1.56 60.72
CA GLU B 670 -28.93 -1.01 61.61
C GLU B 670 -30.16 -0.47 60.89
N LEU B 671 -30.05 0.02 59.66
CA LEU B 671 -31.20 0.62 58.98
C LEU B 671 -32.34 -0.38 58.90
N ASP B 672 -33.54 0.05 59.30
CA ASP B 672 -34.73 -0.79 59.28
C ASP B 672 -35.53 -0.45 58.02
N TYR B 673 -35.76 -1.45 57.18
CA TYR B 673 -36.42 -1.24 55.90
C TYR B 673 -37.92 -1.46 56.00
N CYS B 674 -38.41 -1.74 57.22
CA CYS B 674 -39.85 -1.79 57.44
C CYS B 674 -40.48 -0.40 57.41
N LEU B 675 -39.67 0.65 57.38
CA LEU B 675 -40.18 2.01 57.41
C LEU B 675 -40.96 2.32 56.13
N LYS B 676 -41.92 3.24 56.25
CA LYS B 676 -42.73 3.64 55.11
C LYS B 676 -41.85 4.25 54.02
N GLY B 677 -42.13 3.86 52.77
CA GLY B 677 -41.44 4.43 51.63
C GLY B 677 -40.06 3.85 51.38
N LEU B 678 -39.38 3.41 52.44
CA LEU B 678 -38.03 2.89 52.29
C LEU B 678 -38.07 1.59 51.50
N LYS B 679 -37.26 1.52 50.45
CA LYS B 679 -37.31 0.40 49.53
C LYS B 679 -36.66 -0.83 50.12
N LEU B 680 -36.98 -1.99 49.55
CA LEU B 680 -36.36 -3.24 49.97
C LEU B 680 -34.92 -3.27 49.45
N PRO B 681 -33.93 -3.49 50.30
CA PRO B 681 -32.54 -3.37 49.87
C PRO B 681 -32.10 -4.49 48.95
N SER B 682 -31.09 -4.17 48.12
CA SER B 682 -30.43 -5.15 47.28
C SER B 682 -29.00 -4.68 47.04
N ARG B 683 -28.14 -5.61 46.65
CA ARG B 683 -26.72 -5.31 46.48
C ARG B 683 -26.20 -5.94 45.20
N THR B 684 -25.26 -5.27 44.56
CA THR B 684 -24.63 -5.76 43.35
C THR B 684 -23.47 -4.85 42.94
N ARG B 784 -1.33 -8.57 54.76
CA ARG B 784 -2.32 -8.65 53.70
C ARG B 784 -1.98 -9.83 52.77
N PRO B 785 -3.01 -10.44 52.16
CA PRO B 785 -2.79 -11.68 51.40
C PRO B 785 -2.26 -11.48 49.99
N PHE B 786 -2.00 -10.25 49.57
CA PHE B 786 -1.70 -9.97 48.17
C PHE B 786 -0.38 -10.61 47.76
N GLU B 787 -0.27 -10.99 46.48
CA GLU B 787 0.87 -11.73 46.00
C GLU B 787 0.93 -11.67 44.47
N LYS B 788 2.16 -11.68 43.95
CA LYS B 788 2.41 -11.46 42.53
C LYS B 788 2.00 -12.67 41.70
N VAL B 789 2.02 -12.51 40.38
CA VAL B 789 1.61 -13.57 39.46
C VAL B 789 2.51 -13.59 38.23
N VAL B 790 2.61 -14.78 37.64
CA VAL B 790 3.40 -15.04 36.44
C VAL B 790 2.60 -14.64 35.20
N ASN B 791 3.24 -14.72 34.03
CA ASN B 791 2.66 -14.24 32.78
C ASN B 791 1.18 -14.57 32.63
N LYS B 792 0.71 -15.65 33.23
CA LYS B 792 -0.73 -15.96 33.21
C LYS B 792 -1.53 -14.70 33.54
N GLU B 793 -2.43 -14.31 32.63
CA GLU B 793 -3.14 -13.04 32.73
C GLU B 793 -4.50 -13.17 33.41
N SER B 794 -4.72 -14.24 34.18
CA SER B 794 -5.95 -14.41 34.94
C SER B 794 -5.60 -15.01 36.29
N LEU B 795 -6.46 -14.77 37.27
CA LEU B 795 -6.19 -15.19 38.64
C LEU B 795 -7.47 -15.59 39.34
N VAL B 796 -7.35 -16.53 40.26
CA VAL B 796 -8.42 -16.91 41.17
C VAL B 796 -7.80 -17.10 42.56
N ILE B 797 -8.60 -16.86 43.60
CA ILE B 797 -8.09 -16.86 44.97
C ILE B 797 -8.87 -17.94 45.73
N SER B 798 -8.43 -18.25 46.94
CA SER B 798 -9.12 -19.24 47.77
C SER B 798 -9.68 -18.58 49.02
N GLY B 799 -10.95 -18.88 49.30
CA GLY B 799 -11.60 -18.41 50.53
C GLY B 799 -12.32 -17.09 50.36
N LEU B 800 -13.63 -17.08 50.64
CA LEU B 800 -14.43 -15.87 50.57
C LEU B 800 -15.79 -16.14 51.18
N ARG B 801 -16.52 -15.06 51.44
CA ARG B 801 -17.87 -15.16 51.97
C ARG B 801 -18.86 -15.46 50.86
N HIS B 802 -20.15 -15.29 51.12
CA HIS B 802 -21.19 -15.40 50.11
C HIS B 802 -22.02 -14.13 50.12
N PHE B 803 -22.68 -13.85 49.00
CA PHE B 803 -23.24 -12.53 48.74
C PHE B 803 -22.14 -11.47 48.89
N THR B 804 -21.05 -11.74 48.18
CA THR B 804 -19.77 -11.10 48.46
C THR B 804 -19.15 -10.63 47.15
N GLY B 805 -17.87 -10.26 47.22
CA GLY B 805 -17.12 -9.72 46.08
C GLY B 805 -16.76 -8.29 46.41
N TYR B 806 -15.47 -7.97 46.26
CA TYR B 806 -14.96 -6.71 46.77
C TYR B 806 -13.94 -6.04 45.85
N ARG B 807 -13.24 -5.06 46.38
CA ARG B 807 -12.36 -4.18 45.62
C ARG B 807 -11.13 -4.95 45.16
N ILE B 808 -10.79 -4.81 43.89
CA ILE B 808 -9.54 -5.32 43.32
C ILE B 808 -8.76 -4.14 42.75
N GLU B 809 -7.46 -4.10 43.04
CA GLU B 809 -6.56 -3.16 42.39
C GLU B 809 -5.28 -3.91 42.01
N LEU B 810 -4.81 -3.69 40.79
CA LEU B 810 -3.71 -4.46 40.25
C LEU B 810 -2.86 -3.59 39.34
N GLN B 811 -1.59 -3.95 39.20
CA GLN B 811 -0.66 -3.26 38.32
C GLN B 811 0.25 -4.28 37.66
N ALA B 812 1.03 -3.81 36.69
CA ALA B 812 1.96 -4.64 35.94
C ALA B 812 3.38 -4.13 36.16
N CYS B 813 4.34 -5.04 35.96
CA CYS B 813 5.76 -4.72 36.16
C CYS B 813 6.56 -5.24 34.98
N ASN B 814 7.46 -4.42 34.48
CA ASN B 814 8.50 -4.86 33.54
C ASN B 814 9.78 -5.25 34.25
N GLN B 815 9.72 -5.42 35.57
CA GLN B 815 10.90 -5.75 36.37
C GLN B 815 10.47 -6.69 37.48
N PRO B 818 13.57 -7.42 43.03
CA PRO B 818 12.99 -6.71 44.19
C PRO B 818 12.85 -5.20 44.02
N GLU B 819 13.49 -4.60 43.02
CA GLU B 819 13.33 -3.16 42.82
C GLU B 819 11.87 -2.78 42.62
N GLU B 820 11.06 -3.69 42.09
CA GLU B 820 9.62 -3.48 41.97
C GLU B 820 9.31 -2.17 41.24
N ARG B 821 10.01 -1.94 40.12
CA ARG B 821 9.74 -0.77 39.30
C ARG B 821 8.46 -0.97 38.51
N CYS B 822 7.33 -1.06 39.21
CA CYS B 822 6.06 -1.38 38.59
C CYS B 822 5.27 -0.11 38.26
N ALA B 825 -1.76 1.12 39.99
CA ALA B 825 -2.72 0.02 40.02
C ALA B 825 -4.02 0.40 39.30
N ALA B 826 -4.45 -0.46 38.39
CA ALA B 826 -5.80 -0.36 37.85
C ALA B 826 -6.80 -0.80 38.92
N TYR B 827 -8.07 -0.43 38.71
CA TYR B 827 -9.09 -0.62 39.72
C TYR B 827 -10.31 -1.31 39.12
N VAL B 828 -10.89 -2.23 39.89
CA VAL B 828 -12.18 -2.84 39.56
C VAL B 828 -12.76 -3.44 40.83
N SER B 829 -14.06 -3.22 41.03
CA SER B 829 -14.80 -3.81 42.14
C SER B 829 -15.98 -4.57 41.56
N ALA B 830 -16.24 -5.77 42.08
CA ALA B 830 -17.29 -6.60 41.52
C ALA B 830 -17.79 -7.57 42.59
N ARG B 831 -19.11 -7.76 42.62
CA ARG B 831 -19.69 -8.82 43.44
C ARG B 831 -19.44 -10.18 42.81
N THR B 832 -19.60 -11.22 43.61
CA THR B 832 -19.52 -12.59 43.11
C THR B 832 -20.79 -13.33 43.50
N MET B 833 -20.79 -14.65 43.31
CA MET B 833 -22.00 -15.45 43.49
C MET B 833 -22.74 -15.06 44.76
N PRO B 834 -24.06 -15.21 44.76
CA PRO B 834 -24.81 -15.12 46.01
C PRO B 834 -24.58 -16.36 46.87
N GLU B 835 -25.40 -16.56 47.90
CA GLU B 835 -25.28 -17.73 48.75
C GLU B 835 -24.86 -18.97 47.96
N ALA B 836 -25.35 -19.12 46.73
CA ALA B 836 -24.94 -20.19 45.82
C ALA B 836 -25.57 -21.51 46.23
N LYS B 837 -26.22 -21.52 47.39
CA LYS B 837 -27.13 -22.59 47.76
C LYS B 837 -28.38 -21.91 48.31
N ALA B 838 -29.32 -22.69 48.86
CA ALA B 838 -30.48 -22.12 49.52
C ALA B 838 -30.18 -21.97 51.01
N ASP B 839 -30.27 -20.74 51.50
CA ASP B 839 -30.02 -20.51 52.92
C ASP B 839 -31.03 -21.26 53.77
N ASP B 840 -32.31 -20.88 53.70
CA ASP B 840 -33.38 -21.57 54.39
C ASP B 840 -32.94 -22.02 55.77
N ILE B 841 -32.32 -21.09 56.52
CA ILE B 841 -31.60 -21.48 57.73
C ILE B 841 -32.56 -22.07 58.75
N VAL B 842 -32.20 -23.24 59.28
CA VAL B 842 -32.96 -23.82 60.38
C VAL B 842 -32.64 -23.06 61.66
N GLY B 843 -33.60 -23.05 62.59
CA GLY B 843 -33.44 -22.31 63.82
C GLY B 843 -34.56 -22.58 64.81
N PRO B 844 -34.65 -21.74 65.86
CA PRO B 844 -35.69 -21.90 66.88
C PRO B 844 -37.08 -21.51 66.37
N VAL B 845 -37.54 -22.22 65.32
CA VAL B 845 -38.80 -21.89 64.69
C VAL B 845 -40.00 -22.24 65.58
N THR B 846 -39.77 -23.00 66.65
CA THR B 846 -40.89 -23.54 67.42
C THR B 846 -41.59 -22.45 68.22
N HIS B 847 -42.87 -22.69 68.48
CA HIS B 847 -43.67 -21.83 69.34
C HIS B 847 -43.74 -22.40 70.75
N GLU B 848 -44.12 -21.55 71.70
CA GLU B 848 -44.39 -21.99 73.07
C GLU B 848 -45.49 -21.09 73.62
N ILE B 849 -46.64 -21.68 73.94
CA ILE B 849 -47.82 -20.92 74.33
C ILE B 849 -47.82 -20.64 75.82
N PHE B 850 -47.19 -19.53 76.22
CA PHE B 850 -47.34 -19.06 77.59
C PHE B 850 -48.70 -18.40 77.80
N GLU B 851 -49.17 -17.66 76.79
CA GLU B 851 -50.45 -16.96 76.84
C GLU B 851 -50.68 -16.31 75.48
N ASN B 852 -51.91 -15.87 75.25
CA ASN B 852 -52.22 -15.21 74.00
C ASN B 852 -51.33 -14.00 73.80
N ASN B 853 -50.78 -13.88 72.60
CA ASN B 853 -49.81 -12.86 72.24
C ASN B 853 -48.45 -13.20 72.82
N VAL B 854 -48.37 -14.22 73.67
CA VAL B 854 -47.09 -14.81 74.05
C VAL B 854 -47.06 -16.22 73.51
N VAL B 855 -46.59 -16.37 72.27
CA VAL B 855 -46.49 -17.67 71.62
C VAL B 855 -45.05 -18.11 71.44
N HIS B 856 -44.09 -17.23 71.72
CA HIS B 856 -42.68 -17.56 71.83
C HIS B 856 -42.09 -18.08 70.53
N LEU B 857 -42.54 -17.56 69.38
CA LEU B 857 -41.92 -17.89 68.12
C LEU B 857 -40.61 -17.12 67.96
N MET B 858 -39.53 -17.82 67.61
CA MET B 858 -38.23 -17.17 67.48
C MET B 858 -37.60 -17.58 66.16
N TRP B 859 -36.57 -16.84 65.77
CA TRP B 859 -35.75 -17.16 64.61
C TRP B 859 -34.32 -16.76 64.95
N GLN B 860 -33.36 -17.31 64.20
CA GLN B 860 -31.95 -17.08 64.47
C GLN B 860 -31.28 -16.46 63.26
N GLU B 861 -30.11 -15.89 63.50
CA GLU B 861 -29.41 -15.12 62.49
C GLU B 861 -28.78 -16.03 61.44
N PRO B 862 -28.84 -15.69 60.16
CA PRO B 862 -28.04 -16.43 59.16
C PRO B 862 -26.64 -15.83 59.07
N LYS B 863 -25.63 -16.69 59.22
CA LYS B 863 -24.23 -16.26 59.23
C LYS B 863 -23.43 -16.72 58.03
N GLU B 864 -23.77 -17.83 57.39
CA GLU B 864 -22.98 -18.30 56.25
C GLU B 864 -22.95 -17.26 55.14
N PRO B 865 -24.09 -16.69 54.70
CA PRO B 865 -24.02 -15.54 53.80
C PRO B 865 -23.53 -14.30 54.54
N ASN B 866 -23.52 -13.15 53.88
CA ASN B 866 -23.07 -11.93 54.55
C ASN B 866 -23.94 -11.56 55.74
N GLY B 867 -25.13 -12.14 55.87
CA GLY B 867 -25.97 -11.91 57.03
C GLY B 867 -26.77 -10.63 56.99
N LEU B 868 -26.70 -9.86 55.90
CA LEU B 868 -27.49 -8.63 55.76
C LEU B 868 -28.93 -9.03 55.48
N ILE B 869 -29.57 -9.58 56.50
CA ILE B 869 -30.94 -10.06 56.38
C ILE B 869 -31.83 -8.89 55.97
N VAL B 870 -32.53 -9.05 54.85
CA VAL B 870 -33.44 -8.00 54.41
C VAL B 870 -34.75 -8.05 55.20
N LEU B 871 -35.17 -9.24 55.63
CA LEU B 871 -36.37 -9.37 56.46
C LEU B 871 -36.55 -10.83 56.85
N TYR B 872 -37.36 -11.04 57.89
CA TYR B 872 -37.93 -12.33 58.19
C TYR B 872 -39.44 -12.22 58.02
N GLU B 873 -40.00 -13.05 57.15
CA GLU B 873 -41.44 -12.99 56.89
C GLU B 873 -42.19 -13.68 58.02
N VAL B 874 -43.11 -12.94 58.65
CA VAL B 874 -43.96 -13.47 59.71
C VAL B 874 -45.39 -13.49 59.19
N SER B 875 -45.99 -14.67 59.18
CA SER B 875 -47.36 -14.85 58.72
C SER B 875 -48.15 -15.56 59.81
N TYR B 876 -49.46 -15.29 59.83
CA TYR B 876 -50.37 -15.83 60.83
C TYR B 876 -51.51 -16.55 60.12
N ARG B 877 -51.15 -17.42 59.18
CA ARG B 877 -52.14 -18.18 58.42
C ARG B 877 -53.03 -18.99 59.35
N ASP B 881 -57.07 -18.26 54.92
CA ASP B 881 -56.71 -16.89 55.30
C ASP B 881 -55.40 -16.42 54.66
N GLU B 882 -54.82 -17.23 53.78
CA GLU B 882 -53.76 -16.82 52.87
C GLU B 882 -52.66 -16.02 53.58
N GLU B 883 -52.04 -16.65 54.58
CA GLU B 883 -50.76 -16.22 55.11
C GLU B 883 -50.65 -14.69 55.23
N LEU B 884 -51.60 -14.10 55.95
CA LEU B 884 -51.47 -12.69 56.31
C LEU B 884 -50.12 -12.48 56.97
N HIS B 885 -49.36 -11.51 56.47
CA HIS B 885 -47.92 -11.45 56.68
C HIS B 885 -47.54 -10.23 57.52
N LEU B 886 -46.29 -10.24 57.98
CA LEU B 886 -45.69 -9.17 58.76
C LEU B 886 -44.21 -9.06 58.42
N CYS B 887 -43.64 -7.88 58.64
CA CYS B 887 -42.20 -7.71 58.49
C CYS B 887 -41.53 -7.66 59.87
N VAL B 888 -40.26 -8.01 59.91
CA VAL B 888 -39.50 -8.12 61.14
C VAL B 888 -38.42 -7.04 61.15
N SER B 889 -38.31 -6.33 62.26
CA SER B 889 -37.25 -5.34 62.42
C SER B 889 -35.90 -6.03 62.41
N ARG B 890 -34.91 -5.36 61.83
CA ARG B 890 -33.64 -6.04 61.55
C ARG B 890 -32.85 -6.34 62.81
N LYS B 891 -33.02 -5.52 63.86
CA LYS B 891 -32.32 -5.76 65.12
C LYS B 891 -33.21 -5.63 66.35
N HIS B 892 -34.39 -5.03 66.25
CA HIS B 892 -35.32 -5.08 67.37
C HIS B 892 -35.77 -6.52 67.62
N PHE B 893 -35.83 -7.32 66.55
CA PHE B 893 -36.06 -8.75 66.72
C PHE B 893 -34.90 -9.39 67.46
N ALA B 894 -33.67 -9.00 67.12
CA ALA B 894 -32.49 -9.60 67.73
C ALA B 894 -32.33 -9.21 69.19
N LEU B 895 -32.88 -8.07 69.60
CA LEU B 895 -32.83 -7.68 71.01
C LEU B 895 -33.21 -8.86 71.90
N GLU B 896 -34.49 -9.26 71.86
CA GLU B 896 -34.88 -10.56 72.38
C GLU B 896 -36.12 -11.05 71.64
N ARG B 897 -35.92 -11.82 70.57
CA ARG B 897 -36.98 -12.27 69.67
C ARG B 897 -38.09 -11.23 69.55
N GLY B 898 -37.73 -9.97 69.30
CA GLY B 898 -38.70 -8.91 69.22
C GLY B 898 -39.49 -8.96 67.92
N CYS B 899 -40.49 -8.08 67.86
CA CYS B 899 -41.38 -7.96 66.71
C CYS B 899 -42.19 -9.22 66.44
N ARG B 900 -42.43 -10.01 67.49
CA ARG B 900 -43.25 -11.22 67.34
C ARG B 900 -44.69 -10.84 67.02
N LEU B 901 -45.39 -11.74 66.34
CA LEU B 901 -46.80 -11.52 66.05
C LEU B 901 -47.61 -11.49 67.33
N ARG B 902 -48.82 -10.94 67.24
CA ARG B 902 -49.61 -10.64 68.42
C ARG B 902 -51.08 -10.91 68.14
N GLY B 903 -51.83 -11.16 69.21
CA GLY B 903 -53.28 -11.28 69.12
C GLY B 903 -53.77 -12.43 68.28
N LEU B 904 -53.54 -13.66 68.74
CA LEU B 904 -53.95 -14.83 67.97
C LEU B 904 -55.35 -15.27 68.35
N SER B 905 -55.98 -15.99 67.43
CA SER B 905 -57.29 -16.57 67.64
C SER B 905 -57.17 -18.08 67.83
N PRO B 906 -58.14 -18.71 68.50
CA PRO B 906 -58.08 -20.18 68.63
C PRO B 906 -58.21 -20.85 67.27
N GLY B 907 -57.59 -22.03 67.18
CA GLY B 907 -57.62 -22.83 65.98
C GLY B 907 -56.25 -22.96 65.33
N ASN B 908 -56.23 -23.76 64.27
CA ASN B 908 -54.98 -24.02 63.56
C ASN B 908 -54.37 -22.73 63.04
N TYR B 909 -53.05 -22.62 63.16
CA TYR B 909 -52.29 -21.52 62.58
C TYR B 909 -51.01 -22.06 61.98
N SER B 910 -50.53 -21.40 60.93
CA SER B 910 -49.37 -21.89 60.19
C SER B 910 -48.53 -20.71 59.73
N VAL B 911 -47.26 -21.00 59.42
CA VAL B 911 -46.32 -19.99 58.94
C VAL B 911 -45.09 -20.69 58.38
N ARG B 912 -44.52 -20.10 57.33
CA ARG B 912 -43.19 -20.47 56.85
C ARG B 912 -42.37 -19.20 56.73
N ILE B 913 -41.29 -19.12 57.51
CA ILE B 913 -40.53 -17.89 57.66
C ILE B 913 -39.61 -17.72 56.45
N ARG B 914 -39.67 -16.53 55.86
CA ARG B 914 -38.77 -16.16 54.76
C ARG B 914 -37.57 -15.43 55.36
N ALA B 915 -36.58 -16.20 55.81
CA ALA B 915 -35.35 -15.62 56.32
C ALA B 915 -34.59 -15.11 55.10
N THR B 916 -34.95 -13.90 54.68
CA THR B 916 -34.65 -13.41 53.34
C THR B 916 -33.29 -12.72 53.32
N SER B 917 -32.45 -13.15 52.39
CA SER B 917 -31.17 -12.49 52.13
C SER B 917 -31.37 -11.44 51.04
N LEU B 918 -30.26 -10.93 50.51
CA LEU B 918 -30.35 -9.93 49.45
C LEU B 918 -31.15 -10.45 48.27
N ALA B 919 -30.93 -11.70 47.88
CA ALA B 919 -31.71 -12.28 46.79
C ALA B 919 -33.08 -12.72 47.26
N GLY B 920 -33.14 -13.59 48.26
CA GLY B 920 -34.41 -14.02 48.82
C GLY B 920 -35.27 -14.84 47.89
N ASN B 921 -34.67 -15.53 46.92
CA ASN B 921 -35.48 -16.33 45.99
C ASN B 921 -36.25 -17.42 46.72
N GLY B 922 -35.61 -18.12 47.64
CA GLY B 922 -36.28 -19.11 48.46
C GLY B 922 -36.46 -18.63 49.88
N SER B 923 -35.60 -19.11 50.78
CA SER B 923 -35.52 -18.58 52.14
C SER B 923 -36.72 -18.99 53.00
N TRP B 924 -37.66 -19.74 52.42
CA TRP B 924 -38.85 -20.15 53.16
C TRP B 924 -38.56 -21.40 53.99
N THR B 925 -39.06 -21.41 55.22
CA THR B 925 -39.02 -22.60 56.05
C THR B 925 -40.22 -23.49 55.73
N GLU B 926 -40.34 -24.57 56.47
CA GLU B 926 -41.50 -25.44 56.31
C GLU B 926 -42.76 -24.69 56.74
N PRO B 927 -43.88 -24.86 56.04
CA PRO B 927 -45.13 -24.24 56.51
C PRO B 927 -45.66 -24.96 57.74
N THR B 928 -44.93 -24.85 58.84
CA THR B 928 -45.33 -25.50 60.08
C THR B 928 -46.64 -24.92 60.59
N TYR B 929 -47.46 -25.77 61.20
CA TYR B 929 -48.76 -25.36 61.69
C TYR B 929 -49.00 -25.98 63.07
N PHE B 930 -49.88 -25.34 63.84
CA PHE B 930 -50.16 -25.76 65.20
C PHE B 930 -51.61 -25.44 65.53
N TYR B 931 -52.18 -26.23 66.44
CA TYR B 931 -53.55 -26.04 66.91
C TYR B 931 -53.53 -25.10 68.11
N VAL B 932 -54.01 -23.88 67.91
CA VAL B 932 -53.96 -22.87 68.95
C VAL B 932 -55.08 -23.14 69.95
N THR B 933 -54.74 -23.14 71.24
CA THR B 933 -55.71 -23.41 72.30
C THR B 933 -56.05 -22.18 73.12
N ASP B 934 -55.66 -20.98 72.65
CA ASP B 934 -55.80 -19.72 73.39
C ASP B 934 -56.02 -19.90 74.88
N CYS C 335 -7.25 39.85 12.73
CA CYS C 335 -6.87 41.20 13.23
C CYS C 335 -5.36 41.38 13.19
N PRO C 336 -4.89 42.63 13.19
CA PRO C 336 -3.44 42.87 13.10
C PRO C 336 -2.69 42.20 14.24
N LYS C 337 -1.54 41.62 13.91
CA LYS C 337 -0.63 41.04 14.90
C LYS C 337 0.81 41.32 14.43
N VAL C 338 1.36 42.45 14.86
CA VAL C 338 2.71 42.80 14.48
C VAL C 338 3.69 41.87 15.19
N CYS C 339 4.61 41.29 14.43
CA CYS C 339 5.47 40.22 14.93
C CYS C 339 6.92 40.56 14.64
N HIS C 340 7.79 40.27 15.60
CA HIS C 340 9.21 40.54 15.47
C HIS C 340 9.99 39.42 16.15
N LEU C 341 11.20 39.17 15.66
CA LEU C 341 11.98 38.03 16.09
C LEU C 341 13.41 38.45 16.39
N LEU C 342 14.06 37.71 17.29
CA LEU C 342 15.47 37.93 17.56
C LEU C 342 16.29 37.59 16.32
N GLU C 343 17.07 38.55 15.85
CA GLU C 343 17.85 38.45 14.61
C GLU C 343 16.96 38.42 13.37
N GLY C 344 15.64 38.42 13.54
CA GLY C 344 14.72 38.49 12.42
C GLY C 344 14.55 37.20 11.64
N GLU C 345 15.52 36.30 11.71
CA GLU C 345 15.54 35.11 10.87
C GLU C 345 15.19 33.88 11.67
N LYS C 346 14.22 33.11 11.16
CA LYS C 346 13.83 31.83 11.74
C LYS C 346 13.90 30.76 10.66
N THR C 347 14.54 29.63 10.99
CA THR C 347 14.61 28.49 10.07
C THR C 347 13.50 27.52 10.45
N ILE C 348 12.31 27.78 9.90
CA ILE C 348 11.14 26.96 10.23
C ILE C 348 11.42 25.51 9.86
N ASP C 349 10.87 24.61 10.66
CA ASP C 349 10.96 23.17 10.44
C ASP C 349 9.56 22.60 10.24
N SER C 350 9.47 21.27 10.21
CA SER C 350 8.21 20.61 9.85
C SER C 350 7.07 21.05 10.77
N VAL C 351 7.18 20.77 12.06
CA VAL C 351 6.12 21.10 13.01
C VAL C 351 6.70 21.99 14.11
N THR C 352 7.79 21.53 14.73
CA THR C 352 8.44 22.33 15.77
C THR C 352 8.90 23.65 15.19
N SER C 353 8.75 24.72 15.98
CA SER C 353 9.16 26.06 15.58
C SER C 353 8.17 26.68 14.60
N ALA C 354 7.17 25.90 14.17
CA ALA C 354 6.15 26.46 13.29
C ALA C 354 5.13 27.29 14.08
N GLN C 355 4.84 26.90 15.32
CA GLN C 355 3.83 27.59 16.11
C GLN C 355 4.21 29.03 16.41
N GLU C 356 5.49 29.38 16.35
CA GLU C 356 5.92 30.71 16.79
C GLU C 356 5.26 31.80 15.96
N LEU C 357 5.18 31.61 14.65
CA LEU C 357 4.59 32.61 13.76
C LEU C 357 3.07 32.53 13.72
N ARG C 358 2.46 31.68 14.54
CA ARG C 358 1.01 31.53 14.55
C ARG C 358 0.33 32.89 14.73
N GLY C 359 -0.41 33.31 13.71
CA GLY C 359 -1.12 34.57 13.77
C GLY C 359 -0.28 35.79 13.50
N CYS C 360 1.04 35.64 13.38
CA CYS C 360 1.90 36.78 13.13
C CYS C 360 1.65 37.32 11.71
N THR C 361 2.02 38.59 11.52
CA THR C 361 1.92 39.23 10.21
C THR C 361 2.86 40.42 10.20
N VAL C 362 3.04 41.00 9.01
CA VAL C 362 3.98 42.09 8.77
C VAL C 362 5.28 41.80 9.52
N ILE C 363 5.83 40.61 9.30
CA ILE C 363 6.97 40.14 10.08
C ILE C 363 8.13 41.11 9.92
N ASN C 364 8.76 41.47 11.04
CA ASN C 364 10.00 42.23 11.03
C ASN C 364 11.15 41.24 11.11
N GLY C 365 11.46 40.60 9.99
CA GLY C 365 12.47 39.56 9.97
C GLY C 365 12.49 38.86 8.63
N SER C 366 12.92 37.60 8.66
CA SER C 366 13.04 36.80 7.46
C SER C 366 12.80 35.34 7.84
N LEU C 367 12.62 34.51 6.81
CA LEU C 367 12.36 33.08 7.01
C LEU C 367 13.17 32.26 6.02
N ILE C 368 13.45 31.02 6.41
CA ILE C 368 14.15 30.08 5.54
C ILE C 368 13.30 28.87 5.17
N ILE C 369 12.32 28.50 6.00
CA ILE C 369 11.38 27.42 5.72
C ILE C 369 12.10 26.22 5.14
N ASN C 370 12.95 25.58 5.94
CA ASN C 370 13.68 24.39 5.53
C ASN C 370 13.04 23.09 6.02
N ILE C 371 11.98 22.64 5.36
CA ILE C 371 11.28 21.43 5.77
C ILE C 371 11.65 20.30 4.83
N ARG C 372 12.10 19.17 5.39
CA ARG C 372 12.45 18.01 4.60
C ARG C 372 11.94 16.72 5.25
N GLY C 373 10.76 16.77 5.83
CA GLY C 373 10.18 15.57 6.44
C GLY C 373 8.90 15.93 7.17
N GLY C 374 8.35 14.91 7.82
CA GLY C 374 7.14 15.06 8.60
C GLY C 374 5.93 14.42 7.96
N ASN C 375 4.76 14.92 8.37
CA ASN C 375 3.50 14.46 7.81
C ASN C 375 2.44 15.53 8.05
N ASN C 376 1.42 15.54 7.19
CA ASN C 376 0.35 16.53 7.27
C ASN C 376 0.94 17.93 7.35
N LEU C 377 1.86 18.23 6.44
CA LEU C 377 2.57 19.50 6.49
C LEU C 377 1.69 20.64 5.99
N ALA C 378 0.88 20.37 4.96
CA ALA C 378 0.13 21.45 4.33
C ALA C 378 -0.86 22.10 5.31
N ALA C 379 -1.68 21.30 5.97
CA ALA C 379 -2.67 21.84 6.89
C ALA C 379 -1.99 22.47 8.10
N GLU C 380 -0.99 21.77 8.67
CA GLU C 380 -0.30 22.30 9.83
C GLU C 380 0.33 23.65 9.54
N LEU C 381 1.04 23.77 8.42
CA LEU C 381 1.65 25.05 8.08
C LEU C 381 0.60 26.12 7.85
N GLU C 382 -0.51 25.76 7.19
CA GLU C 382 -1.64 26.67 7.10
C GLU C 382 -2.10 27.10 8.48
N ALA C 383 -2.28 26.14 9.38
CA ALA C 383 -2.78 26.43 10.72
C ALA C 383 -1.85 27.33 11.51
N ASN C 384 -0.57 27.38 11.17
CA ASN C 384 0.40 28.23 11.87
C ASN C 384 0.81 29.40 10.99
N LEU C 385 1.26 29.14 9.75
CA LEU C 385 1.77 30.19 8.88
C LEU C 385 0.75 30.61 7.84
N GLY C 386 -0.40 29.94 7.76
CA GLY C 386 -1.40 30.32 6.79
C GLY C 386 -2.02 31.69 6.99
N LEU C 387 -1.56 32.46 7.96
CA LEU C 387 -2.16 33.75 8.29
C LEU C 387 -1.25 34.94 8.01
N ILE C 388 -0.07 34.72 7.43
CA ILE C 388 0.83 35.83 7.17
C ILE C 388 0.32 36.63 5.97
N GLU C 389 0.34 37.96 6.09
CA GLU C 389 -0.05 38.83 5.00
C GLU C 389 1.13 39.59 4.43
N GLU C 390 2.17 39.84 5.22
CA GLU C 390 3.32 40.59 4.75
C GLU C 390 4.54 40.20 5.57
N ILE C 391 5.71 40.32 4.94
CA ILE C 391 6.99 39.99 5.58
C ILE C 391 8.03 41.00 5.09
N SER C 392 8.86 41.46 6.01
CA SER C 392 9.95 42.37 5.68
C SER C 392 11.21 41.57 5.41
N GLY C 393 12.34 42.26 5.28
CA GLY C 393 13.59 41.59 5.00
C GLY C 393 13.56 40.83 3.70
N TYR C 394 13.65 39.51 3.77
CA TYR C 394 13.61 38.68 2.58
C TYR C 394 13.14 37.29 2.96
N LEU C 395 12.71 36.54 1.94
CA LEU C 395 12.15 35.20 2.12
C LEU C 395 12.97 34.20 1.34
N LYS C 396 13.45 33.17 2.02
CA LYS C 396 14.21 32.09 1.41
C LYS C 396 13.54 30.76 1.67
N ILE C 397 13.49 29.92 0.64
CA ILE C 397 13.06 28.53 0.77
C ILE C 397 14.19 27.69 0.20
N ARG C 398 14.80 26.86 1.04
CA ARG C 398 16.06 26.20 0.74
C ARG C 398 15.90 24.69 0.90
N ARG C 399 16.13 23.96 -0.18
CA ARG C 399 16.16 22.50 -0.18
C ARG C 399 15.04 21.89 0.66
N SER C 400 13.86 22.48 0.62
CA SER C 400 12.70 21.86 1.24
C SER C 400 12.24 20.70 0.38
N TYR C 401 12.04 19.54 1.01
CA TYR C 401 11.78 18.33 0.24
C TYR C 401 10.29 18.11 -0.03
N ALA C 402 9.47 18.14 1.02
CA ALA C 402 8.09 17.71 0.91
C ALA C 402 7.13 18.81 0.47
N LEU C 403 7.60 20.04 0.32
CA LEU C 403 6.72 21.15 -0.04
C LEU C 403 6.46 21.11 -1.54
N VAL C 404 5.27 20.62 -1.90
CA VAL C 404 4.90 20.55 -3.31
C VAL C 404 4.48 21.91 -3.85
N SER C 405 4.02 22.82 -2.99
CA SER C 405 3.61 24.14 -3.45
C SER C 405 3.43 25.05 -2.25
N LEU C 406 3.55 26.35 -2.50
CA LEU C 406 3.38 27.37 -1.48
C LEU C 406 1.93 27.84 -1.36
N SER C 407 0.96 27.03 -1.77
CA SER C 407 -0.43 27.41 -1.60
C SER C 407 -0.75 27.69 -0.14
N PHE C 408 -0.10 26.97 0.78
CA PHE C 408 -0.25 27.27 2.20
C PHE C 408 0.35 28.62 2.57
N PHE C 409 1.12 29.22 1.66
CA PHE C 409 1.61 30.58 1.83
C PHE C 409 0.69 31.62 1.20
N ARG C 410 -0.47 31.18 0.68
CA ARG C 410 -1.25 32.05 -0.21
C ARG C 410 -1.60 33.39 0.40
N LYS C 411 -1.86 33.44 1.72
CA LYS C 411 -2.24 34.71 2.32
C LYS C 411 -1.13 35.74 2.17
N LEU C 412 0.12 35.31 2.10
CA LEU C 412 1.22 36.22 1.81
C LEU C 412 0.92 36.95 0.51
N ARG C 413 0.83 38.27 0.56
CA ARG C 413 0.51 39.06 -0.63
C ARG C 413 1.35 40.32 -0.78
N LEU C 414 2.21 40.63 0.19
CA LEU C 414 3.18 41.72 0.07
C LEU C 414 4.40 41.35 0.89
N ILE C 415 5.52 42.01 0.59
CA ILE C 415 6.73 41.89 1.40
C ILE C 415 7.49 43.21 1.32
N ARG C 416 7.98 43.67 2.47
CA ARG C 416 8.79 44.88 2.51
C ARG C 416 10.19 44.55 2.04
N GLY C 417 10.37 44.39 0.73
CA GLY C 417 11.65 43.97 0.20
C GLY C 417 12.76 44.94 0.55
N GLU C 418 13.91 44.38 0.92
CA GLU C 418 15.10 45.17 1.24
C GLU C 418 16.31 44.29 1.06
N THR C 419 17.48 44.93 1.01
CA THR C 419 18.73 44.22 0.73
C THR C 419 19.12 43.41 1.98
N LEU C 420 18.39 42.31 2.19
CA LEU C 420 18.68 41.40 3.29
C LEU C 420 19.16 40.04 2.80
N GLU C 421 19.72 39.98 1.59
CA GLU C 421 20.26 38.73 1.06
C GLU C 421 21.30 39.06 0.00
N ILE C 422 22.23 38.13 -0.21
CA ILE C 422 23.29 38.30 -1.18
C ILE C 422 22.67 38.61 -2.54
N GLY C 423 23.39 39.37 -3.37
CA GLY C 423 22.91 39.71 -4.69
C GLY C 423 21.63 40.53 -4.66
N ASN C 424 21.33 41.11 -3.50
CA ASN C 424 20.13 41.93 -3.32
C ASN C 424 18.87 41.12 -3.57
N TYR C 425 18.93 39.81 -3.39
CA TYR C 425 17.77 38.96 -3.59
C TYR C 425 16.69 39.25 -2.56
N SER C 426 15.44 39.05 -2.97
CA SER C 426 14.30 39.17 -2.08
C SER C 426 13.56 37.86 -1.86
N PHE C 427 13.25 37.14 -2.93
CA PHE C 427 12.67 35.80 -2.83
C PHE C 427 13.67 34.81 -3.40
N TYR C 428 13.87 33.71 -2.67
CA TYR C 428 15.02 32.84 -2.92
C TYR C 428 14.58 31.40 -2.75
N ALA C 429 14.51 30.67 -3.87
CA ALA C 429 14.12 29.26 -3.88
C ALA C 429 15.28 28.45 -4.45
N LEU C 430 15.61 27.34 -3.81
CA LEU C 430 16.79 26.56 -4.18
C LEU C 430 16.63 25.11 -3.75
N ASN C 432 14.71 22.78 -4.25
CA ASN C 432 13.40 22.24 -3.90
C ASN C 432 13.12 21.04 -4.79
N GLN C 433 13.06 19.85 -4.20
CA GLN C 433 12.99 18.64 -4.98
C GLN C 433 11.62 18.42 -5.61
N ASN C 434 10.55 18.65 -4.85
CA ASN C 434 9.20 18.31 -5.30
C ASN C 434 8.30 19.52 -5.46
N LEU C 435 8.86 20.73 -5.51
CA LEU C 435 8.03 21.91 -5.66
C LEU C 435 7.33 21.88 -7.01
N ARG C 436 6.02 22.13 -7.00
CA ARG C 436 5.19 22.04 -8.20
C ARG C 436 4.68 23.39 -8.67
N GLN C 437 4.05 24.18 -7.79
CA GLN C 437 3.58 25.50 -8.15
C GLN C 437 3.77 26.43 -6.96
N LEU C 438 3.88 27.72 -7.25
CA LEU C 438 4.00 28.71 -6.19
C LEU C 438 2.62 29.08 -5.65
N TRP C 439 1.77 29.64 -6.50
CA TRP C 439 0.42 30.03 -6.11
C TRP C 439 -0.46 30.08 -7.34
N ASP C 440 -1.77 30.08 -7.12
CA ASP C 440 -2.73 30.23 -8.21
C ASP C 440 -2.65 31.66 -8.72
N TRP C 441 -1.91 31.87 -9.80
CA TRP C 441 -1.63 33.22 -10.27
C TRP C 441 -2.87 33.93 -10.80
N SER C 442 -3.98 33.20 -11.00
CA SER C 442 -5.21 33.85 -11.43
C SER C 442 -5.94 34.50 -10.25
N LYS C 443 -5.53 34.20 -9.01
CA LYS C 443 -6.33 34.56 -7.86
C LYS C 443 -5.87 35.86 -7.18
N HIS C 444 -4.58 35.97 -6.86
CA HIS C 444 -4.11 37.15 -6.14
C HIS C 444 -2.78 37.63 -6.71
N ASN C 445 -2.57 38.94 -6.62
CA ASN C 445 -1.29 39.52 -6.99
C ASN C 445 -0.30 39.41 -5.82
N LEU C 446 0.91 39.91 -6.05
CA LEU C 446 1.94 39.91 -5.02
C LEU C 446 2.82 41.13 -5.22
N THR C 447 3.01 41.90 -4.16
CA THR C 447 3.76 43.16 -4.22
C THR C 447 5.16 42.95 -3.67
N ILE C 448 6.17 43.33 -4.44
CA ILE C 448 7.57 43.23 -4.05
C ILE C 448 8.18 44.62 -4.07
N THR C 449 8.76 45.02 -2.94
CA THR C 449 9.32 46.37 -2.84
C THR C 449 10.49 46.53 -3.80
N GLN C 450 11.40 45.56 -3.84
CA GLN C 450 12.62 45.66 -4.62
C GLN C 450 13.38 44.35 -4.53
N GLY C 451 14.43 44.23 -5.32
CA GLY C 451 15.32 43.10 -5.25
C GLY C 451 15.05 42.06 -6.34
N LYS C 452 16.08 41.25 -6.60
CA LYS C 452 16.00 40.20 -7.60
C LYS C 452 15.32 38.96 -7.02
N LEU C 453 15.28 37.90 -7.82
CA LEU C 453 14.73 36.61 -7.40
C LEU C 453 15.66 35.50 -7.85
N PHE C 454 15.62 34.39 -7.12
CA PHE C 454 16.53 33.27 -7.32
C PHE C 454 15.74 31.98 -7.47
N PHE C 455 16.01 31.24 -8.54
CA PHE C 455 15.34 29.96 -8.82
C PHE C 455 16.38 29.03 -9.43
N HIS C 456 16.84 28.06 -8.65
CA HIS C 456 17.79 27.06 -9.13
C HIS C 456 17.41 25.69 -8.60
N TYR C 457 17.59 24.67 -9.43
CA TYR C 457 17.40 23.27 -9.03
C TYR C 457 16.02 23.07 -8.41
N ASN C 458 15.00 23.26 -9.25
CA ASN C 458 13.60 23.03 -8.89
C ASN C 458 13.01 22.09 -9.92
N PRO C 459 13.35 20.81 -9.86
CA PRO C 459 13.05 19.91 -10.98
C PRO C 459 11.57 19.84 -11.35
N LYS C 460 10.68 19.84 -10.37
CA LYS C 460 9.26 19.59 -10.62
C LYS C 460 8.44 20.87 -10.75
N LEU C 461 9.08 22.03 -10.74
CA LEU C 461 8.39 23.31 -10.90
C LEU C 461 8.51 23.74 -12.35
N CYS C 462 7.39 23.81 -13.05
CA CYS C 462 7.40 24.10 -14.48
C CYS C 462 7.93 25.51 -14.72
N LEU C 463 8.73 25.66 -15.79
CA LEU C 463 9.27 26.97 -16.11
C LEU C 463 8.19 27.92 -16.60
N SER C 464 7.20 27.42 -17.33
CA SER C 464 6.07 28.26 -17.71
C SER C 464 5.35 28.83 -16.49
N GLU C 465 5.30 28.07 -15.39
CA GLU C 465 4.73 28.59 -14.16
C GLU C 465 5.58 29.75 -13.62
N ILE C 466 6.90 29.68 -13.81
CA ILE C 466 7.76 30.79 -13.42
C ILE C 466 7.39 32.04 -14.19
N HIS C 467 7.03 31.89 -15.46
CA HIS C 467 6.70 33.06 -16.28
C HIS C 467 5.55 33.85 -15.66
N LYS C 468 4.52 33.15 -15.16
CA LYS C 468 3.44 33.84 -14.47
C LYS C 468 3.96 34.55 -13.23
N MET C 469 4.88 33.92 -12.50
CA MET C 469 5.49 34.58 -11.35
C MET C 469 6.17 35.88 -11.76
N GLU C 470 6.73 35.93 -12.97
CA GLU C 470 7.25 37.19 -13.49
C GLU C 470 6.12 38.20 -13.67
N GLU C 471 5.07 37.80 -14.37
CA GLU C 471 4.02 38.75 -14.75
C GLU C 471 3.28 39.28 -13.54
N VAL C 472 2.81 38.40 -12.65
CA VAL C 472 1.92 38.81 -11.58
C VAL C 472 2.64 39.48 -10.42
N SER C 473 3.93 39.23 -10.24
CA SER C 473 4.68 39.87 -9.18
C SER C 473 5.03 41.30 -9.58
N GLY C 474 5.42 42.09 -8.59
CA GLY C 474 5.74 43.49 -8.84
C GLY C 474 7.11 43.70 -9.45
N THR C 475 7.90 42.64 -9.60
CA THR C 475 9.25 42.77 -10.13
C THR C 475 9.32 42.51 -11.63
N LYS C 476 8.19 42.41 -12.32
CA LYS C 476 8.16 42.04 -13.72
C LYS C 476 9.10 42.91 -14.55
N GLY C 477 10.07 42.26 -15.19
CA GLY C 477 10.81 42.90 -16.26
C GLY C 477 11.75 44.01 -15.87
N ARG C 478 11.33 45.25 -16.16
CA ARG C 478 12.25 46.37 -16.25
C ARG C 478 13.14 46.49 -15.01
N GLN C 479 12.57 46.30 -13.82
CA GLN C 479 13.25 46.78 -12.62
C GLN C 479 14.36 45.86 -12.13
N GLU C 480 14.31 44.56 -12.45
CA GLU C 480 15.26 43.64 -11.86
C GLU C 480 15.55 42.50 -12.84
N ARG C 481 16.64 41.80 -12.58
CA ARG C 481 17.04 40.61 -13.33
C ARG C 481 16.92 39.40 -12.42
N ASN C 482 16.45 38.28 -12.98
CA ASN C 482 16.30 37.03 -12.24
C ASN C 482 17.02 35.91 -12.98
N LEU C 486 17.28 28.28 -16.31
CA LEU C 486 16.24 27.63 -17.12
C LEU C 486 16.46 26.14 -17.30
N LYS C 487 17.69 25.65 -17.21
CA LYS C 487 17.99 24.23 -17.38
C LYS C 487 18.26 23.54 -16.04
N THR C 488 17.63 24.02 -14.97
CA THR C 488 17.73 23.38 -13.67
C THR C 488 16.39 23.16 -13.00
N ASN C 489 15.31 23.70 -13.56
CA ASN C 489 13.98 23.58 -12.96
C ASN C 489 12.99 23.18 -14.05
N GLY C 490 12.01 22.37 -13.65
CA GLY C 490 11.03 21.85 -14.58
C GLY C 490 11.56 20.77 -15.50
N ASP C 491 12.83 20.37 -15.36
CA ASP C 491 13.40 19.36 -16.23
C ASP C 491 12.72 18.00 -16.05
N GLN C 492 12.13 17.74 -14.89
CA GLN C 492 11.39 16.51 -14.65
C GLN C 492 9.88 16.73 -14.65
N ALA C 493 9.43 17.95 -14.88
CA ALA C 493 8.00 18.24 -14.94
C ALA C 493 7.49 17.96 -16.36
N SER C 494 6.27 18.39 -16.64
CA SER C 494 5.69 18.21 -17.97
C SER C 494 4.72 19.35 -18.24
N CYS C 495 5.07 20.23 -19.18
CA CYS C 495 4.21 21.35 -19.54
C CYS C 495 3.10 20.85 -20.47
N GLU C 496 2.10 20.23 -19.87
CA GLU C 496 0.97 19.72 -20.62
C GLU C 496 0.31 20.85 -21.39
N ASN C 497 0.23 20.69 -22.71
CA ASN C 497 -0.26 21.76 -23.58
C ASN C 497 -1.48 21.33 -24.39
N GLU C 498 -2.18 20.29 -23.96
CA GLU C 498 -3.47 19.93 -24.53
C GLU C 498 -4.42 19.58 -23.40
N LEU C 499 -5.72 19.78 -23.66
CA LEU C 499 -6.74 19.58 -22.65
C LEU C 499 -7.79 18.61 -23.16
N LEU C 500 -8.41 17.89 -22.23
CA LEU C 500 -9.40 16.87 -22.53
C LEU C 500 -10.76 17.36 -22.09
N LYS C 501 -11.74 17.31 -22.99
CA LYS C 501 -13.10 17.69 -22.66
C LYS C 501 -13.85 16.49 -22.10
N PHE C 502 -14.81 16.75 -21.21
CA PHE C 502 -15.69 15.71 -20.71
C PHE C 502 -16.93 15.65 -21.60
N SER C 503 -16.90 14.76 -22.59
CA SER C 503 -17.94 14.74 -23.59
C SER C 503 -19.30 14.44 -22.98
N TYR C 504 -19.37 13.44 -22.11
CA TYR C 504 -20.65 12.96 -21.60
C TYR C 504 -20.55 12.73 -20.10
N ILE C 505 -21.53 13.26 -19.38
CA ILE C 505 -21.58 13.13 -17.93
C ILE C 505 -22.99 12.73 -17.53
N ARG C 506 -23.11 11.70 -16.69
CA ARG C 506 -24.40 11.32 -16.13
C ARG C 506 -24.21 10.98 -14.66
N THR C 507 -25.25 11.17 -13.88
CA THR C 507 -25.19 11.07 -12.43
C THR C 507 -26.30 10.16 -11.94
N SER C 508 -26.21 9.79 -10.66
CA SER C 508 -27.18 8.90 -10.07
C SER C 508 -27.14 9.05 -8.55
N PHE C 509 -27.83 8.14 -7.86
CA PHE C 509 -27.94 8.20 -6.41
C PHE C 509 -26.56 8.03 -5.76
N ASP C 510 -25.74 7.13 -6.31
CA ASP C 510 -24.40 6.93 -5.77
C ASP C 510 -23.35 6.72 -6.86
N LYS C 511 -23.68 7.06 -8.10
CA LYS C 511 -22.74 6.82 -9.20
C LYS C 511 -22.73 7.88 -10.29
N ILE C 512 -21.53 8.28 -10.72
CA ILE C 512 -21.38 9.26 -11.78
C ILE C 512 -20.65 8.59 -12.93
N LEU C 513 -21.12 8.85 -14.14
CA LEU C 513 -20.56 8.25 -15.36
C LEU C 513 -19.89 9.34 -16.18
N LEU C 514 -18.62 9.14 -16.50
CA LEU C 514 -17.83 10.11 -17.25
C LEU C 514 -17.40 9.51 -18.59
N ARG C 515 -17.22 10.38 -19.57
CA ARG C 515 -16.79 9.96 -20.90
C ARG C 515 -16.13 11.15 -21.57
N TRP C 516 -14.80 11.18 -21.57
CA TRP C 516 -14.06 12.29 -22.17
C TRP C 516 -13.57 11.92 -23.55
N GLU C 517 -13.22 12.93 -24.33
CA GLU C 517 -12.81 12.71 -25.71
C GLU C 517 -11.46 12.01 -25.75
N PRO C 518 -11.26 11.08 -26.68
CA PRO C 518 -9.99 10.35 -26.73
C PRO C 518 -8.83 11.25 -27.15
N TYR C 519 -7.64 10.87 -26.69
CA TYR C 519 -6.41 11.58 -27.01
C TYR C 519 -5.28 10.57 -27.15
N TRP C 520 -4.56 10.65 -28.28
CA TRP C 520 -3.48 9.73 -28.57
C TRP C 520 -2.21 10.51 -28.86
N PRO C 521 -1.07 10.13 -28.29
CA PRO C 521 0.20 10.75 -28.68
C PRO C 521 0.49 10.48 -30.15
N PRO C 522 1.60 11.00 -30.67
CA PRO C 522 1.94 10.71 -32.08
C PRO C 522 1.93 9.24 -32.39
N ASP C 523 2.40 8.39 -31.47
CA ASP C 523 2.26 6.95 -31.57
C ASP C 523 1.48 6.46 -30.36
N PHE C 524 0.41 5.71 -30.61
CA PHE C 524 -0.54 5.40 -29.54
C PHE C 524 0.10 4.61 -28.41
N ARG C 525 1.16 3.86 -28.71
CA ARG C 525 1.75 2.98 -27.70
C ARG C 525 2.25 3.75 -26.48
N ASP C 526 2.57 5.03 -26.62
CA ASP C 526 3.11 5.79 -25.49
C ASP C 526 2.09 5.92 -24.37
N LEU C 527 0.82 6.06 -24.70
CA LEU C 527 -0.22 6.28 -23.69
C LEU C 527 -0.38 5.02 -22.86
N LEU C 528 0.24 4.99 -21.68
CA LEU C 528 0.01 3.88 -20.77
C LEU C 528 -1.44 3.84 -20.30
N GLY C 529 -2.10 4.98 -20.23
CA GLY C 529 -3.48 5.03 -19.83
C GLY C 529 -3.79 6.31 -19.11
N PHE C 530 -5.08 6.49 -18.82
CA PHE C 530 -5.55 7.64 -18.08
C PHE C 530 -5.54 7.35 -16.59
N MET C 531 -5.50 8.41 -15.79
CA MET C 531 -5.68 8.32 -14.36
C MET C 531 -6.56 9.48 -13.92
N LEU C 532 -7.59 9.15 -13.15
CA LEU C 532 -8.66 10.09 -12.82
C LEU C 532 -8.54 10.52 -11.36
N PHE C 533 -8.61 11.82 -11.12
CA PHE C 533 -8.60 12.39 -9.78
C PHE C 533 -9.98 12.91 -9.43
N TYR C 534 -10.43 12.65 -8.22
CA TYR C 534 -11.69 13.21 -7.75
C TYR C 534 -11.61 13.45 -6.25
N LYS C 535 -12.46 14.36 -5.78
CA LYS C 535 -12.48 14.74 -4.38
C LYS C 535 -13.81 15.41 -4.08
N GLU C 536 -14.32 15.18 -2.88
CA GLU C 536 -15.54 15.84 -2.43
C GLU C 536 -15.23 17.30 -2.14
N ALA C 537 -15.91 18.22 -2.84
CA ALA C 537 -15.61 19.65 -2.79
C ALA C 537 -16.87 20.40 -2.40
N PRO C 538 -17.16 20.54 -1.10
CA PRO C 538 -18.34 21.30 -0.69
C PRO C 538 -18.32 22.76 -1.11
N GLN C 540 -16.66 25.56 -4.05
CA GLN C 540 -16.29 25.41 -5.46
C GLN C 540 -15.14 26.33 -5.86
N ASN C 541 -13.97 26.11 -5.24
CA ASN C 541 -12.78 26.81 -5.67
C ASN C 541 -11.49 25.98 -5.57
N VAL C 542 -11.57 24.68 -5.32
CA VAL C 542 -10.36 23.90 -5.08
C VAL C 542 -9.49 23.88 -6.33
N THR C 543 -8.21 23.58 -6.14
CA THR C 543 -7.23 23.53 -7.22
C THR C 543 -6.49 22.21 -7.14
N GLU C 544 -5.62 21.98 -8.12
CA GLU C 544 -4.95 20.68 -8.22
C GLU C 544 -4.11 20.36 -6.99
N PHE C 545 -3.29 21.31 -6.55
CA PHE C 545 -2.21 21.01 -5.60
C PHE C 545 -2.58 21.24 -4.14
N ASP C 546 -3.79 21.70 -3.84
CA ASP C 546 -4.15 21.97 -2.45
C ASP C 546 -4.14 20.67 -1.65
N GLY C 547 -3.67 20.76 -0.40
CA GLY C 547 -3.61 19.61 0.46
C GLY C 547 -2.75 18.50 -0.10
N GLN C 548 -1.45 18.75 -0.23
CA GLN C 548 -0.53 17.76 -0.78
C GLN C 548 0.86 17.98 -0.22
N ASP C 549 1.58 16.87 -0.06
CA ASP C 549 2.99 16.91 0.29
C ASP C 549 3.64 15.62 -0.19
N ALA C 550 4.95 15.69 -0.43
CA ALA C 550 5.67 14.50 -0.90
C ALA C 550 5.60 13.37 0.10
N CYS C 551 5.30 13.65 1.37
CA CYS C 551 5.20 12.61 2.39
C CYS C 551 4.04 11.66 2.13
N GLY C 552 3.07 12.03 1.31
CA GLY C 552 1.99 11.15 0.92
C GLY C 552 0.64 11.45 1.51
N SER C 553 0.37 12.69 1.93
CA SER C 553 -0.91 13.07 2.48
C SER C 553 -1.84 13.67 1.43
N ASN C 554 -1.70 13.28 0.17
CA ASN C 554 -2.51 13.84 -0.90
C ASN C 554 -4.00 13.63 -0.63
N SER C 555 -4.77 14.71 -0.78
CA SER C 555 -6.21 14.62 -0.54
C SER C 555 -6.93 13.95 -1.72
N TRP C 556 -6.46 14.19 -2.94
CA TRP C 556 -7.11 13.65 -4.12
C TRP C 556 -7.18 12.13 -4.06
N THR C 557 -8.34 11.58 -4.43
CA THR C 557 -8.44 10.16 -4.70
C THR C 557 -8.10 9.89 -6.15
N VAL C 558 -7.32 8.84 -6.39
CA VAL C 558 -6.77 8.56 -7.72
C VAL C 558 -7.13 7.15 -8.14
N VAL C 559 -7.51 7.00 -9.40
CA VAL C 559 -7.77 5.69 -9.99
C VAL C 559 -7.15 5.67 -11.38
N ASP C 560 -6.97 4.47 -11.92
CA ASP C 560 -6.30 4.27 -13.20
C ASP C 560 -7.26 3.62 -14.19
N ILE C 561 -7.25 4.12 -15.43
CA ILE C 561 -8.07 3.59 -16.51
C ILE C 561 -7.15 3.25 -17.67
N ASP C 562 -7.29 2.04 -18.20
CA ASP C 562 -6.50 1.64 -19.34
C ASP C 562 -7.03 2.31 -20.61
N PRO C 563 -6.22 2.41 -21.66
CA PRO C 563 -6.68 3.04 -22.90
C PRO C 563 -7.84 2.26 -23.51
N PRO C 564 -8.68 2.90 -24.30
CA PRO C 564 -9.76 2.18 -24.98
C PRO C 564 -9.19 1.20 -26.00
N LEU C 565 -9.96 0.17 -26.30
CA LEU C 565 -9.60 -0.75 -27.39
C LEU C 565 -9.63 0.04 -28.68
N ARG C 566 -8.44 0.32 -29.22
CA ARG C 566 -8.33 1.24 -30.35
C ARG C 566 -9.21 0.78 -31.50
N SER C 567 -9.94 1.73 -32.08
CA SER C 567 -10.89 1.39 -33.13
C SER C 567 -10.19 1.25 -34.47
N ASN C 568 -10.69 0.33 -35.29
CA ASN C 568 -10.13 0.15 -36.63
C ASN C 568 -10.35 1.40 -37.48
N ASP C 569 -11.54 1.98 -37.42
CA ASP C 569 -11.82 3.19 -38.17
C ASP C 569 -11.09 4.37 -37.53
N PRO C 570 -10.17 5.04 -38.23
CA PRO C 570 -9.42 6.12 -37.57
C PRO C 570 -10.28 7.27 -37.08
N LYS C 571 -11.38 7.58 -37.77
CA LYS C 571 -12.16 8.78 -37.48
C LYS C 571 -13.39 8.52 -36.63
N SER C 572 -13.58 7.29 -36.14
CA SER C 572 -14.63 6.99 -35.18
C SER C 572 -14.05 6.05 -34.13
N GLN C 573 -13.91 6.51 -32.90
CA GLN C 573 -13.28 5.68 -31.87
C GLN C 573 -14.11 5.56 -30.61
N ASN C 574 -13.67 4.69 -29.70
CA ASN C 574 -14.40 4.51 -28.44
C ASN C 574 -14.01 5.56 -27.42
N HIS C 575 -14.97 6.38 -27.02
CA HIS C 575 -14.70 7.41 -26.02
C HIS C 575 -14.30 6.77 -24.71
N PRO C 576 -13.15 7.18 -24.15
CA PRO C 576 -12.78 6.66 -22.88
C PRO C 576 -13.84 6.89 -21.88
N GLY C 577 -13.91 6.15 -20.79
CA GLY C 577 -14.84 6.49 -19.73
C GLY C 577 -14.51 5.74 -18.45
N TRP C 578 -15.22 6.11 -17.39
CA TRP C 578 -15.10 5.46 -16.09
C TRP C 578 -16.40 5.68 -15.33
N LEU C 579 -16.64 4.81 -14.35
CA LEU C 579 -17.88 4.82 -13.59
C LEU C 579 -17.54 4.84 -12.10
N MET C 580 -17.63 6.02 -11.50
CA MET C 580 -17.39 6.15 -10.07
C MET C 580 -18.51 5.48 -9.29
N ARG C 581 -18.15 4.88 -8.16
CA ARG C 581 -19.10 4.12 -7.34
C ARG C 581 -18.86 4.43 -5.87
N GLY C 582 -19.89 4.14 -5.06
CA GLY C 582 -19.79 4.37 -3.64
C GLY C 582 -19.70 5.83 -3.24
N LEU C 583 -20.49 6.70 -3.87
CA LEU C 583 -20.35 8.13 -3.64
C LEU C 583 -21.45 8.64 -2.70
N LYS C 584 -21.28 9.89 -2.28
CA LYS C 584 -22.26 10.51 -1.38
C LYS C 584 -23.36 11.19 -2.18
N PRO C 585 -24.63 10.88 -1.95
CA PRO C 585 -25.71 11.52 -2.71
C PRO C 585 -25.81 13.00 -2.41
N TRP C 586 -26.30 13.74 -3.40
CA TRP C 586 -26.56 15.17 -3.25
C TRP C 586 -25.28 15.94 -2.94
N THR C 587 -24.13 15.30 -3.10
CA THR C 587 -22.85 15.87 -2.72
C THR C 587 -22.12 16.36 -3.96
N GLN C 588 -21.49 17.52 -3.86
CA GLN C 588 -20.71 18.06 -4.95
C GLN C 588 -19.34 17.39 -4.98
N TYR C 589 -18.93 16.93 -6.16
CA TYR C 589 -17.64 16.29 -6.34
C TYR C 589 -16.85 17.03 -7.42
N ALA C 590 -15.56 17.24 -7.16
CA ALA C 590 -14.66 17.88 -8.11
C ALA C 590 -13.72 16.84 -8.69
N ILE C 591 -13.62 16.82 -10.02
CA ILE C 591 -12.89 15.78 -10.74
C ILE C 591 -12.08 16.40 -11.86
N PHE C 592 -11.04 15.68 -12.28
CA PHE C 592 -10.27 16.03 -13.46
C PHE C 592 -9.39 14.85 -13.82
N VAL C 593 -8.92 14.82 -15.06
CA VAL C 593 -8.19 13.68 -15.60
C VAL C 593 -6.84 14.13 -16.12
N LYS C 594 -5.87 13.22 -16.08
CA LYS C 594 -4.51 13.48 -16.53
C LYS C 594 -3.98 12.25 -17.25
N THR C 595 -3.35 12.47 -18.40
CA THR C 595 -2.81 11.36 -19.17
C THR C 595 -1.47 10.91 -18.60
N LEU C 596 -1.21 9.60 -18.68
CA LEU C 596 0.07 9.04 -18.25
C LEU C 596 0.79 8.54 -19.50
N VAL C 597 1.66 9.38 -20.04
CA VAL C 597 2.35 9.11 -21.30
C VAL C 597 3.82 8.86 -21.02
N THR C 598 4.39 7.89 -21.73
CA THR C 598 5.77 7.49 -21.50
C THR C 598 6.73 8.54 -22.07
N PHE C 599 7.94 8.57 -21.51
CA PHE C 599 8.96 9.50 -21.95
C PHE C 599 9.43 9.14 -23.37
N SER C 600 10.32 9.98 -23.90
CA SER C 600 10.96 9.72 -25.18
C SER C 600 12.27 10.49 -25.23
N ASP C 601 13.32 9.83 -25.73
CA ASP C 601 14.63 10.45 -25.78
C ASP C 601 14.66 11.72 -26.62
N GLU C 602 14.06 11.69 -27.80
CA GLU C 602 13.92 12.90 -28.62
C GLU C 602 12.75 13.71 -28.09
N ARG C 603 12.26 14.68 -28.87
CA ARG C 603 11.13 15.52 -28.48
C ARG C 603 10.12 14.65 -27.76
N ARG C 604 9.90 14.95 -26.48
CA ARG C 604 8.99 14.17 -25.67
C ARG C 604 7.55 14.66 -25.85
N THR C 605 6.65 13.74 -26.13
CA THR C 605 5.24 14.09 -26.21
C THR C 605 4.73 14.50 -24.84
N TYR C 606 3.87 15.50 -24.82
CA TYR C 606 3.34 16.04 -23.58
C TYR C 606 1.92 15.54 -23.34
N GLY C 607 1.60 15.33 -22.07
CA GLY C 607 0.30 14.83 -21.69
C GLY C 607 -0.76 15.90 -21.81
N ALA C 608 -1.97 15.55 -21.36
CA ALA C 608 -3.10 16.46 -21.40
C ALA C 608 -3.85 16.38 -20.09
N LYS C 609 -4.50 17.49 -19.73
CA LYS C 609 -5.31 17.56 -18.52
C LYS C 609 -6.63 18.23 -18.83
N SER C 610 -7.70 17.63 -18.34
CA SER C 610 -9.00 18.28 -18.38
C SER C 610 -9.07 19.36 -17.31
N ASP C 611 -10.04 20.26 -17.45
CA ASP C 611 -10.28 21.25 -16.41
C ASP C 611 -10.94 20.59 -15.22
N ILE C 612 -10.95 21.30 -14.09
CA ILE C 612 -11.67 20.82 -12.92
C ILE C 612 -13.15 21.09 -13.10
N ILE C 613 -13.96 20.05 -12.93
CA ILE C 613 -15.40 20.16 -13.08
C ILE C 613 -16.08 19.61 -11.82
N TYR C 614 -17.24 20.19 -11.50
CA TYR C 614 -17.97 19.84 -10.29
C TYR C 614 -19.34 19.30 -10.69
N VAL C 615 -19.70 18.14 -10.13
CA VAL C 615 -20.94 17.45 -10.48
C VAL C 615 -21.66 17.08 -9.19
N GLN C 616 -22.98 17.24 -9.20
CA GLN C 616 -23.82 16.94 -8.04
C GLN C 616 -24.40 15.53 -8.19
N THR C 617 -24.14 14.68 -7.20
CA THR C 617 -24.84 13.40 -7.13
C THR C 617 -26.32 13.67 -6.89
N ASP C 618 -27.17 12.81 -7.44
CA ASP C 618 -28.60 13.06 -7.37
C ASP C 618 -29.12 12.81 -5.96
N ALA C 619 -30.27 13.42 -5.66
CA ALA C 619 -30.86 13.33 -4.34
C ALA C 619 -31.51 11.96 -4.13
N THR C 620 -31.59 11.56 -2.86
CA THR C 620 -32.24 10.32 -2.48
C THR C 620 -32.84 10.50 -1.10
N ASN C 621 -33.85 9.69 -0.80
CA ASN C 621 -34.57 9.82 0.45
C ASN C 621 -33.61 9.66 1.64
N PRO C 622 -33.69 10.50 2.65
CA PRO C 622 -32.88 10.29 3.85
C PRO C 622 -33.40 9.12 4.67
N SER C 623 -32.52 8.55 5.49
CA SER C 623 -32.82 7.31 6.18
C SER C 623 -32.33 7.27 7.63
N VAL C 624 -32.16 8.41 8.29
CA VAL C 624 -31.61 8.39 9.64
C VAL C 624 -32.12 9.55 10.48
N PRO C 625 -33.36 9.50 10.97
CA PRO C 625 -33.72 10.36 12.11
C PRO C 625 -33.18 9.76 13.39
N LEU C 626 -31.86 9.74 13.50
CA LEU C 626 -31.17 8.89 14.46
C LEU C 626 -31.21 9.48 15.87
N ASP C 627 -30.96 8.60 16.84
CA ASP C 627 -30.85 8.96 18.25
C ASP C 627 -32.06 9.73 18.77
N PRO C 628 -33.28 9.19 18.62
CA PRO C 628 -34.42 9.80 19.30
C PRO C 628 -34.25 9.72 20.82
N ILE C 629 -34.66 10.77 21.50
CA ILE C 629 -34.67 10.82 22.96
C ILE C 629 -35.98 11.43 23.41
N SER C 630 -36.64 10.77 24.36
CA SER C 630 -37.98 11.19 24.75
C SER C 630 -38.13 11.13 26.27
N VAL C 631 -39.03 11.96 26.78
CA VAL C 631 -39.38 11.97 28.18
C VAL C 631 -40.77 12.61 28.32
N SER C 632 -41.45 12.35 29.42
CA SER C 632 -42.79 12.89 29.65
C SER C 632 -42.67 14.20 30.42
N ASN C 633 -43.23 15.27 29.87
CA ASN C 633 -43.33 16.51 30.62
C ASN C 633 -44.46 16.45 31.64
N SER C 634 -45.55 15.76 31.29
CA SER C 634 -46.69 15.59 32.19
C SER C 634 -47.49 14.38 31.74
N SER C 635 -48.57 14.10 32.46
CA SER C 635 -49.39 12.94 32.17
C SER C 635 -50.04 13.05 30.79
N SER C 636 -50.25 14.27 30.30
CA SER C 636 -50.76 14.48 28.94
C SER C 636 -49.81 15.37 28.15
N GLN C 637 -48.52 15.34 28.47
CA GLN C 637 -47.52 16.13 27.77
C GLN C 637 -46.29 15.25 27.56
N ILE C 638 -46.07 14.85 26.30
CA ILE C 638 -44.94 13.99 25.93
C ILE C 638 -44.02 14.80 25.04
N ILE C 639 -42.73 14.79 25.36
CA ILE C 639 -41.72 15.59 24.66
C ILE C 639 -40.60 14.67 24.22
N LEU C 640 -40.06 14.93 23.04
CA LEU C 640 -38.96 14.15 22.51
C LEU C 640 -38.10 15.02 21.60
N LYS C 641 -36.86 14.58 21.43
CA LYS C 641 -35.91 15.20 20.51
C LYS C 641 -35.34 14.12 19.61
N TRP C 642 -34.72 14.55 18.51
CA TRP C 642 -34.01 13.63 17.63
C TRP C 642 -32.89 14.37 16.92
N LYS C 643 -31.91 13.60 16.48
CA LYS C 643 -30.72 14.14 15.84
C LYS C 643 -30.99 14.47 14.37
N PRO C 644 -30.40 15.54 13.84
CA PRO C 644 -30.47 15.77 12.40
C PRO C 644 -29.86 14.60 11.65
N PRO C 645 -30.38 14.26 10.48
CA PRO C 645 -29.93 13.04 9.80
C PRO C 645 -28.45 13.10 9.44
N SER C 646 -27.77 11.96 9.60
CA SER C 646 -26.38 11.86 9.16
C SER C 646 -26.28 11.62 7.66
N ASP C 647 -27.40 11.37 6.99
CA ASP C 647 -27.46 11.16 5.55
C ASP C 647 -28.53 12.07 4.99
N PRO C 648 -28.29 13.39 4.95
CA PRO C 648 -29.33 14.30 4.43
C PRO C 648 -29.80 13.92 3.04
N ASN C 649 -28.89 13.50 2.16
CA ASN C 649 -29.24 13.05 0.82
C ASN C 649 -30.15 14.05 0.12
N GLY C 650 -30.02 15.32 0.45
CA GLY C 650 -30.89 16.34 -0.07
C GLY C 650 -31.20 17.37 0.98
N ASN C 651 -31.55 18.57 0.51
CA ASN C 651 -31.90 19.65 1.41
C ASN C 651 -33.03 19.20 2.34
N ILE C 652 -32.75 19.16 3.64
CA ILE C 652 -33.66 18.52 4.57
C ILE C 652 -34.95 19.32 4.67
N THR C 653 -36.05 18.68 4.34
CA THR C 653 -37.37 19.28 4.48
C THR C 653 -37.99 18.87 5.82
N HIS C 654 -39.29 19.13 5.97
CA HIS C 654 -40.05 18.74 7.15
C HIS C 654 -39.74 17.32 7.59
N TYR C 655 -39.91 17.04 8.88
CA TYR C 655 -39.89 15.69 9.42
C TYR C 655 -41.32 15.21 9.64
N LEU C 656 -41.47 13.88 9.67
CA LEU C 656 -42.75 13.25 10.01
C LEU C 656 -42.61 12.44 11.27
N VAL C 657 -43.58 12.58 12.17
CA VAL C 657 -43.59 11.88 13.45
C VAL C 657 -44.95 11.22 13.62
N PHE C 658 -44.95 9.94 13.93
CA PHE C 658 -46.17 9.17 14.17
C PHE C 658 -46.07 8.48 15.52
N TRP C 659 -47.20 8.37 16.20
CA TRP C 659 -47.26 7.70 17.49
C TRP C 659 -48.39 6.69 17.48
N GLU C 660 -48.11 5.50 18.01
CA GLU C 660 -49.10 4.43 18.12
C GLU C 660 -49.29 4.10 19.59
N ARG C 661 -50.54 3.96 20.01
CA ARG C 661 -50.88 3.73 21.41
C ARG C 661 -50.87 2.23 21.70
N GLN C 662 -49.67 1.72 21.98
CA GLN C 662 -49.50 0.33 22.41
C GLN C 662 -49.62 0.30 23.93
N ALA C 663 -50.87 0.27 24.39
CA ALA C 663 -51.16 0.30 25.82
C ALA C 663 -50.81 -1.04 26.45
N GLU C 664 -51.03 -1.15 27.76
CA GLU C 664 -50.77 -2.38 28.49
C GLU C 664 -51.57 -3.52 27.88
N LEU C 720 8.64 4.06 -12.53
CA LEU C 720 9.90 3.95 -13.26
C LEU C 720 10.08 2.55 -13.81
N LYS C 721 9.88 1.52 -12.99
CA LYS C 721 9.96 0.16 -13.47
C LYS C 721 8.87 -0.11 -14.51
N GLU C 722 7.66 0.37 -14.26
CA GLU C 722 6.58 0.19 -15.23
C GLU C 722 6.90 0.90 -16.54
N LEU C 723 7.43 2.12 -16.44
CA LEU C 723 7.81 2.86 -17.64
C LEU C 723 8.88 2.11 -18.42
N GLU C 724 9.88 1.58 -17.73
CA GLU C 724 10.92 0.81 -18.42
C GLU C 724 10.34 -0.43 -19.06
N GLU C 725 9.42 -1.10 -18.38
CA GLU C 725 8.79 -2.29 -18.95
C GLU C 725 8.06 -1.95 -20.25
N SER C 726 7.23 -0.91 -20.21
CA SER C 726 6.46 -0.54 -21.41
C SER C 726 7.39 -0.11 -22.53
N SER C 727 8.41 0.69 -22.21
CA SER C 727 9.35 1.12 -23.23
C SER C 727 10.14 -0.05 -23.80
N PHE C 728 10.45 -1.07 -22.99
CA PHE C 728 11.16 -2.23 -23.50
C PHE C 728 10.26 -3.03 -24.45
N ARG C 729 8.98 -3.18 -24.10
CA ARG C 729 8.06 -3.84 -25.03
C ARG C 729 8.01 -3.09 -26.35
N LYS C 730 7.90 -1.76 -26.27
CA LYS C 730 7.87 -0.95 -27.49
C LYS C 730 9.15 -1.10 -28.29
N THR C 731 10.29 -1.12 -27.60
CA THR C 731 11.58 -1.25 -28.29
C THR C 731 11.70 -2.59 -28.99
N PHE C 732 11.27 -3.67 -28.33
CA PHE C 732 11.34 -4.98 -28.99
C PHE C 732 10.42 -5.03 -30.19
N GLU C 733 9.21 -4.48 -30.09
CA GLU C 733 8.33 -4.49 -31.23
C GLU C 733 8.94 -3.71 -32.40
N ASP C 734 9.50 -2.54 -32.11
CA ASP C 734 10.12 -1.74 -33.17
C ASP C 734 11.29 -2.49 -33.79
N TYR C 735 12.10 -3.16 -32.95
CA TYR C 735 13.22 -3.94 -33.48
C TYR C 735 12.72 -5.04 -34.40
N LEU C 736 11.65 -5.72 -34.01
CA LEU C 736 11.10 -6.77 -34.87
C LEU C 736 10.66 -6.20 -36.20
N HIS C 737 9.94 -5.09 -36.17
CA HIS C 737 9.49 -4.48 -37.43
C HIS C 737 10.67 -4.00 -38.27
N ASN C 738 11.74 -3.56 -37.61
CA ASN C 738 12.87 -2.98 -38.33
C ASN C 738 13.68 -4.01 -39.11
N VAL C 739 13.50 -5.30 -38.84
CA VAL C 739 14.38 -6.31 -39.42
C VAL C 739 13.61 -7.24 -40.36
N VAL C 740 12.32 -7.43 -40.10
CA VAL C 740 11.54 -8.36 -40.92
C VAL C 740 10.94 -7.70 -42.15
N PHE C 741 11.00 -6.37 -42.25
CA PHE C 741 10.52 -5.65 -43.42
C PHE C 741 11.71 -5.06 -44.16
N VAL C 742 11.81 -5.38 -45.45
CA VAL C 742 12.94 -4.95 -46.26
C VAL C 742 12.44 -4.38 -47.58
N PRO C 743 12.86 -3.18 -47.97
CA PRO C 743 12.43 -2.63 -49.26
C PRO C 743 13.22 -3.25 -50.41
N ARG C 744 12.70 -3.04 -51.62
CA ARG C 744 13.34 -3.57 -52.82
C ARG C 744 14.54 -2.74 -53.22
N ARG C 784 -54.84 7.37 11.85
CA ARG C 784 -53.42 7.47 12.18
C ARG C 784 -53.08 8.89 12.63
N PRO C 785 -52.96 9.11 13.94
CA PRO C 785 -52.57 10.44 14.43
C PRO C 785 -51.09 10.67 14.18
N PHE C 786 -50.78 11.72 13.42
CA PHE C 786 -49.40 12.02 13.05
C PHE C 786 -49.27 13.52 12.82
N GLU C 787 -48.03 13.98 12.84
CA GLU C 787 -47.72 15.40 12.69
C GLU C 787 -46.67 15.59 11.62
N LYS C 788 -46.50 16.85 11.22
CA LYS C 788 -45.56 17.24 10.16
C LYS C 788 -44.72 18.40 10.72
N VAL C 789 -43.65 18.07 11.42
CA VAL C 789 -42.79 19.08 12.02
C VAL C 789 -42.00 19.76 10.92
N VAL C 790 -41.95 21.10 10.95
CA VAL C 790 -41.34 21.84 9.86
C VAL C 790 -39.83 22.05 10.04
N ASN C 791 -39.40 22.64 11.15
CA ASN C 791 -38.01 23.07 11.26
C ASN C 791 -37.22 22.32 12.33
N LYS C 792 -37.70 22.35 13.57
CA LYS C 792 -36.89 21.89 14.68
C LYS C 792 -37.08 20.38 14.89
N GLU C 793 -36.01 19.73 15.35
CA GLU C 793 -36.05 18.29 15.59
C GLU C 793 -36.64 17.99 16.96
N SER C 794 -37.81 18.54 17.26
CA SER C 794 -38.46 18.31 18.54
C SER C 794 -39.96 18.49 18.37
N LEU C 795 -40.71 17.96 19.32
CA LEU C 795 -42.17 18.02 19.27
C LEU C 795 -42.75 17.64 20.61
N VAL C 796 -43.84 18.31 20.98
CA VAL C 796 -44.66 17.94 22.12
C VAL C 796 -46.04 17.60 21.59
N ILE C 797 -46.40 16.32 21.63
CA ILE C 797 -47.68 15.88 21.09
C ILE C 797 -48.80 16.38 21.98
N SER C 798 -49.95 16.64 21.38
CA SER C 798 -51.08 17.21 22.11
C SER C 798 -51.52 16.26 23.22
N GLY C 799 -52.43 16.75 24.06
CA GLY C 799 -52.93 15.99 25.18
C GLY C 799 -53.41 14.61 24.79
N LEU C 800 -53.03 13.60 25.56
CA LEU C 800 -53.37 12.22 25.25
C LEU C 800 -53.52 11.45 26.55
N ARG C 801 -53.71 10.13 26.41
CA ARG C 801 -53.96 9.28 27.58
C ARG C 801 -52.94 9.56 28.67
N HIS C 802 -53.39 9.42 29.92
CA HIS C 802 -52.64 9.93 31.07
C HIS C 802 -51.34 9.18 31.31
N PHE C 803 -51.33 7.85 31.19
CA PHE C 803 -50.14 7.10 31.58
C PHE C 803 -49.71 6.04 30.56
N THR C 804 -50.48 5.80 29.50
CA THR C 804 -50.15 4.72 28.59
C THR C 804 -48.81 4.99 27.88
N GLY C 805 -48.13 3.91 27.51
CA GLY C 805 -46.98 4.03 26.66
C GLY C 805 -47.36 4.25 25.22
N TYR C 806 -46.34 4.51 24.40
CA TYR C 806 -46.55 4.76 22.97
C TYR C 806 -45.36 4.22 22.18
N ARG C 807 -45.64 3.85 20.94
CA ARG C 807 -44.61 3.51 19.97
C ARG C 807 -44.54 4.62 18.94
N ILE C 808 -43.35 5.22 18.80
CA ILE C 808 -43.17 6.45 18.04
C ILE C 808 -42.32 6.14 16.81
N GLU C 809 -42.73 6.70 15.67
CA GLU C 809 -42.01 6.55 14.42
C GLU C 809 -41.52 7.92 13.95
N LEU C 810 -40.27 8.00 13.55
CA LEU C 810 -39.67 9.23 13.05
C LEU C 810 -39.11 9.00 11.65
N GLN C 811 -39.42 9.92 10.74
CA GLN C 811 -39.02 9.80 9.36
C GLN C 811 -38.56 11.16 8.85
N ALA C 812 -37.46 11.16 8.09
CA ALA C 812 -36.92 12.37 7.50
C ALA C 812 -37.31 12.46 6.02
N CYS C 813 -37.27 13.68 5.49
CA CYS C 813 -37.65 13.93 4.12
C CYS C 813 -36.81 15.07 3.57
N ASN C 814 -36.71 15.11 2.23
CA ASN C 814 -36.04 16.22 1.55
C ASN C 814 -36.86 16.70 0.36
N GLN C 815 -38.17 16.47 0.38
CA GLN C 815 -39.05 16.87 -0.70
C GLN C 815 -40.43 17.17 -0.15
N ASP C 816 -40.83 18.44 -0.20
CA ASP C 816 -42.15 18.87 0.25
C ASP C 816 -43.22 18.66 -0.80
N THR C 817 -42.84 18.29 -2.03
CA THR C 817 -43.81 17.99 -3.06
C THR C 817 -44.70 16.83 -2.59
N PRO C 818 -45.99 16.83 -2.96
CA PRO C 818 -46.83 15.68 -2.59
C PRO C 818 -46.21 14.35 -2.96
N GLU C 819 -45.45 14.30 -4.05
CA GLU C 819 -44.58 13.17 -4.32
C GLU C 819 -43.35 13.31 -3.43
N GLU C 820 -43.53 13.05 -2.13
CA GLU C 820 -42.42 13.17 -1.19
C GLU C 820 -41.61 11.88 -1.15
N ARG C 821 -40.38 11.99 -0.66
CA ARG C 821 -39.51 10.84 -0.45
C ARG C 821 -39.07 10.82 1.01
N CYS C 822 -39.47 9.76 1.72
CA CYS C 822 -39.14 9.58 3.12
C CYS C 822 -39.04 8.08 3.37
N SER C 823 -38.13 7.67 4.25
CA SER C 823 -37.83 6.26 4.38
C SER C 823 -37.28 5.96 5.77
N ALA C 825 -38.24 4.36 9.13
CA ALA C 825 -38.78 4.92 10.36
C ALA C 825 -38.04 4.40 11.59
N ALA C 826 -37.33 5.27 12.29
CA ALA C 826 -36.73 4.89 13.55
C ALA C 826 -37.81 4.69 14.60
N TYR C 827 -37.53 3.85 15.58
CA TYR C 827 -38.52 3.45 16.58
C TYR C 827 -38.01 3.71 17.98
N VAL C 828 -38.88 4.26 18.83
CA VAL C 828 -38.58 4.48 20.24
C VAL C 828 -39.90 4.47 20.99
N SER C 829 -39.85 3.99 22.24
CA SER C 829 -41.03 3.85 23.07
C SER C 829 -40.93 4.79 24.26
N ALA C 830 -42.10 5.28 24.71
CA ALA C 830 -42.15 6.15 25.87
C ALA C 830 -43.57 6.13 26.42
N ARG C 831 -43.70 6.58 27.66
CA ARG C 831 -45.00 6.66 28.32
C ARG C 831 -45.10 7.97 29.10
N THR C 832 -46.33 8.41 29.30
CA THR C 832 -46.59 9.61 30.07
C THR C 832 -46.47 9.33 31.56
N MET C 833 -45.97 10.32 32.29
CA MET C 833 -45.82 10.17 33.73
C MET C 833 -47.19 10.13 34.41
N PRO C 834 -47.29 9.51 35.57
CA PRO C 834 -48.58 9.46 36.29
C PRO C 834 -48.76 10.65 37.22
N GLU C 835 -50.01 11.07 37.39
CA GLU C 835 -50.31 12.08 38.39
C GLU C 835 -50.25 11.50 39.79
N ALA C 836 -50.65 10.25 39.96
CA ALA C 836 -50.53 9.51 41.21
C ALA C 836 -51.52 9.98 42.26
N LYS C 837 -52.30 11.03 41.96
CA LYS C 837 -53.34 11.45 42.89
C LYS C 837 -54.68 10.83 42.52
N ALA C 838 -55.01 10.81 41.21
CA ALA C 838 -56.22 10.15 40.76
C ALA C 838 -56.18 8.65 41.03
N ASP C 839 -54.99 8.06 41.21
CA ASP C 839 -54.89 6.65 41.54
C ASP C 839 -55.48 6.35 42.91
N ASP C 840 -55.29 7.26 43.86
CA ASP C 840 -55.89 7.08 45.18
C ASP C 840 -57.42 7.07 45.07
N ILE C 841 -58.05 6.24 45.90
CA ILE C 841 -59.49 6.07 45.83
C ILE C 841 -60.20 7.38 46.12
N VAL C 842 -59.78 8.07 47.19
CA VAL C 842 -60.44 9.28 47.68
C VAL C 842 -61.95 9.10 47.61
N GLY C 843 -62.42 7.92 47.99
CA GLY C 843 -63.82 7.58 47.84
C GLY C 843 -64.30 6.55 48.84
N PRO C 844 -65.35 5.79 48.46
CA PRO C 844 -65.98 4.88 49.42
C PRO C 844 -65.06 3.79 49.97
N VAL C 845 -64.86 3.80 51.28
CA VAL C 845 -64.21 2.69 51.99
C VAL C 845 -64.77 2.66 53.41
N THR C 846 -65.23 1.48 53.82
CA THR C 846 -65.80 1.30 55.16
C THR C 846 -65.88 -0.19 55.44
N HIS C 847 -66.05 -0.54 56.71
CA HIS C 847 -66.19 -1.95 57.08
C HIS C 847 -67.64 -2.25 57.41
N GLU C 848 -68.28 -3.07 56.58
CA GLU C 848 -69.64 -3.50 56.85
C GLU C 848 -69.63 -4.50 58.00
N ILE C 849 -70.57 -4.34 58.93
CA ILE C 849 -70.66 -5.20 60.12
C ILE C 849 -71.84 -6.13 59.95
N PHE C 850 -71.63 -7.40 60.28
CA PHE C 850 -72.64 -8.44 60.12
C PHE C 850 -72.63 -9.36 61.33
N GLU C 851 -73.22 -10.55 61.20
CA GLU C 851 -73.31 -11.49 62.30
C GLU C 851 -71.97 -11.67 62.98
N ASN C 852 -71.98 -12.14 64.23
CA ASN C 852 -70.77 -12.23 65.04
C ASN C 852 -69.59 -12.74 64.22
N ASN C 853 -68.52 -11.97 64.20
CA ASN C 853 -67.31 -12.31 63.45
C ASN C 853 -67.60 -12.47 61.97
N VAL C 854 -68.54 -11.70 61.46
CA VAL C 854 -68.82 -11.62 60.03
C VAL C 854 -68.81 -10.15 59.65
N VAL C 855 -67.90 -9.77 58.74
CA VAL C 855 -67.70 -8.39 58.34
C VAL C 855 -67.10 -8.39 56.94
N HIS C 856 -67.17 -7.23 56.27
CA HIS C 856 -66.55 -7.07 54.96
C HIS C 856 -66.31 -5.60 54.70
N LEU C 857 -65.16 -5.31 54.07
CA LEU C 857 -64.75 -3.94 53.77
C LEU C 857 -65.07 -3.64 52.32
N MET C 858 -66.15 -2.89 52.07
CA MET C 858 -66.44 -2.50 50.71
C MET C 858 -65.46 -1.42 50.27
N TRP C 859 -65.25 -1.34 48.96
CA TRP C 859 -64.18 -0.54 48.40
C TRP C 859 -64.53 -0.14 46.98
N GLN C 860 -63.99 1.00 46.55
CA GLN C 860 -64.26 1.56 45.24
C GLN C 860 -63.00 1.51 44.38
N GLU C 861 -63.13 0.96 43.18
CA GLU C 861 -62.02 0.97 42.23
C GLU C 861 -61.76 2.39 41.76
N PRO C 862 -60.51 2.83 41.68
CA PRO C 862 -60.23 4.14 41.07
C PRO C 862 -60.69 4.16 39.61
N LYS C 863 -61.15 5.33 39.18
CA LYS C 863 -61.67 5.52 37.83
C LYS C 863 -60.66 6.31 37.01
N GLU C 864 -60.37 5.83 35.80
CA GLU C 864 -59.35 6.41 34.94
C GLU C 864 -58.02 6.60 35.69
N PRO C 865 -57.48 5.54 36.28
CA PRO C 865 -56.23 5.67 37.01
C PRO C 865 -55.04 5.78 36.07
N ASN C 866 -53.90 6.14 36.64
CA ASN C 866 -52.67 6.30 35.87
C ASN C 866 -51.93 4.97 35.76
N GLY C 867 -52.62 3.95 35.30
CA GLY C 867 -52.01 2.64 35.13
C GLY C 867 -53.06 1.55 35.16
N LEU C 871 -52.82 -4.40 41.88
CA LEU C 871 -53.15 -4.94 43.18
C LEU C 871 -53.16 -3.82 44.22
N TYR C 872 -53.68 -4.16 45.40
CA TYR C 872 -53.63 -3.32 46.57
C TYR C 872 -53.27 -4.17 47.78
N GLU C 873 -53.05 -3.51 48.92
CA GLU C 873 -52.49 -4.17 50.09
C GLU C 873 -53.45 -4.22 51.27
N SER C 875 -53.95 -2.17 54.92
CA SER C 875 -53.26 -2.30 56.20
C SER C 875 -54.31 -2.31 57.31
N TYR C 876 -53.89 -2.73 58.50
CA TYR C 876 -54.81 -2.87 59.61
C TYR C 876 -54.03 -3.29 60.85
N ARG C 877 -54.63 -3.06 62.01
CA ARG C 877 -54.17 -3.68 63.24
C ARG C 877 -55.19 -3.36 64.34
N GLU C 883 -49.04 -2.04 62.75
CA GLU C 883 -49.70 -2.33 61.49
C GLU C 883 -49.74 -3.83 61.24
N LEU C 884 -50.56 -4.22 60.26
CA LEU C 884 -50.61 -5.57 59.72
C LEU C 884 -50.87 -5.46 58.22
N HIS C 885 -50.45 -6.48 57.47
CA HIS C 885 -50.35 -6.36 56.02
C HIS C 885 -51.16 -7.44 55.33
N LEU C 886 -51.33 -7.25 54.01
CA LEU C 886 -52.08 -8.17 53.15
C LEU C 886 -51.96 -7.64 51.72
N CYS C 887 -52.37 -8.47 50.76
CA CYS C 887 -52.45 -8.05 49.36
C CYS C 887 -53.74 -8.55 48.73
N VAL C 888 -54.37 -7.67 47.95
CA VAL C 888 -55.53 -8.00 47.15
C VAL C 888 -55.21 -7.67 45.70
N SER C 889 -55.85 -8.37 44.76
CA SER C 889 -55.53 -8.25 43.36
C SER C 889 -56.81 -8.34 42.53
N ARG C 890 -56.63 -8.42 41.22
CA ARG C 890 -57.75 -8.43 40.27
C ARG C 890 -58.69 -9.60 40.51
N LYS C 891 -58.13 -10.73 40.93
CA LYS C 891 -58.91 -11.97 41.00
C LYS C 891 -60.06 -11.83 41.99
N HIS C 892 -59.83 -11.16 43.12
CA HIS C 892 -60.78 -11.18 44.22
C HIS C 892 -61.80 -10.06 44.16
N PHE C 893 -61.58 -9.03 43.34
CA PHE C 893 -62.56 -7.95 43.23
C PHE C 893 -63.88 -8.43 42.64
N ALA C 894 -63.88 -9.55 41.93
CA ALA C 894 -65.13 -10.13 41.42
C ALA C 894 -65.95 -10.78 42.53
N LEU C 895 -65.30 -11.21 43.62
CA LEU C 895 -66.02 -11.87 44.70
C LEU C 895 -66.95 -10.92 45.44
N GLU C 896 -66.51 -9.68 45.66
CA GLU C 896 -67.32 -8.72 46.41
C GLU C 896 -66.91 -7.32 45.99
N VAL C 911 -58.46 0.06 60.41
CA VAL C 911 -58.17 -0.45 59.07
C VAL C 911 -57.87 0.73 58.15
N ARG C 912 -56.82 0.58 57.34
CA ARG C 912 -56.45 1.57 56.32
C ARG C 912 -56.22 0.85 55.00
N ILE C 913 -56.00 1.63 53.96
CA ILE C 913 -55.64 1.09 52.64
C ILE C 913 -54.81 2.13 51.90
N ARG C 914 -53.84 1.65 51.13
CA ARG C 914 -52.94 2.50 50.37
C ARG C 914 -53.39 2.65 48.93
N ALA C 915 -53.85 1.56 48.31
CA ALA C 915 -54.60 1.62 47.05
C ALA C 915 -53.74 2.09 45.88
N THR C 916 -52.54 1.53 45.72
CA THR C 916 -51.76 1.76 44.52
C THR C 916 -50.65 0.73 44.44
N SER C 917 -50.46 0.17 43.25
CA SER C 917 -49.46 -0.86 43.03
C SER C 917 -48.38 -0.37 42.07
N LEU C 918 -48.78 0.04 40.87
CA LEU C 918 -47.82 0.48 39.87
C LEU C 918 -47.01 1.68 40.33
N ALA C 919 -47.49 2.41 41.33
CA ALA C 919 -46.73 3.46 41.98
C ALA C 919 -46.97 3.36 43.48
N GLY C 920 -45.89 3.47 44.25
CA GLY C 920 -45.96 3.29 45.69
C GLY C 920 -46.19 4.58 46.45
N ASN C 921 -46.29 4.44 47.77
CA ASN C 921 -46.46 5.56 48.69
C ASN C 921 -47.69 6.41 48.36
N GLY C 922 -48.72 5.79 47.78
CA GLY C 922 -49.99 6.47 47.67
C GLY C 922 -50.60 6.76 49.03
N SER C 923 -51.48 7.74 49.05
CA SER C 923 -52.06 8.21 50.30
C SER C 923 -52.68 7.06 51.08
N TRP C 924 -52.19 6.85 52.30
CA TRP C 924 -52.78 5.85 53.21
C TRP C 924 -54.08 6.39 53.76
N THR C 925 -55.20 5.73 53.47
CA THR C 925 -56.49 6.16 53.99
C THR C 925 -56.46 6.17 55.51
N GLU C 926 -57.02 7.21 56.10
CA GLU C 926 -57.03 7.30 57.56
C GLU C 926 -57.85 6.14 58.14
N PRO C 927 -57.49 5.63 59.32
CA PRO C 927 -58.07 4.37 59.78
C PRO C 927 -59.58 4.47 59.98
N THR C 928 -60.26 3.36 59.69
CA THR C 928 -61.67 3.21 60.03
C THR C 928 -61.77 2.39 61.31
N TYR C 929 -62.30 3.01 62.37
CA TYR C 929 -62.36 2.41 63.69
C TYR C 929 -63.75 1.82 63.91
N PHE C 930 -63.79 0.62 64.49
CA PHE C 930 -65.06 0.01 64.85
C PHE C 930 -64.84 -1.02 65.96
N TYR C 931 -65.93 -1.35 66.65
CA TYR C 931 -65.88 -2.18 67.84
C TYR C 931 -65.68 -3.65 67.47
N VAL C 932 -65.21 -4.42 68.44
CA VAL C 932 -64.97 -5.84 68.21
C VAL C 932 -66.25 -6.50 67.74
N THR C 933 -66.11 -7.60 67.00
CA THR C 933 -67.26 -8.28 66.41
C THR C 933 -67.74 -9.42 67.30
N ASP C 934 -67.57 -9.28 68.61
CA ASP C 934 -68.01 -10.29 69.57
C ASP C 934 -69.46 -10.68 69.34
N SER D 29 -2.40 10.75 -43.36
CA SER D 29 -1.75 9.42 -43.12
C SER D 29 -1.02 9.42 -41.79
N GLU D 30 -0.37 10.54 -41.47
CA GLU D 30 0.36 10.74 -40.21
C GLU D 30 1.20 9.50 -39.93
N THR D 31 1.10 8.88 -38.76
CA THR D 31 1.98 7.80 -38.36
C THR D 31 1.21 6.48 -38.26
N LEU D 32 1.95 5.37 -38.34
CA LEU D 32 1.36 4.04 -38.36
C LEU D 32 2.01 3.09 -37.36
N CYS D 33 2.62 3.62 -36.30
CA CYS D 33 3.41 2.80 -35.40
C CYS D 33 2.62 1.59 -34.91
N GLY D 34 3.33 0.51 -34.63
CA GLY D 34 2.73 -0.65 -34.00
C GLY D 34 1.96 -1.53 -34.96
N GLY D 35 1.00 -2.27 -34.42
CA GLY D 35 0.22 -3.18 -35.24
C GLY D 35 -0.45 -2.49 -36.41
N GLU D 36 -0.69 -1.19 -36.28
CA GLU D 36 -1.24 -0.43 -37.39
C GLU D 36 -0.32 -0.48 -38.61
N LEU D 37 0.99 -0.48 -38.39
CA LEU D 37 1.92 -0.56 -39.51
C LEU D 37 1.73 -1.86 -40.28
N VAL D 38 1.62 -2.99 -39.57
CA VAL D 38 1.42 -4.27 -40.25
C VAL D 38 0.08 -4.28 -40.98
N ASP D 39 -0.97 -3.83 -40.29
CA ASP D 39 -2.29 -3.85 -40.90
C ASP D 39 -2.32 -3.03 -42.17
N THR D 40 -1.80 -1.81 -42.12
CA THR D 40 -1.84 -0.94 -43.29
C THR D 40 -0.93 -1.47 -44.40
N LEU D 41 0.29 -1.87 -44.05
CA LEU D 41 1.23 -2.33 -45.08
C LEU D 41 0.73 -3.59 -45.75
N GLN D 42 0.02 -4.46 -45.03
CA GLN D 42 -0.58 -5.62 -45.66
C GLN D 42 -1.59 -5.20 -46.70
N PHE D 43 -2.39 -4.17 -46.40
CA PHE D 43 -3.38 -3.70 -47.35
C PHE D 43 -2.72 -3.19 -48.63
N VAL D 44 -1.59 -2.50 -48.50
CA VAL D 44 -0.90 -1.96 -49.67
C VAL D 44 -0.41 -3.10 -50.56
N CYS D 45 0.21 -4.12 -49.96
CA CYS D 45 0.78 -5.21 -50.75
C CYS D 45 -0.29 -6.13 -51.31
N GLY D 46 -1.35 -6.39 -50.55
CA GLY D 46 -2.39 -7.29 -51.02
C GLY D 46 -1.85 -8.68 -51.32
N ASP D 47 -2.14 -9.18 -52.52
CA ASP D 47 -1.66 -10.49 -52.92
C ASP D 47 -0.14 -10.55 -53.04
N ARG D 48 0.50 -9.44 -53.38
CA ARG D 48 1.95 -9.43 -53.46
C ARG D 48 2.56 -9.75 -52.09
N GLY D 49 3.69 -10.46 -52.11
CA GLY D 49 4.38 -10.74 -50.88
C GLY D 49 5.36 -9.65 -50.50
N PHE D 50 5.75 -9.65 -49.23
CA PHE D 50 6.72 -8.69 -48.75
C PHE D 50 8.12 -9.11 -49.19
N TYR D 51 8.83 -8.18 -49.80
CA TYR D 51 10.15 -8.49 -50.33
C TYR D 51 11.14 -8.78 -49.22
N PHE D 52 11.89 -9.88 -49.36
CA PHE D 52 12.93 -10.22 -48.41
C PHE D 52 14.03 -10.98 -49.10
N SER D 53 15.27 -10.68 -48.72
CA SER D 53 16.43 -11.36 -49.28
C SER D 53 17.58 -11.17 -48.29
N ARG D 54 18.00 -12.23 -47.63
CA ARG D 54 19.04 -12.12 -46.63
C ARG D 54 20.38 -11.78 -47.29
N PRO D 55 21.28 -11.10 -46.57
CA PRO D 55 22.59 -10.77 -47.14
C PRO D 55 23.34 -12.00 -47.65
N ARG D 64 17.64 3.49 -43.06
CA ARG D 64 17.27 3.05 -41.72
C ARG D 64 15.98 2.23 -41.77
N GLY D 65 15.61 1.66 -40.62
CA GLY D 65 14.48 0.76 -40.56
C GLY D 65 13.17 1.43 -40.94
N ILE D 66 12.21 0.58 -41.32
CA ILE D 66 10.90 1.10 -41.73
C ILE D 66 10.27 1.91 -40.61
N VAL D 67 10.40 1.45 -39.37
CA VAL D 67 9.84 2.20 -38.25
C VAL D 67 10.45 3.59 -38.19
N GLU D 68 11.75 3.70 -38.47
CA GLU D 68 12.39 5.01 -38.51
C GLU D 68 11.80 5.89 -39.61
N GLU D 69 11.08 5.32 -40.56
CA GLU D 69 10.52 6.07 -41.67
C GLU D 69 9.04 6.39 -41.49
N CYS D 70 8.23 5.44 -41.03
CA CYS D 70 6.78 5.62 -40.95
C CYS D 70 6.25 5.59 -39.52
N CYS D 71 7.11 5.64 -38.52
CA CYS D 71 6.66 5.77 -37.14
C CYS D 71 7.13 7.08 -36.53
N PHE D 72 8.43 7.34 -36.63
CA PHE D 72 9.00 8.61 -36.18
C PHE D 72 8.95 9.67 -37.26
N ARG D 73 8.13 9.48 -38.29
CA ARG D 73 8.03 10.42 -39.40
C ARG D 73 6.67 10.22 -40.07
N SER D 74 6.31 11.19 -40.92
CA SER D 74 5.11 11.04 -41.72
C SER D 74 5.34 10.01 -42.82
N CYS D 75 4.32 9.21 -43.08
CA CYS D 75 4.39 8.13 -44.04
C CYS D 75 3.38 8.35 -45.16
N ASP D 76 3.75 7.91 -46.37
CA ASP D 76 2.89 8.07 -47.54
C ASP D 76 2.89 6.77 -48.33
N LEU D 77 1.81 6.57 -49.08
CA LEU D 77 1.64 5.32 -49.83
C LEU D 77 2.80 5.09 -50.79
N ALA D 78 3.37 6.16 -51.35
CA ALA D 78 4.41 5.99 -52.37
C ALA D 78 5.60 5.19 -51.82
N LEU D 79 5.81 5.22 -50.52
CA LEU D 79 6.97 4.53 -49.93
C LEU D 79 6.63 3.12 -49.47
N LEU D 80 5.40 2.90 -48.98
CA LEU D 80 5.05 1.57 -48.48
C LEU D 80 5.14 0.53 -49.58
N GLU D 81 4.75 0.90 -50.80
CA GLU D 81 4.75 -0.08 -51.89
C GLU D 81 6.14 -0.65 -52.15
N THR D 82 7.19 0.05 -51.74
CA THR D 82 8.54 -0.48 -51.93
C THR D 82 8.80 -1.71 -51.08
N TYR D 83 7.94 -2.00 -50.10
CA TYR D 83 8.12 -3.16 -49.24
C TYR D 83 7.34 -4.38 -49.73
N CYS D 84 6.67 -4.27 -50.87
CA CYS D 84 6.03 -5.43 -51.50
C CYS D 84 6.87 -5.89 -52.68
N ALA D 85 6.77 -7.18 -52.99
CA ALA D 85 7.52 -7.77 -54.09
C ALA D 85 6.69 -7.66 -55.37
N THR D 86 7.10 -6.74 -56.25
CA THR D 86 6.38 -6.52 -57.50
C THR D 86 6.44 -7.77 -58.38
N GLY E 34 9.19 24.34 30.26
CA GLY E 34 8.67 23.69 31.45
C GLY E 34 9.67 22.74 32.09
N GLY E 35 9.14 21.76 32.81
CA GLY E 35 10.00 20.81 33.50
C GLY E 35 10.95 20.10 32.56
N GLU E 36 10.58 20.01 31.28
CA GLU E 36 11.49 19.43 30.30
C GLU E 36 12.80 20.21 30.23
N LEU E 37 12.73 21.54 30.37
CA LEU E 37 13.96 22.33 30.35
C LEU E 37 14.90 21.93 31.48
N VAL E 38 14.38 21.77 32.69
CA VAL E 38 15.23 21.37 33.81
C VAL E 38 15.77 19.97 33.59
N ASP E 39 14.91 19.04 33.17
CA ASP E 39 15.35 17.67 32.96
C ASP E 39 16.46 17.59 31.94
N THR E 40 16.27 18.26 30.79
CA THR E 40 17.28 18.19 29.74
C THR E 40 18.55 18.91 30.14
N LEU E 41 18.43 20.12 30.71
CA LEU E 41 19.62 20.89 31.06
C LEU E 41 20.43 20.19 32.14
N GLN E 42 19.77 19.48 33.06
CA GLN E 42 20.50 18.69 34.03
C GLN E 42 21.33 17.62 33.35
N PHE E 43 20.77 17.01 32.32
CA PHE E 43 21.48 15.98 31.57
C PHE E 43 22.75 16.54 30.97
N VAL E 44 22.66 17.74 30.39
CA VAL E 44 23.81 18.35 29.73
C VAL E 44 24.91 18.62 30.73
N CYS E 45 24.57 19.19 31.88
CA CYS E 45 25.58 19.56 32.87
C CYS E 45 26.16 18.35 33.59
N GLY E 46 25.33 17.34 33.88
CA GLY E 46 25.81 16.18 34.59
C GLY E 46 26.40 16.53 35.94
N ASP E 47 27.62 16.06 36.21
CA ASP E 47 28.27 16.36 37.47
C ASP E 47 28.58 17.84 37.64
N ARG E 48 28.81 18.56 36.55
CA ARG E 48 29.06 20.00 36.65
C ARG E 48 27.85 20.70 37.25
N GLY E 49 28.11 21.73 38.05
CA GLY E 49 27.03 22.51 38.60
C GLY E 49 26.61 23.63 37.67
N PHE E 50 25.41 24.15 37.93
CA PHE E 50 24.90 25.26 37.15
C PHE E 50 25.55 26.56 37.61
N ILE E 66 16.78 32.44 29.82
CA ILE E 66 16.94 31.16 29.13
C ILE E 66 15.64 30.75 28.46
N VAL E 67 14.50 30.95 29.14
CA VAL E 67 13.22 30.59 28.55
C VAL E 67 13.01 31.35 27.25
N GLU E 68 13.43 32.62 27.21
CA GLU E 68 13.33 33.38 25.97
C GLU E 68 14.19 32.78 24.86
N GLU E 69 15.14 31.91 25.20
CA GLU E 69 16.04 31.32 24.22
C GLU E 69 15.63 29.91 23.81
N CYS E 70 15.23 29.05 24.75
CA CYS E 70 14.96 27.66 24.46
C CYS E 70 13.50 27.27 24.69
N CYS E 71 12.61 28.23 24.89
CA CYS E 71 11.18 27.93 24.96
C CYS E 71 10.43 28.60 23.83
N PHE E 72 10.64 29.91 23.65
CA PHE E 72 10.06 30.65 22.54
C PHE E 72 10.94 30.60 21.30
N ARG E 73 11.89 29.66 21.25
CA ARG E 73 12.81 29.55 20.13
C ARG E 73 13.33 28.13 20.09
N SER E 74 13.97 27.78 18.97
CA SER E 74 14.63 26.50 18.86
C SER E 74 15.91 26.50 19.70
N CYS E 75 16.17 25.38 20.35
CA CYS E 75 17.30 25.23 21.26
C CYS E 75 18.23 24.14 20.76
N ASP E 76 19.53 24.33 21.00
CA ASP E 76 20.55 23.39 20.58
C ASP E 76 21.54 23.17 21.72
N LEU E 77 22.19 22.00 21.69
CA LEU E 77 23.09 21.63 22.77
C LEU E 77 24.21 22.65 22.94
N ALA E 78 24.65 23.27 21.85
CA ALA E 78 25.78 24.18 21.93
C ALA E 78 25.54 25.31 22.90
N LEU E 79 24.28 25.68 23.12
CA LEU E 79 23.95 26.80 24.00
C LEU E 79 23.68 26.36 25.44
N LEU E 80 23.09 25.18 25.63
CA LEU E 80 22.78 24.74 26.98
C LEU E 80 24.03 24.60 27.83
N GLU E 81 25.13 24.13 27.23
CA GLU E 81 26.35 23.92 27.99
C GLU E 81 26.86 25.19 28.64
N THR E 82 26.48 26.36 28.10
CA THR E 82 26.91 27.61 28.71
C THR E 82 26.30 27.83 30.09
#